data_6TY2
# 
_entry.id   6TY2 
# 
_audit_conform.dict_name       mmcif_pdbx.dic 
_audit_conform.dict_version    5.394 
_audit_conform.dict_location   http://mmcif.pdb.org/dictionaries/ascii/mmcif_pdbx.dic 
# 
loop_
_database_2.database_id 
_database_2.database_code 
_database_2.pdbx_database_accession 
_database_2.pdbx_DOI 
PDB   6TY2         pdb_00006ty2 10.2210/pdb6ty2/pdb 
WWPDB D_1292106259 ?            ?                   
# 
loop_
_pdbx_audit_revision_history.ordinal 
_pdbx_audit_revision_history.data_content_type 
_pdbx_audit_revision_history.major_revision 
_pdbx_audit_revision_history.minor_revision 
_pdbx_audit_revision_history.revision_date 
1 'Structure model' 1 0 2021-01-27 
2 'Structure model' 1 1 2022-08-24 
3 'Structure model' 1 2 2024-06-19 
# 
_pdbx_audit_revision_details.ordinal             1 
_pdbx_audit_revision_details.revision_ordinal    1 
_pdbx_audit_revision_details.data_content_type   'Structure model' 
_pdbx_audit_revision_details.provider            repository 
_pdbx_audit_revision_details.type                'Initial release' 
_pdbx_audit_revision_details.description         ? 
_pdbx_audit_revision_details.details             ? 
# 
loop_
_pdbx_audit_revision_group.ordinal 
_pdbx_audit_revision_group.revision_ordinal 
_pdbx_audit_revision_group.data_content_type 
_pdbx_audit_revision_group.group 
1 2 'Structure model' 'Database references' 
2 3 'Structure model' 'Data collection'     
# 
loop_
_pdbx_audit_revision_category.ordinal 
_pdbx_audit_revision_category.revision_ordinal 
_pdbx_audit_revision_category.data_content_type 
_pdbx_audit_revision_category.category 
1 2 'Structure model' citation        
2 2 'Structure model' citation_author 
3 2 'Structure model' database_2      
4 3 'Structure model' chem_comp_atom  
5 3 'Structure model' chem_comp_bond  
# 
loop_
_pdbx_audit_revision_item.ordinal 
_pdbx_audit_revision_item.revision_ordinal 
_pdbx_audit_revision_item.data_content_type 
_pdbx_audit_revision_item.item 
1  2 'Structure model' '_citation.country'                   
2  2 'Structure model' '_citation.id'                        
3  2 'Structure model' '_citation.journal_abbrev'            
4  2 'Structure model' '_citation.journal_id_ASTM'           
5  2 'Structure model' '_citation.journal_id_CSD'            
6  2 'Structure model' '_citation.journal_id_ISSN'           
7  2 'Structure model' '_citation.journal_volume'            
8  2 'Structure model' '_citation.page_first'                
9  2 'Structure model' '_citation.page_last'                 
10 2 'Structure model' '_citation.pdbx_database_id_DOI'      
11 2 'Structure model' '_citation.pdbx_database_id_PubMed'   
12 2 'Structure model' '_citation.title'                     
13 2 'Structure model' '_citation.year'                      
14 2 'Structure model' '_database_2.pdbx_DOI'                
15 2 'Structure model' '_database_2.pdbx_database_accession' 
# 
_pdbx_database_status.status_code                     REL 
_pdbx_database_status.status_code_sf                  REL 
_pdbx_database_status.status_code_mr                  ? 
_pdbx_database_status.entry_id                        6TY2 
_pdbx_database_status.recvd_initial_deposition_date   2020-01-15 
_pdbx_database_status.SG_entry                        N 
_pdbx_database_status.deposit_site                    PDBE 
_pdbx_database_status.process_site                    PDBE 
_pdbx_database_status.status_code_cs                  ? 
_pdbx_database_status.status_code_nmr_data            ? 
_pdbx_database_status.methods_development_category    ? 
_pdbx_database_status.pdb_format_compatible           Y 
# 
loop_
_audit_author.name 
_audit_author.pdbx_ordinal 
_audit_author.identifier_ORCID 
'Vignols, F.' 1 0000-0002-2031-0407 
'Hoh, F.'     2 0000-0002-2905-7081 
# 
loop_
_citation.abstract 
_citation.abstract_id_CAS 
_citation.book_id_ISBN 
_citation.book_publisher 
_citation.book_publisher_city 
_citation.book_title 
_citation.coordinate_linkage 
_citation.country 
_citation.database_id_Medline 
_citation.details 
_citation.id 
_citation.journal_abbrev 
_citation.journal_id_ASTM 
_citation.journal_id_CSD 
_citation.journal_id_ISSN 
_citation.journal_full 
_citation.journal_issue 
_citation.journal_volume 
_citation.language 
_citation.page_first 
_citation.page_last 
_citation.title 
_citation.year 
_citation.database_id_CSD 
_citation.pdbx_database_id_DOI 
_citation.pdbx_database_id_PubMed 
_citation.unpublished_flag 
? ? ? ? ? ? ? UK ? ? primary J.Mol.Biol.         JMOBAK 0070 1089-8638 ? ? 434 ? 167715 167715 
'A Flexible and Original Architecture of Two Unrelated Zinc Fingers Underlies the Role of the Multitask P1 in RYMV Spread.' 2022 ? 
10.1016/j.jmb.2022.167715  35798161 ? 
? ? ? ? ? ? ? UK ? ? 1       'J. Mol. Biol.'     JMOBAK 0070 1089-8638 ? ? 425 ? 2423   2435   
'The RYMV-encoded viral suppressor of RNA silencing P1 is a zinc-binding protein with redox-dependent flexibility.'         2013 ? 
10.1016/j.jmb.2013.03.028  ?        ? 
? ? ? ? ? ? ? NE ? ? 2       'Biomol NMR Assign' ?      ?    1874-270X ? ? 13  ? 345    348    
'NMR chemical shift backbone assignment of the viral protein P1 encoded by the African Rice Yellow Mottle Virus.'           2019 ? 
10.1007/s12104-019-09903-z ?        ? 
# 
loop_
_citation_author.citation_id 
_citation_author.name 
_citation_author.ordinal 
_citation_author.identifier_ORCID 
primary 'Poignavent, V.'          1  ? 
primary 'Hoh, F.'                 2  ? 
primary 'Terral, G.'              3  ? 
primary 'Yang, Y.'                4  ? 
primary 'Gillet, F.X.'            5  ? 
primary 'Kim, J.H.'               6  ? 
primary 'Allemand, F.'            7  ? 
primary 'Lacombe, E.'             8  ? 
primary 'Brugidou, C.'            9  ? 
primary 'Cianferani, S.'          10 ? 
primary 'Demene, H.'              11 ? 
primary 'Vignols, F.'             12 ? 
1       'Gillet, F.X.'            13 ? 
1       'Cattoni, D.I.'           14 ? 
1       'Petiot-Becard, S.'       15 ? 
1       'Delalande, F.'           16 ? 
1       'Poignavent, V.'          17 ? 
1       'Brizard, J.P.'           18 ? 
1       'Bessin, Y.'              19 ? 
1       'Dorsselaer, A.V.'        20 ? 
1       'Declerck, N.'            21 ? 
1       'Sanglier-Cianferani, S.' 22 ? 
1       'Brugidou, C.'            23 ? 
1       'Vignols, F.'             24 ? 
2       'Yang, Y.'                25 ? 
2       'Poignavent, V.'          26 ? 
2       'Gillet, F.X.'            27 ? 
2       'Vignols, F.'             28 ? 
2       'Demene, H.'              29 ? 
# 
loop_
_entity.id 
_entity.type 
_entity.src_method 
_entity.pdbx_description 
_entity.formula_weight 
_entity.pdbx_number_of_molecules 
_entity.pdbx_ec 
_entity.pdbx_mutation 
_entity.pdbx_fragment 
_entity.details 
1 polymer     man p1         6435.082 2  ? ? ? ? 
2 non-polymer syn 'ZINC ION' 65.409   2  ? ? ? ? 
3 water       nat water      18.015   48 ? ? ? ? 
# 
_entity_poly.entity_id                      1 
_entity_poly.type                           'polypeptide(L)' 
_entity_poly.nstd_linkage                   no 
_entity_poly.nstd_monomer                   no 
_entity_poly.pdbx_seq_one_letter_code       DDEIDREHQERNAEISACNARALSEGRPASLVYLSRDACDIPEHSGRCRFVKYLNF 
_entity_poly.pdbx_seq_one_letter_code_can   DDEIDREHQERNAEISACNARALSEGRPASLVYLSRDACDIPEHSGRCRFVKYLNF 
_entity_poly.pdbx_strand_id                 A,B 
_entity_poly.pdbx_target_identifier         ? 
# 
loop_
_pdbx_entity_nonpoly.entity_id 
_pdbx_entity_nonpoly.name 
_pdbx_entity_nonpoly.comp_id 
2 'ZINC ION' ZN  
3 water      HOH 
# 
loop_
_entity_poly_seq.entity_id 
_entity_poly_seq.num 
_entity_poly_seq.mon_id 
_entity_poly_seq.hetero 
1 1  ASP n 
1 2  ASP n 
1 3  GLU n 
1 4  ILE n 
1 5  ASP n 
1 6  ARG n 
1 7  GLU n 
1 8  HIS n 
1 9  GLN n 
1 10 GLU n 
1 11 ARG n 
1 12 ASN n 
1 13 ALA n 
1 14 GLU n 
1 15 ILE n 
1 16 SER n 
1 17 ALA n 
1 18 CYS n 
1 19 ASN n 
1 20 ALA n 
1 21 ARG n 
1 22 ALA n 
1 23 LEU n 
1 24 SER n 
1 25 GLU n 
1 26 GLY n 
1 27 ARG n 
1 28 PRO n 
1 29 ALA n 
1 30 SER n 
1 31 LEU n 
1 32 VAL n 
1 33 TYR n 
1 34 LEU n 
1 35 SER n 
1 36 ARG n 
1 37 ASP n 
1 38 ALA n 
1 39 CYS n 
1 40 ASP n 
1 41 ILE n 
1 42 PRO n 
1 43 GLU n 
1 44 HIS n 
1 45 SER n 
1 46 GLY n 
1 47 ARG n 
1 48 CYS n 
1 49 ARG n 
1 50 PHE n 
1 51 VAL n 
1 52 LYS n 
1 53 TYR n 
1 54 LEU n 
1 55 ASN n 
1 56 PHE n 
# 
_entity_src_gen.entity_id                          1 
_entity_src_gen.pdbx_src_id                        1 
_entity_src_gen.pdbx_alt_source_flag               sample 
_entity_src_gen.pdbx_seq_type                      'Biological sequence' 
_entity_src_gen.pdbx_beg_seq_num                   1 
_entity_src_gen.pdbx_end_seq_num                   56 
_entity_src_gen.gene_src_common_name               ? 
_entity_src_gen.gene_src_genus                     ? 
_entity_src_gen.pdbx_gene_src_gene                 ? 
_entity_src_gen.gene_src_species                   ? 
_entity_src_gen.gene_src_strain                    ? 
_entity_src_gen.gene_src_tissue                    ? 
_entity_src_gen.gene_src_tissue_fraction           ? 
_entity_src_gen.gene_src_details                   ? 
_entity_src_gen.pdbx_gene_src_fragment             ? 
_entity_src_gen.pdbx_gene_src_scientific_name      'Rice yellow mottle virus' 
_entity_src_gen.pdbx_gene_src_ncbi_taxonomy_id     31744 
_entity_src_gen.pdbx_gene_src_variant              ? 
_entity_src_gen.pdbx_gene_src_cell_line            ? 
_entity_src_gen.pdbx_gene_src_atcc                 ? 
_entity_src_gen.pdbx_gene_src_organ                ? 
_entity_src_gen.pdbx_gene_src_organelle            ? 
_entity_src_gen.pdbx_gene_src_cell                 ? 
_entity_src_gen.pdbx_gene_src_cellular_location    ? 
_entity_src_gen.host_org_common_name               ? 
_entity_src_gen.pdbx_host_org_scientific_name      'Escherichia coli' 
_entity_src_gen.pdbx_host_org_ncbi_taxonomy_id     562 
_entity_src_gen.host_org_genus                     ? 
_entity_src_gen.pdbx_host_org_gene                 ? 
_entity_src_gen.pdbx_host_org_organ                ? 
_entity_src_gen.host_org_species                   ? 
_entity_src_gen.pdbx_host_org_tissue               ? 
_entity_src_gen.pdbx_host_org_tissue_fraction      ? 
_entity_src_gen.pdbx_host_org_strain               ? 
_entity_src_gen.pdbx_host_org_variant              ? 
_entity_src_gen.pdbx_host_org_cell_line            ? 
_entity_src_gen.pdbx_host_org_atcc                 ? 
_entity_src_gen.pdbx_host_org_culture_collection   ? 
_entity_src_gen.pdbx_host_org_cell                 ? 
_entity_src_gen.pdbx_host_org_organelle            ? 
_entity_src_gen.pdbx_host_org_cellular_location    ? 
_entity_src_gen.pdbx_host_org_vector_type          ? 
_entity_src_gen.pdbx_host_org_vector               ? 
_entity_src_gen.host_org_details                   ? 
_entity_src_gen.expression_system_id               ? 
_entity_src_gen.plasmid_name                       ? 
_entity_src_gen.plasmid_details                    ? 
_entity_src_gen.pdbx_description                   ? 
# 
loop_
_chem_comp.id 
_chem_comp.type 
_chem_comp.mon_nstd_flag 
_chem_comp.name 
_chem_comp.pdbx_synonyms 
_chem_comp.formula 
_chem_comp.formula_weight 
ALA 'L-peptide linking' y ALANINE         ? 'C3 H7 N O2'     89.093  
ARG 'L-peptide linking' y ARGININE        ? 'C6 H15 N4 O2 1' 175.209 
ASN 'L-peptide linking' y ASPARAGINE      ? 'C4 H8 N2 O3'    132.118 
ASP 'L-peptide linking' y 'ASPARTIC ACID' ? 'C4 H7 N O4'     133.103 
CYS 'L-peptide linking' y CYSTEINE        ? 'C3 H7 N O2 S'   121.158 
GLN 'L-peptide linking' y GLUTAMINE       ? 'C5 H10 N2 O3'   146.144 
GLU 'L-peptide linking' y 'GLUTAMIC ACID' ? 'C5 H9 N O4'     147.129 
GLY 'peptide linking'   y GLYCINE         ? 'C2 H5 N O2'     75.067  
HIS 'L-peptide linking' y HISTIDINE       ? 'C6 H10 N3 O2 1' 156.162 
HOH non-polymer         . WATER           ? 'H2 O'           18.015  
ILE 'L-peptide linking' y ISOLEUCINE      ? 'C6 H13 N O2'    131.173 
LEU 'L-peptide linking' y LEUCINE         ? 'C6 H13 N O2'    131.173 
LYS 'L-peptide linking' y LYSINE          ? 'C6 H15 N2 O2 1' 147.195 
PHE 'L-peptide linking' y PHENYLALANINE   ? 'C9 H11 N O2'    165.189 
PRO 'L-peptide linking' y PROLINE         ? 'C5 H9 N O2'     115.130 
SER 'L-peptide linking' y SERINE          ? 'C3 H7 N O3'     105.093 
TYR 'L-peptide linking' y TYROSINE        ? 'C9 H11 N O3'    181.189 
VAL 'L-peptide linking' y VALINE          ? 'C5 H11 N O2'    117.146 
ZN  non-polymer         . 'ZINC ION'      ? 'Zn 2'           65.409  
# 
loop_
_pdbx_poly_seq_scheme.asym_id 
_pdbx_poly_seq_scheme.entity_id 
_pdbx_poly_seq_scheme.seq_id 
_pdbx_poly_seq_scheme.mon_id 
_pdbx_poly_seq_scheme.ndb_seq_num 
_pdbx_poly_seq_scheme.pdb_seq_num 
_pdbx_poly_seq_scheme.auth_seq_num 
_pdbx_poly_seq_scheme.pdb_mon_id 
_pdbx_poly_seq_scheme.auth_mon_id 
_pdbx_poly_seq_scheme.pdb_strand_id 
_pdbx_poly_seq_scheme.pdb_ins_code 
_pdbx_poly_seq_scheme.hetero 
A 1 1  ASP 1  1  ?  ?   ?   A . n 
A 1 2  ASP 2  2  2  ASP ASP A . n 
A 1 3  GLU 3  3  3  GLU GLU A . n 
A 1 4  ILE 4  4  4  ILE ILE A . n 
A 1 5  ASP 5  5  5  ASP ASP A . n 
A 1 6  ARG 6  6  6  ARG ARG A . n 
A 1 7  GLU 7  7  7  GLU GLU A . n 
A 1 8  HIS 8  8  8  HIS HIS A . n 
A 1 9  GLN 9  9  9  GLN GLN A . n 
A 1 10 GLU 10 10 10 GLU GLU A . n 
A 1 11 ARG 11 11 11 ARG ARG A . n 
A 1 12 ASN 12 12 12 ASN ASN A . n 
A 1 13 ALA 13 13 13 ALA ALA A . n 
A 1 14 GLU 14 14 14 GLU GLU A . n 
A 1 15 ILE 15 15 15 ILE ILE A . n 
A 1 16 SER 16 16 16 SER SER A . n 
A 1 17 ALA 17 17 17 ALA ALA A . n 
A 1 18 CYS 18 18 18 CYS CYS A . n 
A 1 19 ASN 19 19 19 ASN ASN A . n 
A 1 20 ALA 20 20 20 ALA ALA A . n 
A 1 21 ARG 21 21 21 ARG ARG A . n 
A 1 22 ALA 22 22 22 ALA ALA A . n 
A 1 23 LEU 23 23 23 LEU LEU A . n 
A 1 24 SER 24 24 24 SER SER A . n 
A 1 25 GLU 25 25 25 GLU GLU A . n 
A 1 26 GLY 26 26 26 GLY GLY A . n 
A 1 27 ARG 27 27 27 ARG ARG A . n 
A 1 28 PRO 28 28 28 PRO PRO A . n 
A 1 29 ALA 29 29 29 ALA ALA A . n 
A 1 30 SER 30 30 30 SER SER A . n 
A 1 31 LEU 31 31 31 LEU LEU A . n 
A 1 32 VAL 32 32 32 VAL VAL A . n 
A 1 33 TYR 33 33 33 TYR TYR A . n 
A 1 34 LEU 34 34 34 LEU LEU A . n 
A 1 35 SER 35 35 35 SER SER A . n 
A 1 36 ARG 36 36 36 ARG ARG A . n 
A 1 37 ASP 37 37 37 ASP ASP A . n 
A 1 38 ALA 38 38 38 ALA ALA A . n 
A 1 39 CYS 39 39 39 CYS CYS A . n 
A 1 40 ASP 40 40 40 ASP ASP A . n 
A 1 41 ILE 41 41 41 ILE ILE A . n 
A 1 42 PRO 42 42 42 PRO PRO A . n 
A 1 43 GLU 43 43 43 GLU GLU A . n 
A 1 44 HIS 44 44 44 HIS HIS A . n 
A 1 45 SER 45 45 45 SER SER A . n 
A 1 46 GLY 46 46 46 GLY GLY A . n 
A 1 47 ARG 47 47 47 ARG ARG A . n 
A 1 48 CYS 48 48 48 CYS CYS A . n 
A 1 49 ARG 49 49 49 ARG ARG A . n 
A 1 50 PHE 50 50 50 PHE PHE A . n 
A 1 51 VAL 51 51 51 VAL VAL A . n 
A 1 52 LYS 52 52 52 LYS LYS A . n 
A 1 53 TYR 53 53 53 TYR TYR A . n 
A 1 54 LEU 54 54 54 LEU LEU A . n 
A 1 55 ASN 55 55 55 ASN ASN A . n 
A 1 56 PHE 56 56 ?  ?   ?   A . n 
B 1 1  ASP 1  1  ?  ?   ?   B . n 
B 1 2  ASP 2  2  ?  ?   ?   B . n 
B 1 3  GLU 3  3  ?  ?   ?   B . n 
B 1 4  ILE 4  4  4  ILE ILE B . n 
B 1 5  ASP 5  5  5  ASP ASP B . n 
B 1 6  ARG 6  6  6  ARG ARG B . n 
B 1 7  GLU 7  7  7  GLU GLU B . n 
B 1 8  HIS 8  8  8  HIS HIS B . n 
B 1 9  GLN 9  9  9  GLN GLN B . n 
B 1 10 GLU 10 10 10 GLU GLU B . n 
B 1 11 ARG 11 11 11 ARG ARG B . n 
B 1 12 ASN 12 12 12 ASN ASN B . n 
B 1 13 ALA 13 13 13 ALA ALA B . n 
B 1 14 GLU 14 14 14 GLU GLU B . n 
B 1 15 ILE 15 15 15 ILE ILE B . n 
B 1 16 SER 16 16 16 SER SER B . n 
B 1 17 ALA 17 17 17 ALA ALA B . n 
B 1 18 CYS 18 18 18 CYS CYS B . n 
B 1 19 ASN 19 19 19 ASN ASN B . n 
B 1 20 ALA 20 20 20 ALA ALA B . n 
B 1 21 ARG 21 21 21 ARG ARG B . n 
B 1 22 ALA 22 22 22 ALA ALA B . n 
B 1 23 LEU 23 23 23 LEU LEU B . n 
B 1 24 SER 24 24 24 SER SER B . n 
B 1 25 GLU 25 25 25 GLU GLU B . n 
B 1 26 GLY 26 26 26 GLY GLY B . n 
B 1 27 ARG 27 27 27 ARG ARG B . n 
B 1 28 PRO 28 28 28 PRO PRO B . n 
B 1 29 ALA 29 29 29 ALA ALA B . n 
B 1 30 SER 30 30 30 SER SER B . n 
B 1 31 LEU 31 31 31 LEU LEU B . n 
B 1 32 VAL 32 32 32 VAL VAL B . n 
B 1 33 TYR 33 33 33 TYR TYR B . n 
B 1 34 LEU 34 34 34 LEU LEU B . n 
B 1 35 SER 35 35 35 SER SER B . n 
B 1 36 ARG 36 36 36 ARG ARG B . n 
B 1 37 ASP 37 37 37 ASP ASP B . n 
B 1 38 ALA 38 38 38 ALA ALA B . n 
B 1 39 CYS 39 39 39 CYS CYS B . n 
B 1 40 ASP 40 40 40 ASP ASP B . n 
B 1 41 ILE 41 41 41 ILE ILE B . n 
B 1 42 PRO 42 42 42 PRO PRO B . n 
B 1 43 GLU 43 43 43 GLU GLU B . n 
B 1 44 HIS 44 44 44 HIS HIS B . n 
B 1 45 SER 45 45 45 SER SER B . n 
B 1 46 GLY 46 46 46 GLY GLY B . n 
B 1 47 ARG 47 47 47 ARG ARG B . n 
B 1 48 CYS 48 48 48 CYS CYS B . n 
B 1 49 ARG 49 49 49 ARG ARG B . n 
B 1 50 PHE 50 50 50 PHE PHE B . n 
B 1 51 VAL 51 51 51 VAL VAL B . n 
B 1 52 LYS 52 52 52 LYS LYS B . n 
B 1 53 TYR 53 53 53 TYR TYR B . n 
B 1 54 LEU 54 54 54 LEU LEU B . n 
B 1 55 ASN 55 55 55 ASN ASN B . n 
B 1 56 PHE 56 56 56 PHE GLY B . n 
# 
loop_
_pdbx_nonpoly_scheme.asym_id 
_pdbx_nonpoly_scheme.entity_id 
_pdbx_nonpoly_scheme.mon_id 
_pdbx_nonpoly_scheme.ndb_seq_num 
_pdbx_nonpoly_scheme.pdb_seq_num 
_pdbx_nonpoly_scheme.auth_seq_num 
_pdbx_nonpoly_scheme.pdb_mon_id 
_pdbx_nonpoly_scheme.auth_mon_id 
_pdbx_nonpoly_scheme.pdb_strand_id 
_pdbx_nonpoly_scheme.pdb_ins_code 
C 2 ZN  1  101 1  ZN  ZN  A . 
D 2 ZN  1  101 2  ZN  ZN  B . 
E 3 HOH 1  201 29 HOH HOH A . 
E 3 HOH 2  202 26 HOH HOH A . 
E 3 HOH 3  203 17 HOH HOH A . 
E 3 HOH 4  204 19 HOH HOH A . 
E 3 HOH 5  205 9  HOH HOH A . 
E 3 HOH 6  206 42 HOH HOH A . 
E 3 HOH 7  207 2  HOH HOH A . 
E 3 HOH 8  208 8  HOH HOH A . 
E 3 HOH 9  209 33 HOH HOH A . 
E 3 HOH 10 210 34 HOH HOH A . 
E 3 HOH 11 211 39 HOH HOH A . 
E 3 HOH 12 212 11 HOH HOH A . 
E 3 HOH 13 213 27 HOH HOH A . 
E 3 HOH 14 214 22 HOH HOH A . 
E 3 HOH 15 215 51 HOH HOH A . 
E 3 HOH 16 216 10 HOH HOH A . 
E 3 HOH 17 217 30 HOH HOH A . 
E 3 HOH 18 218 41 HOH HOH A . 
E 3 HOH 19 219 15 HOH HOH A . 
E 3 HOH 20 220 1  HOH HOH A . 
E 3 HOH 21 221 45 HOH HOH A . 
E 3 HOH 22 222 32 HOH HOH A . 
E 3 HOH 23 223 31 HOH HOH A . 
E 3 HOH 24 224 18 HOH HOH A . 
E 3 HOH 25 225 47 HOH HOH A . 
E 3 HOH 26 226 56 HOH HOH A . 
F 3 HOH 1  201 21 HOH HOH B . 
F 3 HOH 2  202 16 HOH HOH B . 
F 3 HOH 3  203 13 HOH HOH B . 
F 3 HOH 4  204 24 HOH HOH B . 
F 3 HOH 5  205 3  HOH HOH B . 
F 3 HOH 6  206 40 HOH HOH B . 
F 3 HOH 7  207 20 HOH HOH B . 
F 3 HOH 8  208 7  HOH HOH B . 
F 3 HOH 9  209 23 HOH HOH B . 
F 3 HOH 10 210 28 HOH HOH B . 
F 3 HOH 11 211 53 HOH HOH B . 
F 3 HOH 12 212 12 HOH HOH B . 
F 3 HOH 13 213 14 HOH HOH B . 
F 3 HOH 14 214 52 HOH HOH B . 
F 3 HOH 15 215 46 HOH HOH B . 
F 3 HOH 16 216 50 HOH HOH B . 
F 3 HOH 17 217 36 HOH HOH B . 
F 3 HOH 18 218 44 HOH HOH B . 
F 3 HOH 19 219 25 HOH HOH B . 
F 3 HOH 20 220 49 HOH HOH B . 
F 3 HOH 21 221 48 HOH HOH B . 
F 3 HOH 22 222 54 HOH HOH B . 
# 
loop_
_pdbx_unobs_or_zero_occ_atoms.id 
_pdbx_unobs_or_zero_occ_atoms.PDB_model_num 
_pdbx_unobs_or_zero_occ_atoms.polymer_flag 
_pdbx_unobs_or_zero_occ_atoms.occupancy_flag 
_pdbx_unobs_or_zero_occ_atoms.auth_asym_id 
_pdbx_unobs_or_zero_occ_atoms.auth_comp_id 
_pdbx_unobs_or_zero_occ_atoms.auth_seq_id 
_pdbx_unobs_or_zero_occ_atoms.PDB_ins_code 
_pdbx_unobs_or_zero_occ_atoms.auth_atom_id 
_pdbx_unobs_or_zero_occ_atoms.label_alt_id 
_pdbx_unobs_or_zero_occ_atoms.label_asym_id 
_pdbx_unobs_or_zero_occ_atoms.label_comp_id 
_pdbx_unobs_or_zero_occ_atoms.label_seq_id 
_pdbx_unobs_or_zero_occ_atoms.label_atom_id 
1 1 Y 1 B PHE 56 ? CB  ? B PHE 56 CB  
2 1 Y 1 B PHE 56 ? CG  ? B PHE 56 CG  
3 1 Y 1 B PHE 56 ? CD1 ? B PHE 56 CD1 
4 1 Y 1 B PHE 56 ? CD2 ? B PHE 56 CD2 
5 1 Y 1 B PHE 56 ? CE1 ? B PHE 56 CE1 
6 1 Y 1 B PHE 56 ? CE2 ? B PHE 56 CE2 
7 1 Y 1 B PHE 56 ? CZ  ? B PHE 56 CZ  
# 
loop_
_software.citation_id 
_software.classification 
_software.compiler_name 
_software.compiler_version 
_software.contact_author 
_software.contact_author_email 
_software.date 
_software.description 
_software.dependencies 
_software.hardware 
_software.language 
_software.location 
_software.mods 
_software.name 
_software.os 
_software.os_version 
_software.type 
_software.version 
_software.pdbx_ordinal 
? refinement       ? ? ? ? ? ? ? ? ? ? ? PHENIX ? ? ? 1.8.4_1496 1 
? 'data reduction' ? ? ? ? ? ? ? ? ? ? ? XDS    ? ? ? .          2 
? 'data scaling'   ? ? ? ? ? ? ? ? ? ? ? SCALA  ? ? ? 3.3.21     3 
? phasing          ? ? ? ? ? ? ? ? ? ? ? PHENIX ? ? ? .          4 
# 
_cell.angle_alpha                  90.00 
_cell.angle_alpha_esd              ? 
_cell.angle_beta                   101.10 
_cell.angle_beta_esd               ? 
_cell.angle_gamma                  90.00 
_cell.angle_gamma_esd              ? 
_cell.entry_id                     6TY2 
_cell.details                      ? 
_cell.formula_units_Z              ? 
_cell.length_a                     38.081 
_cell.length_a_esd                 ? 
_cell.length_b                     31.188 
_cell.length_b_esd                 ? 
_cell.length_c                     41.980 
_cell.length_c_esd                 ? 
_cell.volume                       ? 
_cell.volume_esd                   ? 
_cell.Z_PDB                        4 
_cell.reciprocal_angle_alpha       ? 
_cell.reciprocal_angle_beta        ? 
_cell.reciprocal_angle_gamma       ? 
_cell.reciprocal_angle_alpha_esd   ? 
_cell.reciprocal_angle_beta_esd    ? 
_cell.reciprocal_angle_gamma_esd   ? 
_cell.reciprocal_length_a          ? 
_cell.reciprocal_length_b          ? 
_cell.reciprocal_length_c          ? 
_cell.reciprocal_length_a_esd      ? 
_cell.reciprocal_length_b_esd      ? 
_cell.reciprocal_length_c_esd      ? 
_cell.pdbx_unique_axis             ? 
# 
_symmetry.entry_id                         6TY2 
_symmetry.cell_setting                     ? 
_symmetry.Int_Tables_number                4 
_symmetry.space_group_name_Hall            ? 
_symmetry.space_group_name_H-M             'P 1 21 1' 
_symmetry.pdbx_full_space_group_name_H-M   ? 
# 
_exptl.absorpt_coefficient_mu     ? 
_exptl.absorpt_correction_T_max   ? 
_exptl.absorpt_correction_T_min   ? 
_exptl.absorpt_correction_type    ? 
_exptl.absorpt_process_details    ? 
_exptl.entry_id                   6TY2 
_exptl.crystals_number            1 
_exptl.details                    ? 
_exptl.method                     'X-RAY DIFFRACTION' 
_exptl.method_details             ? 
# 
_exptl_crystal.colour                      ? 
_exptl_crystal.density_diffrn              ? 
_exptl_crystal.density_Matthews            2.01 
_exptl_crystal.density_method              ? 
_exptl_crystal.density_percent_sol         38.87 
_exptl_crystal.description                 ? 
_exptl_crystal.F_000                       ? 
_exptl_crystal.id                          1 
_exptl_crystal.preparation                 ? 
_exptl_crystal.size_max                    ? 
_exptl_crystal.size_mid                    ? 
_exptl_crystal.size_min                    ? 
_exptl_crystal.size_rad                    ? 
_exptl_crystal.colour_lustre               ? 
_exptl_crystal.colour_modifier             ? 
_exptl_crystal.colour_primary              ? 
_exptl_crystal.density_meas                ? 
_exptl_crystal.density_meas_esd            ? 
_exptl_crystal.density_meas_gt             ? 
_exptl_crystal.density_meas_lt             ? 
_exptl_crystal.density_meas_temp           ? 
_exptl_crystal.density_meas_temp_esd       ? 
_exptl_crystal.density_meas_temp_gt        ? 
_exptl_crystal.density_meas_temp_lt        ? 
_exptl_crystal.pdbx_crystal_image_url      ? 
_exptl_crystal.pdbx_crystal_image_format   ? 
_exptl_crystal.pdbx_mosaicity              ? 
_exptl_crystal.pdbx_mosaicity_esd          ? 
# 
_exptl_crystal_grow.apparatus       ? 
_exptl_crystal_grow.atmosphere      ? 
_exptl_crystal_grow.crystal_id      1 
_exptl_crystal_grow.details         ? 
_exptl_crystal_grow.method          'VAPOR DIFFUSION, SITTING DROP' 
_exptl_crystal_grow.method_ref      ? 
_exptl_crystal_grow.pH              ? 
_exptl_crystal_grow.pressure        ? 
_exptl_crystal_grow.pressure_esd    ? 
_exptl_crystal_grow.seeding         ? 
_exptl_crystal_grow.seeding_ref     ? 
_exptl_crystal_grow.temp            293 
_exptl_crystal_grow.temp_details    ? 
_exptl_crystal_grow.temp_esd        ? 
_exptl_crystal_grow.time            ? 
_exptl_crystal_grow.pdbx_details    '0.1 M tri-Sodium citrate pH 5.6, 20 %(v/v) Isopropanol and 20 %(w/v) PEG 4000.' 
_exptl_crystal_grow.pdbx_pH_range   ? 
# 
_diffrn.ambient_environment              ? 
_diffrn.ambient_temp                     100 
_diffrn.ambient_temp_details             ? 
_diffrn.ambient_temp_esd                 ? 
_diffrn.crystal_id                       1 
_diffrn.crystal_support                  ? 
_diffrn.crystal_treatment                ? 
_diffrn.details                          ? 
_diffrn.id                               1 
_diffrn.ambient_pressure                 ? 
_diffrn.ambient_pressure_esd             ? 
_diffrn.ambient_pressure_gt              ? 
_diffrn.ambient_pressure_lt              ? 
_diffrn.ambient_temp_gt                  ? 
_diffrn.ambient_temp_lt                  ? 
_diffrn.pdbx_serial_crystal_experiment   N 
# 
_diffrn_detector.details                      ? 
_diffrn_detector.detector                     PIXEL 
_diffrn_detector.diffrn_id                    1 
_diffrn_detector.type                         'DECTRIS PILATUS 6M' 
_diffrn_detector.area_resol_mean              ? 
_diffrn_detector.dtime                        ? 
_diffrn_detector.pdbx_frames_total            ? 
_diffrn_detector.pdbx_collection_time_total   ? 
_diffrn_detector.pdbx_collection_date         2013-07-01 
_diffrn_detector.pdbx_frequency               ? 
# 
_diffrn_radiation.collimation                      ? 
_diffrn_radiation.diffrn_id                        1 
_diffrn_radiation.filter_edge                      ? 
_diffrn_radiation.inhomogeneity                    ? 
_diffrn_radiation.monochromator                    ? 
_diffrn_radiation.polarisn_norm                    ? 
_diffrn_radiation.polarisn_ratio                   ? 
_diffrn_radiation.probe                            ? 
_diffrn_radiation.type                             ? 
_diffrn_radiation.xray_symbol                      ? 
_diffrn_radiation.wavelength_id                    1 
_diffrn_radiation.pdbx_monochromatic_or_laue_m_l   M 
_diffrn_radiation.pdbx_wavelength_list             ? 
_diffrn_radiation.pdbx_wavelength                  ? 
_diffrn_radiation.pdbx_diffrn_protocol             'SINGLE WAVELENGTH' 
_diffrn_radiation.pdbx_analyzer                    ? 
_diffrn_radiation.pdbx_scattering_type             x-ray 
# 
_diffrn_radiation_wavelength.id           1 
_diffrn_radiation_wavelength.wavelength   1.253 
_diffrn_radiation_wavelength.wt           1.0 
# 
_diffrn_source.current                     ? 
_diffrn_source.details                     ? 
_diffrn_source.diffrn_id                   1 
_diffrn_source.power                       ? 
_diffrn_source.size                        ? 
_diffrn_source.source                      SYNCHROTRON 
_diffrn_source.target                      ? 
_diffrn_source.type                        'ESRF BEAMLINE ID23-1' 
_diffrn_source.voltage                     ? 
_diffrn_source.take-off_angle              ? 
_diffrn_source.pdbx_wavelength_list        1.253 
_diffrn_source.pdbx_wavelength             ? 
_diffrn_source.pdbx_synchrotron_beamline   ID23-1 
_diffrn_source.pdbx_synchrotron_site       ESRF 
# 
_reflns.B_iso_Wilson_estimate            ? 
_reflns.entry_id                         6TY2 
_reflns.data_reduction_details           ? 
_reflns.data_reduction_method            ? 
_reflns.d_resolution_high                1.68 
_reflns.d_resolution_low                 41.29 
_reflns.details                          ? 
_reflns.limit_h_max                      ? 
_reflns.limit_h_min                      ? 
_reflns.limit_k_max                      ? 
_reflns.limit_k_min                      ? 
_reflns.limit_l_max                      ? 
_reflns.limit_l_min                      ? 
_reflns.number_all                       ? 
_reflns.number_obs                       11192 
_reflns.observed_criterion               ? 
_reflns.observed_criterion_F_max         ? 
_reflns.observed_criterion_F_min         ? 
_reflns.observed_criterion_I_max         ? 
_reflns.observed_criterion_I_min         ? 
_reflns.observed_criterion_sigma_F       ? 
_reflns.observed_criterion_sigma_I       ? 
_reflns.percent_possible_obs             99 
_reflns.R_free_details                   ? 
_reflns.Rmerge_F_all                     ? 
_reflns.Rmerge_F_obs                     ? 
_reflns.Friedel_coverage                 ? 
_reflns.number_gt                        ? 
_reflns.threshold_expression             ? 
_reflns.pdbx_redundancy                  7 
_reflns.pdbx_Rmerge_I_obs                0.01 
_reflns.pdbx_Rmerge_I_all                ? 
_reflns.pdbx_Rsym_value                  ? 
_reflns.pdbx_netI_over_av_sigmaI         ? 
_reflns.pdbx_netI_over_sigmaI            7 
_reflns.pdbx_res_netI_over_av_sigmaI_2   ? 
_reflns.pdbx_res_netI_over_sigmaI_2      ? 
_reflns.pdbx_chi_squared                 ? 
_reflns.pdbx_scaling_rejects             ? 
_reflns.pdbx_d_res_high_opt              ? 
_reflns.pdbx_d_res_low_opt               ? 
_reflns.pdbx_d_res_opt_method            ? 
_reflns.phase_calculation_details        ? 
_reflns.pdbx_Rrim_I_all                  0.015 
_reflns.pdbx_Rpim_I_all                  ? 
_reflns.pdbx_d_opt                       ? 
_reflns.pdbx_number_measured_all         ? 
_reflns.pdbx_diffrn_id                   1 
_reflns.pdbx_ordinal                     1 
_reflns.pdbx_CC_half                     1.0 
_reflns.pdbx_CC_star                     0.08 
_reflns.pdbx_R_split                     ? 
# 
_reflns_shell.d_res_high                  1.68 
_reflns_shell.d_res_low                   1.77 
_reflns_shell.meanI_over_sigI_all         ? 
_reflns_shell.meanI_over_sigI_obs         1.3 
_reflns_shell.number_measured_all         ? 
_reflns_shell.number_measured_obs         ? 
_reflns_shell.number_possible             ? 
_reflns_shell.number_unique_all           ? 
_reflns_shell.number_unique_obs           1535 
_reflns_shell.percent_possible_all        95 
_reflns_shell.percent_possible_obs        ? 
_reflns_shell.Rmerge_F_all                ? 
_reflns_shell.Rmerge_F_obs                ? 
_reflns_shell.Rmerge_I_all                ? 
_reflns_shell.Rmerge_I_obs                0.9 
_reflns_shell.meanI_over_sigI_gt          ? 
_reflns_shell.meanI_over_uI_all           ? 
_reflns_shell.meanI_over_uI_gt            ? 
_reflns_shell.number_measured_gt          ? 
_reflns_shell.number_unique_gt            ? 
_reflns_shell.percent_possible_gt         ? 
_reflns_shell.Rmerge_F_gt                 ? 
_reflns_shell.Rmerge_I_gt                 ? 
_reflns_shell.pdbx_redundancy             3 
_reflns_shell.pdbx_Rsym_value             ? 
_reflns_shell.pdbx_chi_squared            ? 
_reflns_shell.pdbx_netI_over_sigmaI_all   ? 
_reflns_shell.pdbx_netI_over_sigmaI_obs   ? 
_reflns_shell.pdbx_Rrim_I_all             ? 
_reflns_shell.pdbx_Rpim_I_all             0.6 
_reflns_shell.pdbx_rejects                ? 
_reflns_shell.pdbx_ordinal                1 
_reflns_shell.pdbx_diffrn_id              1 
_reflns_shell.pdbx_CC_half                ? 
_reflns_shell.pdbx_CC_star                ? 
_reflns_shell.pdbx_R_split                ? 
# 
_refine.aniso_B[1][1]                            ? 
_refine.aniso_B[1][2]                            ? 
_refine.aniso_B[1][3]                            ? 
_refine.aniso_B[2][2]                            ? 
_refine.aniso_B[2][3]                            ? 
_refine.aniso_B[3][3]                            ? 
_refine.B_iso_max                                ? 
_refine.B_iso_mean                               ? 
_refine.B_iso_min                                ? 
_refine.correlation_coeff_Fo_to_Fc               ? 
_refine.correlation_coeff_Fo_to_Fc_free          ? 
_refine.details                                  ? 
_refine.diff_density_max                         ? 
_refine.diff_density_max_esd                     ? 
_refine.diff_density_min                         ? 
_refine.diff_density_min_esd                     ? 
_refine.diff_density_rms                         ? 
_refine.diff_density_rms_esd                     ? 
_refine.entry_id                                 6TY2 
_refine.pdbx_refine_id                           'X-RAY DIFFRACTION' 
_refine.ls_abs_structure_details                 ? 
_refine.ls_abs_structure_Flack                   ? 
_refine.ls_abs_structure_Flack_esd               ? 
_refine.ls_abs_structure_Rogers                  ? 
_refine.ls_abs_structure_Rogers_esd              ? 
_refine.ls_d_res_high                            1.980 
_refine.ls_d_res_low                             37.368 
_refine.ls_extinction_coef                       ? 
_refine.ls_extinction_coef_esd                   ? 
_refine.ls_extinction_expression                 ? 
_refine.ls_extinction_method                     ? 
_refine.ls_goodness_of_fit_all                   ? 
_refine.ls_goodness_of_fit_all_esd               ? 
_refine.ls_goodness_of_fit_obs                   ? 
_refine.ls_goodness_of_fit_obs_esd               ? 
_refine.ls_hydrogen_treatment                    ? 
_refine.ls_matrix_type                           ? 
_refine.ls_number_constraints                    ? 
_refine.ls_number_parameters                     ? 
_refine.ls_number_reflns_all                     ? 
_refine.ls_number_reflns_obs                     6835 
_refine.ls_number_reflns_R_free                  344 
_refine.ls_number_reflns_R_work                  ? 
_refine.ls_number_restraints                     ? 
_refine.ls_percent_reflns_obs                    98.91 
_refine.ls_percent_reflns_R_free                 5.03 
_refine.ls_R_factor_all                          ? 
_refine.ls_R_factor_obs                          0.1953 
_refine.ls_R_factor_R_free                       0.2267 
_refine.ls_R_factor_R_free_error                 ? 
_refine.ls_R_factor_R_free_error_details         ? 
_refine.ls_R_factor_R_work                       0.1935 
_refine.ls_R_Fsqd_factor_obs                     ? 
_refine.ls_R_I_factor_obs                        ? 
_refine.ls_redundancy_reflns_all                 ? 
_refine.ls_redundancy_reflns_obs                 ? 
_refine.ls_restrained_S_all                      ? 
_refine.ls_restrained_S_obs                      ? 
_refine.ls_shift_over_esd_max                    ? 
_refine.ls_shift_over_esd_mean                   ? 
_refine.ls_structure_factor_coef                 ? 
_refine.ls_weighting_details                     ? 
_refine.ls_weighting_scheme                      ? 
_refine.ls_wR_factor_all                         ? 
_refine.ls_wR_factor_obs                         ? 
_refine.ls_wR_factor_R_free                      ? 
_refine.ls_wR_factor_R_work                      ? 
_refine.occupancy_max                            ? 
_refine.occupancy_min                            ? 
_refine.solvent_model_details                    ? 
_refine.solvent_model_param_bsol                 ? 
_refine.solvent_model_param_ksol                 ? 
_refine.pdbx_R_complete                          ? 
_refine.ls_R_factor_gt                           ? 
_refine.ls_goodness_of_fit_gt                    ? 
_refine.ls_goodness_of_fit_ref                   ? 
_refine.ls_shift_over_su_max                     ? 
_refine.ls_shift_over_su_max_lt                  ? 
_refine.ls_shift_over_su_mean                    ? 
_refine.ls_shift_over_su_mean_lt                 ? 
_refine.pdbx_ls_sigma_I                          ? 
_refine.pdbx_ls_sigma_F                          1.35 
_refine.pdbx_ls_sigma_Fsqd                       ? 
_refine.pdbx_data_cutoff_high_absF               ? 
_refine.pdbx_data_cutoff_high_rms_absF           ? 
_refine.pdbx_data_cutoff_low_absF                ? 
_refine.pdbx_isotropic_thermal_model             ? 
_refine.pdbx_ls_cross_valid_method               'FREE R-VALUE' 
_refine.pdbx_method_to_determine_struct          SAD 
_refine.pdbx_starting_model                      ? 
_refine.pdbx_stereochemistry_target_values       ? 
_refine.pdbx_R_Free_selection_details            ? 
_refine.pdbx_stereochem_target_val_spec_case     ? 
_refine.pdbx_overall_ESU_R                       ? 
_refine.pdbx_overall_ESU_R_Free                  ? 
_refine.pdbx_solvent_vdw_probe_radii             1.11 
_refine.pdbx_solvent_ion_probe_radii             ? 
_refine.pdbx_solvent_shrinkage_radii             0.90 
_refine.pdbx_real_space_R                        ? 
_refine.pdbx_density_correlation                 ? 
_refine.pdbx_pd_number_of_powder_patterns        ? 
_refine.pdbx_pd_number_of_points                 ? 
_refine.pdbx_pd_meas_number_of_points            ? 
_refine.pdbx_pd_proc_ls_prof_R_factor            ? 
_refine.pdbx_pd_proc_ls_prof_wR_factor           ? 
_refine.pdbx_pd_Marquardt_correlation_coeff      ? 
_refine.pdbx_pd_Fsqrd_R_factor                   ? 
_refine.pdbx_pd_ls_matrix_band_width             ? 
_refine.pdbx_overall_phase_error                 25.26 
_refine.pdbx_overall_SU_R_free_Cruickshank_DPI   ? 
_refine.pdbx_overall_SU_R_free_Blow_DPI          ? 
_refine.pdbx_overall_SU_R_Blow_DPI               ? 
_refine.pdbx_TLS_residual_ADP_flag               ? 
_refine.pdbx_diffrn_id                           1 
_refine.overall_SU_B                             ? 
_refine.overall_SU_ML                            0.21 
_refine.overall_SU_R_Cruickshank_DPI             ? 
_refine.overall_SU_R_free                        ? 
_refine.overall_FOM_free_R_set                   ? 
_refine.overall_FOM_work_R_set                   ? 
_refine.pdbx_average_fsc_overall                 ? 
_refine.pdbx_average_fsc_work                    ? 
_refine.pdbx_average_fsc_free                    ? 
# 
_refine_hist.pdbx_refine_id                   'X-RAY DIFFRACTION' 
_refine_hist.cycle_id                         LAST 
_refine_hist.details                          ? 
_refine_hist.d_res_high                       1.980 
_refine_hist.d_res_low                        37.368 
_refine_hist.number_atoms_solvent             48 
_refine_hist.number_atoms_total               897 
_refine_hist.number_reflns_all                ? 
_refine_hist.number_reflns_obs                ? 
_refine_hist.number_reflns_R_free             ? 
_refine_hist.number_reflns_R_work             ? 
_refine_hist.R_factor_all                     ? 
_refine_hist.R_factor_obs                     ? 
_refine_hist.R_factor_R_free                  ? 
_refine_hist.R_factor_R_work                  ? 
_refine_hist.pdbx_number_residues_total       ? 
_refine_hist.pdbx_B_iso_mean_ligand           ? 
_refine_hist.pdbx_B_iso_mean_solvent          ? 
_refine_hist.pdbx_number_atoms_protein        847 
_refine_hist.pdbx_number_atoms_nucleic_acid   0 
_refine_hist.pdbx_number_atoms_ligand         2 
_refine_hist.pdbx_number_atoms_lipid          ? 
_refine_hist.pdbx_number_atoms_carb           ? 
_refine_hist.pdbx_pseudo_atom_details         ? 
# 
loop_
_refine_ls_restr.pdbx_refine_id 
_refine_ls_restr.criterion 
_refine_ls_restr.dev_ideal 
_refine_ls_restr.dev_ideal_target 
_refine_ls_restr.number 
_refine_ls_restr.rejects 
_refine_ls_restr.type 
_refine_ls_restr.weight 
_refine_ls_restr.pdbx_restraint_function 
'X-RAY DIFFRACTION' ? 0.007  ? 859  ? f_bond_d           ? ? 
'X-RAY DIFFRACTION' ? 1.069  ? 1154 ? f_angle_d          ? ? 
'X-RAY DIFFRACTION' ? 13.400 ? 332  ? f_dihedral_angle_d ? ? 
'X-RAY DIFFRACTION' ? 0.041  ? 120  ? f_chiral_restr     ? ? 
'X-RAY DIFFRACTION' ? 0.004  ? 159  ? f_plane_restr      ? ? 
# 
_refine_ls_shell.pdbx_refine_id                   'X-RAY DIFFRACTION' 
_refine_ls_shell.d_res_high                       1.9805 
_refine_ls_shell.d_res_low                        2.4951 
_refine_ls_shell.number_reflns_all                ? 
_refine_ls_shell.number_reflns_obs                ? 
_refine_ls_shell.number_reflns_R_free             167 
_refine_ls_shell.number_reflns_R_work             3225 
_refine_ls_shell.percent_reflns_obs               99.00 
_refine_ls_shell.percent_reflns_R_free            ? 
_refine_ls_shell.R_factor_all                     ? 
_refine_ls_shell.R_factor_obs                     ? 
_refine_ls_shell.R_factor_R_free                  0.2782 
_refine_ls_shell.R_factor_R_free_error            ? 
_refine_ls_shell.R_factor_R_work                  0.2148 
_refine_ls_shell.redundancy_reflns_all            ? 
_refine_ls_shell.redundancy_reflns_obs            ? 
_refine_ls_shell.wR_factor_all                    ? 
_refine_ls_shell.wR_factor_obs                    ? 
_refine_ls_shell.wR_factor_R_free                 ? 
_refine_ls_shell.wR_factor_R_work                 ? 
_refine_ls_shell.pdbx_R_complete                  ? 
_refine_ls_shell.pdbx_total_number_of_bins_used   ? 
_refine_ls_shell.pdbx_phase_error                 ? 
_refine_ls_shell.pdbx_fsc_work                    ? 
_refine_ls_shell.pdbx_fsc_free                    ? 
# 
_struct.entry_id                     6TY2 
_struct.title                        'CT PART CRYSTAL STRUCTURE OF THE RYMV-ENCODED VIRAL RNA SILENCING SUPPRESSOR P1' 
_struct.pdbx_model_details           ? 
_struct.pdbx_formula_weight          ? 
_struct.pdbx_formula_weight_method   ? 
_struct.pdbx_model_type_details      ? 
_struct.pdbx_CASP_flag               N 
# 
_struct_keywords.entry_id        6TY2 
_struct_keywords.text            'ZINC FINGERS, RNA SILENCING SUPPRESSOR, RNA BINDING PROTEIN' 
_struct_keywords.pdbx_keywords   'RNA BINDING PROTEIN' 
# 
loop_
_struct_asym.id 
_struct_asym.pdbx_blank_PDB_chainid_flag 
_struct_asym.pdbx_modified 
_struct_asym.entity_id 
_struct_asym.details 
A N N 1 ? 
B N N 1 ? 
C N N 2 ? 
D N N 2 ? 
E N N 3 ? 
F N N 3 ? 
# 
_struct_ref.id                         1 
_struct_ref.db_name                    UNP 
_struct_ref.db_code                    Q709H6_9VIRU 
_struct_ref.pdbx_db_accession          Q709H6 
_struct_ref.pdbx_db_isoform            ? 
_struct_ref.entity_id                  1 
_struct_ref.pdbx_seq_one_letter_code   DDEIDREHQERNAEISACNARALSEGRPASLVYLSRDACDIPEHSGRCRFVKYLNF 
_struct_ref.pdbx_align_begin           102 
# 
loop_
_struct_ref_seq.align_id 
_struct_ref_seq.ref_id 
_struct_ref_seq.pdbx_PDB_id_code 
_struct_ref_seq.pdbx_strand_id 
_struct_ref_seq.seq_align_beg 
_struct_ref_seq.pdbx_seq_align_beg_ins_code 
_struct_ref_seq.seq_align_end 
_struct_ref_seq.pdbx_seq_align_end_ins_code 
_struct_ref_seq.pdbx_db_accession 
_struct_ref_seq.db_align_beg 
_struct_ref_seq.pdbx_db_align_beg_ins_code 
_struct_ref_seq.db_align_end 
_struct_ref_seq.pdbx_db_align_end_ins_code 
_struct_ref_seq.pdbx_auth_seq_align_beg 
_struct_ref_seq.pdbx_auth_seq_align_end 
1 1 6TY2 A 1 ? 56 ? Q709H6 102 ? 157 ? 1 56 
2 1 6TY2 B 1 ? 56 ? Q709H6 102 ? 157 ? 1 56 
# 
_pdbx_struct_assembly.id                   1 
_pdbx_struct_assembly.details              author_defined_assembly 
_pdbx_struct_assembly.method_details       ? 
_pdbx_struct_assembly.oligomeric_details   dimeric 
_pdbx_struct_assembly.oligomeric_count     2 
# 
loop_
_pdbx_struct_assembly_prop.biol_id 
_pdbx_struct_assembly_prop.type 
_pdbx_struct_assembly_prop.value 
_pdbx_struct_assembly_prop.details 
1 'ABSA (A^2)' 360  ? 
1 MORE         -2   ? 
1 'SSA (A^2)'  7620 ? 
# 
_pdbx_struct_assembly_gen.assembly_id       1 
_pdbx_struct_assembly_gen.oper_expression   1 
_pdbx_struct_assembly_gen.asym_id_list      A,B,C,D,E,F 
# 
_pdbx_struct_assembly_auth_evidence.id                     1 
_pdbx_struct_assembly_auth_evidence.assembly_id            1 
_pdbx_struct_assembly_auth_evidence.experimental_support   'gel filtration' 
_pdbx_struct_assembly_auth_evidence.details                dimer 
# 
_pdbx_struct_oper_list.id                   1 
_pdbx_struct_oper_list.type                 'identity operation' 
_pdbx_struct_oper_list.name                 1_555 
_pdbx_struct_oper_list.symmetry_operation   x,y,z 
_pdbx_struct_oper_list.matrix[1][1]         1.0000000000 
_pdbx_struct_oper_list.matrix[1][2]         0.0000000000 
_pdbx_struct_oper_list.matrix[1][3]         0.0000000000 
_pdbx_struct_oper_list.vector[1]            0.0000000000 
_pdbx_struct_oper_list.matrix[2][1]         0.0000000000 
_pdbx_struct_oper_list.matrix[2][2]         1.0000000000 
_pdbx_struct_oper_list.matrix[2][3]         0.0000000000 
_pdbx_struct_oper_list.vector[2]            0.0000000000 
_pdbx_struct_oper_list.matrix[3][1]         0.0000000000 
_pdbx_struct_oper_list.matrix[3][2]         0.0000000000 
_pdbx_struct_oper_list.matrix[3][3]         1.0000000000 
_pdbx_struct_oper_list.vector[3]            0.0000000000 
# 
loop_
_struct_conf.conf_type_id 
_struct_conf.id 
_struct_conf.pdbx_PDB_helix_id 
_struct_conf.beg_label_comp_id 
_struct_conf.beg_label_asym_id 
_struct_conf.beg_label_seq_id 
_struct_conf.pdbx_beg_PDB_ins_code 
_struct_conf.end_label_comp_id 
_struct_conf.end_label_asym_id 
_struct_conf.end_label_seq_id 
_struct_conf.pdbx_end_PDB_ins_code 
_struct_conf.beg_auth_comp_id 
_struct_conf.beg_auth_asym_id 
_struct_conf.beg_auth_seq_id 
_struct_conf.end_auth_comp_id 
_struct_conf.end_auth_asym_id 
_struct_conf.end_auth_seq_id 
_struct_conf.pdbx_PDB_helix_class 
_struct_conf.details 
_struct_conf.pdbx_PDB_helix_length 
HELX_P HELX_P1 AA1 ASP A 2  ? GLU A 25 ? ASP A 2  GLU A 25 1 ? 24 
HELX_P HELX_P2 AA2 ILE A 41 ? SER A 45 ? ILE A 41 SER A 45 5 ? 5  
HELX_P HELX_P3 AA3 ASP B 5  ? GLU B 25 ? ASP B 5  GLU B 25 1 ? 21 
HELX_P HELX_P4 AA4 ILE B 41 ? SER B 45 ? ILE B 41 SER B 45 5 ? 5  
# 
_struct_conf_type.id          HELX_P 
_struct_conf_type.criteria    ? 
_struct_conf_type.reference   ? 
# 
loop_
_struct_conn.id 
_struct_conn.conn_type_id 
_struct_conn.pdbx_leaving_atom_flag 
_struct_conn.pdbx_PDB_id 
_struct_conn.ptnr1_label_asym_id 
_struct_conn.ptnr1_label_comp_id 
_struct_conn.ptnr1_label_seq_id 
_struct_conn.ptnr1_label_atom_id 
_struct_conn.pdbx_ptnr1_label_alt_id 
_struct_conn.pdbx_ptnr1_PDB_ins_code 
_struct_conn.pdbx_ptnr1_standard_comp_id 
_struct_conn.ptnr1_symmetry 
_struct_conn.ptnr2_label_asym_id 
_struct_conn.ptnr2_label_comp_id 
_struct_conn.ptnr2_label_seq_id 
_struct_conn.ptnr2_label_atom_id 
_struct_conn.pdbx_ptnr2_label_alt_id 
_struct_conn.pdbx_ptnr2_PDB_ins_code 
_struct_conn.ptnr1_auth_asym_id 
_struct_conn.ptnr1_auth_comp_id 
_struct_conn.ptnr1_auth_seq_id 
_struct_conn.ptnr2_auth_asym_id 
_struct_conn.ptnr2_auth_comp_id 
_struct_conn.ptnr2_auth_seq_id 
_struct_conn.ptnr2_symmetry 
_struct_conn.pdbx_ptnr3_label_atom_id 
_struct_conn.pdbx_ptnr3_label_seq_id 
_struct_conn.pdbx_ptnr3_label_comp_id 
_struct_conn.pdbx_ptnr3_label_asym_id 
_struct_conn.pdbx_ptnr3_label_alt_id 
_struct_conn.pdbx_ptnr3_PDB_ins_code 
_struct_conn.details 
_struct_conn.pdbx_dist_value 
_struct_conn.pdbx_value_order 
_struct_conn.pdbx_role 
metalc1 metalc ? ? A HIS 8  NE2 ? ? ? 1_555 C ZN . ZN L ? A HIS 8  A ZN 101 1_555 ? ? ? ? ? ? ? 2.050 ? ? 
metalc2 metalc ? ? A CYS 39 SG  ? ? ? 1_555 C ZN . ZN L ? A CYS 39 A ZN 101 1_555 ? ? ? ? ? ? ? 2.302 ? ? 
metalc3 metalc ? ? A HIS 44 ND1 ? ? ? 1_555 C ZN . ZN L ? A HIS 44 A ZN 101 1_555 ? ? ? ? ? ? ? 2.204 ? ? 
metalc4 metalc ? ? A CYS 48 SG  ? ? ? 1_555 C ZN . ZN L ? A CYS 48 A ZN 101 1_555 ? ? ? ? ? ? ? 2.296 ? ? 
metalc5 metalc ? ? B HIS 8  NE2 ? ? ? 1_555 D ZN . ZN L ? B HIS 8  B ZN 101 1_555 ? ? ? ? ? ? ? 2.041 ? ? 
metalc6 metalc ? ? B CYS 39 SG  ? ? ? 1_555 D ZN . ZN L ? B CYS 39 B ZN 101 1_555 ? ? ? ? ? ? ? 2.289 ? ? 
metalc7 metalc ? ? B HIS 44 ND1 ? ? ? 1_555 D ZN . ZN L ? B HIS 44 B ZN 101 1_555 ? ? ? ? ? ? ? 2.317 ? ? 
metalc8 metalc ? ? B CYS 48 SG  ? ? ? 1_555 D ZN . ZN L ? B CYS 48 B ZN 101 1_555 ? ? ? ? ? ? ? 2.359 ? ? 
# 
_struct_conn_type.id          metalc 
_struct_conn_type.criteria    ? 
_struct_conn_type.reference   ? 
# 
loop_
_pdbx_struct_conn_angle.id 
_pdbx_struct_conn_angle.ptnr1_label_atom_id 
_pdbx_struct_conn_angle.ptnr1_label_alt_id 
_pdbx_struct_conn_angle.ptnr1_label_asym_id 
_pdbx_struct_conn_angle.ptnr1_label_comp_id 
_pdbx_struct_conn_angle.ptnr1_label_seq_id 
_pdbx_struct_conn_angle.ptnr1_auth_atom_id 
_pdbx_struct_conn_angle.ptnr1_auth_asym_id 
_pdbx_struct_conn_angle.ptnr1_auth_comp_id 
_pdbx_struct_conn_angle.ptnr1_auth_seq_id 
_pdbx_struct_conn_angle.ptnr1_PDB_ins_code 
_pdbx_struct_conn_angle.ptnr1_symmetry 
_pdbx_struct_conn_angle.ptnr2_label_atom_id 
_pdbx_struct_conn_angle.ptnr2_label_alt_id 
_pdbx_struct_conn_angle.ptnr2_label_asym_id 
_pdbx_struct_conn_angle.ptnr2_label_comp_id 
_pdbx_struct_conn_angle.ptnr2_label_seq_id 
_pdbx_struct_conn_angle.ptnr2_auth_atom_id 
_pdbx_struct_conn_angle.ptnr2_auth_asym_id 
_pdbx_struct_conn_angle.ptnr2_auth_comp_id 
_pdbx_struct_conn_angle.ptnr2_auth_seq_id 
_pdbx_struct_conn_angle.ptnr2_PDB_ins_code 
_pdbx_struct_conn_angle.ptnr2_symmetry 
_pdbx_struct_conn_angle.ptnr3_label_atom_id 
_pdbx_struct_conn_angle.ptnr3_label_alt_id 
_pdbx_struct_conn_angle.ptnr3_label_asym_id 
_pdbx_struct_conn_angle.ptnr3_label_comp_id 
_pdbx_struct_conn_angle.ptnr3_label_seq_id 
_pdbx_struct_conn_angle.ptnr3_auth_atom_id 
_pdbx_struct_conn_angle.ptnr3_auth_asym_id 
_pdbx_struct_conn_angle.ptnr3_auth_comp_id 
_pdbx_struct_conn_angle.ptnr3_auth_seq_id 
_pdbx_struct_conn_angle.ptnr3_PDB_ins_code 
_pdbx_struct_conn_angle.ptnr3_symmetry 
_pdbx_struct_conn_angle.value 
_pdbx_struct_conn_angle.value_esd 
1  NE2 ? A HIS 8  ? A HIS 8  ? 1_555 ZN L C ZN . ? A ZN 101 ? 1_555 SG  ? A CYS 39 ? A CYS 39 ? 1_555 104.8 ? 
2  NE2 ? A HIS 8  ? A HIS 8  ? 1_555 ZN L C ZN . ? A ZN 101 ? 1_555 ND1 ? A HIS 44 ? A HIS 44 ? 1_555 99.5  ? 
3  SG  ? A CYS 39 ? A CYS 39 ? 1_555 ZN L C ZN . ? A ZN 101 ? 1_555 ND1 ? A HIS 44 ? A HIS 44 ? 1_555 105.5 ? 
4  NE2 ? A HIS 8  ? A HIS 8  ? 1_555 ZN L C ZN . ? A ZN 101 ? 1_555 SG  ? A CYS 48 ? A CYS 48 ? 1_555 107.7 ? 
5  SG  ? A CYS 39 ? A CYS 39 ? 1_555 ZN L C ZN . ? A ZN 101 ? 1_555 SG  ? A CYS 48 ? A CYS 48 ? 1_555 123.0 ? 
6  ND1 ? A HIS 44 ? A HIS 44 ? 1_555 ZN L C ZN . ? A ZN 101 ? 1_555 SG  ? A CYS 48 ? A CYS 48 ? 1_555 113.5 ? 
7  NE2 ? B HIS 8  ? B HIS 8  ? 1_555 ZN L D ZN . ? B ZN 101 ? 1_555 SG  ? B CYS 39 ? B CYS 39 ? 1_555 103.5 ? 
8  NE2 ? B HIS 8  ? B HIS 8  ? 1_555 ZN L D ZN . ? B ZN 101 ? 1_555 ND1 ? B HIS 44 ? B HIS 44 ? 1_555 103.0 ? 
9  SG  ? B CYS 39 ? B CYS 39 ? 1_555 ZN L D ZN . ? B ZN 101 ? 1_555 ND1 ? B HIS 44 ? B HIS 44 ? 1_555 107.7 ? 
10 NE2 ? B HIS 8  ? B HIS 8  ? 1_555 ZN L D ZN . ? B ZN 101 ? 1_555 SG  ? B CYS 48 ? B CYS 48 ? 1_555 111.1 ? 
11 SG  ? B CYS 39 ? B CYS 39 ? 1_555 ZN L D ZN . ? B ZN 101 ? 1_555 SG  ? B CYS 48 ? B CYS 48 ? 1_555 119.9 ? 
12 ND1 ? B HIS 44 ? B HIS 44 ? 1_555 ZN L D ZN . ? B ZN 101 ? 1_555 SG  ? B CYS 48 ? B CYS 48 ? 1_555 110.0 ? 
# 
loop_
_struct_site.id 
_struct_site.pdbx_evidence_code 
_struct_site.pdbx_auth_asym_id 
_struct_site.pdbx_auth_comp_id 
_struct_site.pdbx_auth_seq_id 
_struct_site.pdbx_auth_ins_code 
_struct_site.pdbx_num_residues 
_struct_site.details 
AC1 Software A ZN 101 ? 4 'binding site for residue ZN A 101' 
AC2 Software B ZN 101 ? 4 'binding site for residue ZN B 101' 
# 
loop_
_struct_site_gen.id 
_struct_site_gen.site_id 
_struct_site_gen.pdbx_num_res 
_struct_site_gen.label_comp_id 
_struct_site_gen.label_asym_id 
_struct_site_gen.label_seq_id 
_struct_site_gen.pdbx_auth_ins_code 
_struct_site_gen.auth_comp_id 
_struct_site_gen.auth_asym_id 
_struct_site_gen.auth_seq_id 
_struct_site_gen.label_atom_id 
_struct_site_gen.label_alt_id 
_struct_site_gen.symmetry 
_struct_site_gen.details 
1 AC1 4 HIS A 8  ? HIS A 8  . ? 1_555 ? 
2 AC1 4 CYS A 39 ? CYS A 39 . ? 1_555 ? 
3 AC1 4 HIS A 44 ? HIS A 44 . ? 1_555 ? 
4 AC1 4 CYS A 48 ? CYS A 48 . ? 1_555 ? 
5 AC2 4 HIS B 8  ? HIS B 8  . ? 1_555 ? 
6 AC2 4 CYS B 39 ? CYS B 39 . ? 1_555 ? 
7 AC2 4 HIS B 44 ? HIS B 44 . ? 1_555 ? 
8 AC2 4 CYS B 48 ? CYS B 48 . ? 1_555 ? 
# 
loop_
_pdbx_validate_torsion.id 
_pdbx_validate_torsion.PDB_model_num 
_pdbx_validate_torsion.auth_comp_id 
_pdbx_validate_torsion.auth_asym_id 
_pdbx_validate_torsion.auth_seq_id 
_pdbx_validate_torsion.PDB_ins_code 
_pdbx_validate_torsion.label_alt_id 
_pdbx_validate_torsion.phi 
_pdbx_validate_torsion.psi 
1 1 ALA A 38 ? ? -163.65 104.36 
2 1 ALA B 38 ? ? -161.99 104.20 
# 
_pdbx_entry_details.entry_id                 6TY2 
_pdbx_entry_details.has_ligand_of_interest   N 
_pdbx_entry_details.compound_details         ? 
_pdbx_entry_details.source_details           ? 
_pdbx_entry_details.nonpolymer_details       ? 
_pdbx_entry_details.sequence_details         ? 
# 
loop_
_pdbx_unobs_or_zero_occ_residues.id 
_pdbx_unobs_or_zero_occ_residues.PDB_model_num 
_pdbx_unobs_or_zero_occ_residues.polymer_flag 
_pdbx_unobs_or_zero_occ_residues.occupancy_flag 
_pdbx_unobs_or_zero_occ_residues.auth_asym_id 
_pdbx_unobs_or_zero_occ_residues.auth_comp_id 
_pdbx_unobs_or_zero_occ_residues.auth_seq_id 
_pdbx_unobs_or_zero_occ_residues.PDB_ins_code 
_pdbx_unobs_or_zero_occ_residues.label_asym_id 
_pdbx_unobs_or_zero_occ_residues.label_comp_id 
_pdbx_unobs_or_zero_occ_residues.label_seq_id 
1 1 Y 1 A ASP 1  ? A ASP 1  
2 1 Y 1 A PHE 56 ? A PHE 56 
3 1 Y 1 B ASP 1  ? B ASP 1  
4 1 Y 1 B ASP 2  ? B ASP 2  
5 1 Y 1 B GLU 3  ? B GLU 3  
# 
loop_
_chem_comp_atom.comp_id 
_chem_comp_atom.atom_id 
_chem_comp_atom.type_symbol 
_chem_comp_atom.pdbx_aromatic_flag 
_chem_comp_atom.pdbx_stereo_config 
_chem_comp_atom.pdbx_ordinal 
ALA N    N  N N 1   
ALA CA   C  N S 2   
ALA C    C  N N 3   
ALA O    O  N N 4   
ALA CB   C  N N 5   
ALA OXT  O  N N 6   
ALA H    H  N N 7   
ALA H2   H  N N 8   
ALA HA   H  N N 9   
ALA HB1  H  N N 10  
ALA HB2  H  N N 11  
ALA HB3  H  N N 12  
ALA HXT  H  N N 13  
ARG N    N  N N 14  
ARG CA   C  N S 15  
ARG C    C  N N 16  
ARG O    O  N N 17  
ARG CB   C  N N 18  
ARG CG   C  N N 19  
ARG CD   C  N N 20  
ARG NE   N  N N 21  
ARG CZ   C  N N 22  
ARG NH1  N  N N 23  
ARG NH2  N  N N 24  
ARG OXT  O  N N 25  
ARG H    H  N N 26  
ARG H2   H  N N 27  
ARG HA   H  N N 28  
ARG HB2  H  N N 29  
ARG HB3  H  N N 30  
ARG HG2  H  N N 31  
ARG HG3  H  N N 32  
ARG HD2  H  N N 33  
ARG HD3  H  N N 34  
ARG HE   H  N N 35  
ARG HH11 H  N N 36  
ARG HH12 H  N N 37  
ARG HH21 H  N N 38  
ARG HH22 H  N N 39  
ARG HXT  H  N N 40  
ASN N    N  N N 41  
ASN CA   C  N S 42  
ASN C    C  N N 43  
ASN O    O  N N 44  
ASN CB   C  N N 45  
ASN CG   C  N N 46  
ASN OD1  O  N N 47  
ASN ND2  N  N N 48  
ASN OXT  O  N N 49  
ASN H    H  N N 50  
ASN H2   H  N N 51  
ASN HA   H  N N 52  
ASN HB2  H  N N 53  
ASN HB3  H  N N 54  
ASN HD21 H  N N 55  
ASN HD22 H  N N 56  
ASN HXT  H  N N 57  
ASP N    N  N N 58  
ASP CA   C  N S 59  
ASP C    C  N N 60  
ASP O    O  N N 61  
ASP CB   C  N N 62  
ASP CG   C  N N 63  
ASP OD1  O  N N 64  
ASP OD2  O  N N 65  
ASP OXT  O  N N 66  
ASP H    H  N N 67  
ASP H2   H  N N 68  
ASP HA   H  N N 69  
ASP HB2  H  N N 70  
ASP HB3  H  N N 71  
ASP HD2  H  N N 72  
ASP HXT  H  N N 73  
CYS N    N  N N 74  
CYS CA   C  N R 75  
CYS C    C  N N 76  
CYS O    O  N N 77  
CYS CB   C  N N 78  
CYS SG   S  N N 79  
CYS OXT  O  N N 80  
CYS H    H  N N 81  
CYS H2   H  N N 82  
CYS HA   H  N N 83  
CYS HB2  H  N N 84  
CYS HB3  H  N N 85  
CYS HG   H  N N 86  
CYS HXT  H  N N 87  
GLN N    N  N N 88  
GLN CA   C  N S 89  
GLN C    C  N N 90  
GLN O    O  N N 91  
GLN CB   C  N N 92  
GLN CG   C  N N 93  
GLN CD   C  N N 94  
GLN OE1  O  N N 95  
GLN NE2  N  N N 96  
GLN OXT  O  N N 97  
GLN H    H  N N 98  
GLN H2   H  N N 99  
GLN HA   H  N N 100 
GLN HB2  H  N N 101 
GLN HB3  H  N N 102 
GLN HG2  H  N N 103 
GLN HG3  H  N N 104 
GLN HE21 H  N N 105 
GLN HE22 H  N N 106 
GLN HXT  H  N N 107 
GLU N    N  N N 108 
GLU CA   C  N S 109 
GLU C    C  N N 110 
GLU O    O  N N 111 
GLU CB   C  N N 112 
GLU CG   C  N N 113 
GLU CD   C  N N 114 
GLU OE1  O  N N 115 
GLU OE2  O  N N 116 
GLU OXT  O  N N 117 
GLU H    H  N N 118 
GLU H2   H  N N 119 
GLU HA   H  N N 120 
GLU HB2  H  N N 121 
GLU HB3  H  N N 122 
GLU HG2  H  N N 123 
GLU HG3  H  N N 124 
GLU HE2  H  N N 125 
GLU HXT  H  N N 126 
GLY N    N  N N 127 
GLY CA   C  N N 128 
GLY C    C  N N 129 
GLY O    O  N N 130 
GLY OXT  O  N N 131 
GLY H    H  N N 132 
GLY H2   H  N N 133 
GLY HA2  H  N N 134 
GLY HA3  H  N N 135 
GLY HXT  H  N N 136 
HIS N    N  N N 137 
HIS CA   C  N S 138 
HIS C    C  N N 139 
HIS O    O  N N 140 
HIS CB   C  N N 141 
HIS CG   C  Y N 142 
HIS ND1  N  Y N 143 
HIS CD2  C  Y N 144 
HIS CE1  C  Y N 145 
HIS NE2  N  Y N 146 
HIS OXT  O  N N 147 
HIS H    H  N N 148 
HIS H2   H  N N 149 
HIS HA   H  N N 150 
HIS HB2  H  N N 151 
HIS HB3  H  N N 152 
HIS HD1  H  N N 153 
HIS HD2  H  N N 154 
HIS HE1  H  N N 155 
HIS HE2  H  N N 156 
HIS HXT  H  N N 157 
HOH O    O  N N 158 
HOH H1   H  N N 159 
HOH H2   H  N N 160 
ILE N    N  N N 161 
ILE CA   C  N S 162 
ILE C    C  N N 163 
ILE O    O  N N 164 
ILE CB   C  N S 165 
ILE CG1  C  N N 166 
ILE CG2  C  N N 167 
ILE CD1  C  N N 168 
ILE OXT  O  N N 169 
ILE H    H  N N 170 
ILE H2   H  N N 171 
ILE HA   H  N N 172 
ILE HB   H  N N 173 
ILE HG12 H  N N 174 
ILE HG13 H  N N 175 
ILE HG21 H  N N 176 
ILE HG22 H  N N 177 
ILE HG23 H  N N 178 
ILE HD11 H  N N 179 
ILE HD12 H  N N 180 
ILE HD13 H  N N 181 
ILE HXT  H  N N 182 
LEU N    N  N N 183 
LEU CA   C  N S 184 
LEU C    C  N N 185 
LEU O    O  N N 186 
LEU CB   C  N N 187 
LEU CG   C  N N 188 
LEU CD1  C  N N 189 
LEU CD2  C  N N 190 
LEU OXT  O  N N 191 
LEU H    H  N N 192 
LEU H2   H  N N 193 
LEU HA   H  N N 194 
LEU HB2  H  N N 195 
LEU HB3  H  N N 196 
LEU HG   H  N N 197 
LEU HD11 H  N N 198 
LEU HD12 H  N N 199 
LEU HD13 H  N N 200 
LEU HD21 H  N N 201 
LEU HD22 H  N N 202 
LEU HD23 H  N N 203 
LEU HXT  H  N N 204 
LYS N    N  N N 205 
LYS CA   C  N S 206 
LYS C    C  N N 207 
LYS O    O  N N 208 
LYS CB   C  N N 209 
LYS CG   C  N N 210 
LYS CD   C  N N 211 
LYS CE   C  N N 212 
LYS NZ   N  N N 213 
LYS OXT  O  N N 214 
LYS H    H  N N 215 
LYS H2   H  N N 216 
LYS HA   H  N N 217 
LYS HB2  H  N N 218 
LYS HB3  H  N N 219 
LYS HG2  H  N N 220 
LYS HG3  H  N N 221 
LYS HD2  H  N N 222 
LYS HD3  H  N N 223 
LYS HE2  H  N N 224 
LYS HE3  H  N N 225 
LYS HZ1  H  N N 226 
LYS HZ2  H  N N 227 
LYS HZ3  H  N N 228 
LYS HXT  H  N N 229 
PHE N    N  N N 230 
PHE CA   C  N S 231 
PHE C    C  N N 232 
PHE O    O  N N 233 
PHE CB   C  N N 234 
PHE CG   C  Y N 235 
PHE CD1  C  Y N 236 
PHE CD2  C  Y N 237 
PHE CE1  C  Y N 238 
PHE CE2  C  Y N 239 
PHE CZ   C  Y N 240 
PHE OXT  O  N N 241 
PHE H    H  N N 242 
PHE H2   H  N N 243 
PHE HA   H  N N 244 
PHE HB2  H  N N 245 
PHE HB3  H  N N 246 
PHE HD1  H  N N 247 
PHE HD2  H  N N 248 
PHE HE1  H  N N 249 
PHE HE2  H  N N 250 
PHE HZ   H  N N 251 
PHE HXT  H  N N 252 
PRO N    N  N N 253 
PRO CA   C  N S 254 
PRO C    C  N N 255 
PRO O    O  N N 256 
PRO CB   C  N N 257 
PRO CG   C  N N 258 
PRO CD   C  N N 259 
PRO OXT  O  N N 260 
PRO H    H  N N 261 
PRO HA   H  N N 262 
PRO HB2  H  N N 263 
PRO HB3  H  N N 264 
PRO HG2  H  N N 265 
PRO HG3  H  N N 266 
PRO HD2  H  N N 267 
PRO HD3  H  N N 268 
PRO HXT  H  N N 269 
SER N    N  N N 270 
SER CA   C  N S 271 
SER C    C  N N 272 
SER O    O  N N 273 
SER CB   C  N N 274 
SER OG   O  N N 275 
SER OXT  O  N N 276 
SER H    H  N N 277 
SER H2   H  N N 278 
SER HA   H  N N 279 
SER HB2  H  N N 280 
SER HB3  H  N N 281 
SER HG   H  N N 282 
SER HXT  H  N N 283 
TYR N    N  N N 284 
TYR CA   C  N S 285 
TYR C    C  N N 286 
TYR O    O  N N 287 
TYR CB   C  N N 288 
TYR CG   C  Y N 289 
TYR CD1  C  Y N 290 
TYR CD2  C  Y N 291 
TYR CE1  C  Y N 292 
TYR CE2  C  Y N 293 
TYR CZ   C  Y N 294 
TYR OH   O  N N 295 
TYR OXT  O  N N 296 
TYR H    H  N N 297 
TYR H2   H  N N 298 
TYR HA   H  N N 299 
TYR HB2  H  N N 300 
TYR HB3  H  N N 301 
TYR HD1  H  N N 302 
TYR HD2  H  N N 303 
TYR HE1  H  N N 304 
TYR HE2  H  N N 305 
TYR HH   H  N N 306 
TYR HXT  H  N N 307 
VAL N    N  N N 308 
VAL CA   C  N S 309 
VAL C    C  N N 310 
VAL O    O  N N 311 
VAL CB   C  N N 312 
VAL CG1  C  N N 313 
VAL CG2  C  N N 314 
VAL OXT  O  N N 315 
VAL H    H  N N 316 
VAL H2   H  N N 317 
VAL HA   H  N N 318 
VAL HB   H  N N 319 
VAL HG11 H  N N 320 
VAL HG12 H  N N 321 
VAL HG13 H  N N 322 
VAL HG21 H  N N 323 
VAL HG22 H  N N 324 
VAL HG23 H  N N 325 
VAL HXT  H  N N 326 
ZN  ZN   ZN N N 327 
# 
loop_
_chem_comp_bond.comp_id 
_chem_comp_bond.atom_id_1 
_chem_comp_bond.atom_id_2 
_chem_comp_bond.value_order 
_chem_comp_bond.pdbx_aromatic_flag 
_chem_comp_bond.pdbx_stereo_config 
_chem_comp_bond.pdbx_ordinal 
ALA N   CA   sing N N 1   
ALA N   H    sing N N 2   
ALA N   H2   sing N N 3   
ALA CA  C    sing N N 4   
ALA CA  CB   sing N N 5   
ALA CA  HA   sing N N 6   
ALA C   O    doub N N 7   
ALA C   OXT  sing N N 8   
ALA CB  HB1  sing N N 9   
ALA CB  HB2  sing N N 10  
ALA CB  HB3  sing N N 11  
ALA OXT HXT  sing N N 12  
ARG N   CA   sing N N 13  
ARG N   H    sing N N 14  
ARG N   H2   sing N N 15  
ARG CA  C    sing N N 16  
ARG CA  CB   sing N N 17  
ARG CA  HA   sing N N 18  
ARG C   O    doub N N 19  
ARG C   OXT  sing N N 20  
ARG CB  CG   sing N N 21  
ARG CB  HB2  sing N N 22  
ARG CB  HB3  sing N N 23  
ARG CG  CD   sing N N 24  
ARG CG  HG2  sing N N 25  
ARG CG  HG3  sing N N 26  
ARG CD  NE   sing N N 27  
ARG CD  HD2  sing N N 28  
ARG CD  HD3  sing N N 29  
ARG NE  CZ   sing N N 30  
ARG NE  HE   sing N N 31  
ARG CZ  NH1  sing N N 32  
ARG CZ  NH2  doub N N 33  
ARG NH1 HH11 sing N N 34  
ARG NH1 HH12 sing N N 35  
ARG NH2 HH21 sing N N 36  
ARG NH2 HH22 sing N N 37  
ARG OXT HXT  sing N N 38  
ASN N   CA   sing N N 39  
ASN N   H    sing N N 40  
ASN N   H2   sing N N 41  
ASN CA  C    sing N N 42  
ASN CA  CB   sing N N 43  
ASN CA  HA   sing N N 44  
ASN C   O    doub N N 45  
ASN C   OXT  sing N N 46  
ASN CB  CG   sing N N 47  
ASN CB  HB2  sing N N 48  
ASN CB  HB3  sing N N 49  
ASN CG  OD1  doub N N 50  
ASN CG  ND2  sing N N 51  
ASN ND2 HD21 sing N N 52  
ASN ND2 HD22 sing N N 53  
ASN OXT HXT  sing N N 54  
ASP N   CA   sing N N 55  
ASP N   H    sing N N 56  
ASP N   H2   sing N N 57  
ASP CA  C    sing N N 58  
ASP CA  CB   sing N N 59  
ASP CA  HA   sing N N 60  
ASP C   O    doub N N 61  
ASP C   OXT  sing N N 62  
ASP CB  CG   sing N N 63  
ASP CB  HB2  sing N N 64  
ASP CB  HB3  sing N N 65  
ASP CG  OD1  doub N N 66  
ASP CG  OD2  sing N N 67  
ASP OD2 HD2  sing N N 68  
ASP OXT HXT  sing N N 69  
CYS N   CA   sing N N 70  
CYS N   H    sing N N 71  
CYS N   H2   sing N N 72  
CYS CA  C    sing N N 73  
CYS CA  CB   sing N N 74  
CYS CA  HA   sing N N 75  
CYS C   O    doub N N 76  
CYS C   OXT  sing N N 77  
CYS CB  SG   sing N N 78  
CYS CB  HB2  sing N N 79  
CYS CB  HB3  sing N N 80  
CYS SG  HG   sing N N 81  
CYS OXT HXT  sing N N 82  
GLN N   CA   sing N N 83  
GLN N   H    sing N N 84  
GLN N   H2   sing N N 85  
GLN CA  C    sing N N 86  
GLN CA  CB   sing N N 87  
GLN CA  HA   sing N N 88  
GLN C   O    doub N N 89  
GLN C   OXT  sing N N 90  
GLN CB  CG   sing N N 91  
GLN CB  HB2  sing N N 92  
GLN CB  HB3  sing N N 93  
GLN CG  CD   sing N N 94  
GLN CG  HG2  sing N N 95  
GLN CG  HG3  sing N N 96  
GLN CD  OE1  doub N N 97  
GLN CD  NE2  sing N N 98  
GLN NE2 HE21 sing N N 99  
GLN NE2 HE22 sing N N 100 
GLN OXT HXT  sing N N 101 
GLU N   CA   sing N N 102 
GLU N   H    sing N N 103 
GLU N   H2   sing N N 104 
GLU CA  C    sing N N 105 
GLU CA  CB   sing N N 106 
GLU CA  HA   sing N N 107 
GLU C   O    doub N N 108 
GLU C   OXT  sing N N 109 
GLU CB  CG   sing N N 110 
GLU CB  HB2  sing N N 111 
GLU CB  HB3  sing N N 112 
GLU CG  CD   sing N N 113 
GLU CG  HG2  sing N N 114 
GLU CG  HG3  sing N N 115 
GLU CD  OE1  doub N N 116 
GLU CD  OE2  sing N N 117 
GLU OE2 HE2  sing N N 118 
GLU OXT HXT  sing N N 119 
GLY N   CA   sing N N 120 
GLY N   H    sing N N 121 
GLY N   H2   sing N N 122 
GLY CA  C    sing N N 123 
GLY CA  HA2  sing N N 124 
GLY CA  HA3  sing N N 125 
GLY C   O    doub N N 126 
GLY C   OXT  sing N N 127 
GLY OXT HXT  sing N N 128 
HIS N   CA   sing N N 129 
HIS N   H    sing N N 130 
HIS N   H2   sing N N 131 
HIS CA  C    sing N N 132 
HIS CA  CB   sing N N 133 
HIS CA  HA   sing N N 134 
HIS C   O    doub N N 135 
HIS C   OXT  sing N N 136 
HIS CB  CG   sing N N 137 
HIS CB  HB2  sing N N 138 
HIS CB  HB3  sing N N 139 
HIS CG  ND1  sing Y N 140 
HIS CG  CD2  doub Y N 141 
HIS ND1 CE1  doub Y N 142 
HIS ND1 HD1  sing N N 143 
HIS CD2 NE2  sing Y N 144 
HIS CD2 HD2  sing N N 145 
HIS CE1 NE2  sing Y N 146 
HIS CE1 HE1  sing N N 147 
HIS NE2 HE2  sing N N 148 
HIS OXT HXT  sing N N 149 
HOH O   H1   sing N N 150 
HOH O   H2   sing N N 151 
ILE N   CA   sing N N 152 
ILE N   H    sing N N 153 
ILE N   H2   sing N N 154 
ILE CA  C    sing N N 155 
ILE CA  CB   sing N N 156 
ILE CA  HA   sing N N 157 
ILE C   O    doub N N 158 
ILE C   OXT  sing N N 159 
ILE CB  CG1  sing N N 160 
ILE CB  CG2  sing N N 161 
ILE CB  HB   sing N N 162 
ILE CG1 CD1  sing N N 163 
ILE CG1 HG12 sing N N 164 
ILE CG1 HG13 sing N N 165 
ILE CG2 HG21 sing N N 166 
ILE CG2 HG22 sing N N 167 
ILE CG2 HG23 sing N N 168 
ILE CD1 HD11 sing N N 169 
ILE CD1 HD12 sing N N 170 
ILE CD1 HD13 sing N N 171 
ILE OXT HXT  sing N N 172 
LEU N   CA   sing N N 173 
LEU N   H    sing N N 174 
LEU N   H2   sing N N 175 
LEU CA  C    sing N N 176 
LEU CA  CB   sing N N 177 
LEU CA  HA   sing N N 178 
LEU C   O    doub N N 179 
LEU C   OXT  sing N N 180 
LEU CB  CG   sing N N 181 
LEU CB  HB2  sing N N 182 
LEU CB  HB3  sing N N 183 
LEU CG  CD1  sing N N 184 
LEU CG  CD2  sing N N 185 
LEU CG  HG   sing N N 186 
LEU CD1 HD11 sing N N 187 
LEU CD1 HD12 sing N N 188 
LEU CD1 HD13 sing N N 189 
LEU CD2 HD21 sing N N 190 
LEU CD2 HD22 sing N N 191 
LEU CD2 HD23 sing N N 192 
LEU OXT HXT  sing N N 193 
LYS N   CA   sing N N 194 
LYS N   H    sing N N 195 
LYS N   H2   sing N N 196 
LYS CA  C    sing N N 197 
LYS CA  CB   sing N N 198 
LYS CA  HA   sing N N 199 
LYS C   O    doub N N 200 
LYS C   OXT  sing N N 201 
LYS CB  CG   sing N N 202 
LYS CB  HB2  sing N N 203 
LYS CB  HB3  sing N N 204 
LYS CG  CD   sing N N 205 
LYS CG  HG2  sing N N 206 
LYS CG  HG3  sing N N 207 
LYS CD  CE   sing N N 208 
LYS CD  HD2  sing N N 209 
LYS CD  HD3  sing N N 210 
LYS CE  NZ   sing N N 211 
LYS CE  HE2  sing N N 212 
LYS CE  HE3  sing N N 213 
LYS NZ  HZ1  sing N N 214 
LYS NZ  HZ2  sing N N 215 
LYS NZ  HZ3  sing N N 216 
LYS OXT HXT  sing N N 217 
PHE N   CA   sing N N 218 
PHE N   H    sing N N 219 
PHE N   H2   sing N N 220 
PHE CA  C    sing N N 221 
PHE CA  CB   sing N N 222 
PHE CA  HA   sing N N 223 
PHE C   O    doub N N 224 
PHE C   OXT  sing N N 225 
PHE CB  CG   sing N N 226 
PHE CB  HB2  sing N N 227 
PHE CB  HB3  sing N N 228 
PHE CG  CD1  doub Y N 229 
PHE CG  CD2  sing Y N 230 
PHE CD1 CE1  sing Y N 231 
PHE CD1 HD1  sing N N 232 
PHE CD2 CE2  doub Y N 233 
PHE CD2 HD2  sing N N 234 
PHE CE1 CZ   doub Y N 235 
PHE CE1 HE1  sing N N 236 
PHE CE2 CZ   sing Y N 237 
PHE CE2 HE2  sing N N 238 
PHE CZ  HZ   sing N N 239 
PHE OXT HXT  sing N N 240 
PRO N   CA   sing N N 241 
PRO N   CD   sing N N 242 
PRO N   H    sing N N 243 
PRO CA  C    sing N N 244 
PRO CA  CB   sing N N 245 
PRO CA  HA   sing N N 246 
PRO C   O    doub N N 247 
PRO C   OXT  sing N N 248 
PRO CB  CG   sing N N 249 
PRO CB  HB2  sing N N 250 
PRO CB  HB3  sing N N 251 
PRO CG  CD   sing N N 252 
PRO CG  HG2  sing N N 253 
PRO CG  HG3  sing N N 254 
PRO CD  HD2  sing N N 255 
PRO CD  HD3  sing N N 256 
PRO OXT HXT  sing N N 257 
SER N   CA   sing N N 258 
SER N   H    sing N N 259 
SER N   H2   sing N N 260 
SER CA  C    sing N N 261 
SER CA  CB   sing N N 262 
SER CA  HA   sing N N 263 
SER C   O    doub N N 264 
SER C   OXT  sing N N 265 
SER CB  OG   sing N N 266 
SER CB  HB2  sing N N 267 
SER CB  HB3  sing N N 268 
SER OG  HG   sing N N 269 
SER OXT HXT  sing N N 270 
TYR N   CA   sing N N 271 
TYR N   H    sing N N 272 
TYR N   H2   sing N N 273 
TYR CA  C    sing N N 274 
TYR CA  CB   sing N N 275 
TYR CA  HA   sing N N 276 
TYR C   O    doub N N 277 
TYR C   OXT  sing N N 278 
TYR CB  CG   sing N N 279 
TYR CB  HB2  sing N N 280 
TYR CB  HB3  sing N N 281 
TYR CG  CD1  doub Y N 282 
TYR CG  CD2  sing Y N 283 
TYR CD1 CE1  sing Y N 284 
TYR CD1 HD1  sing N N 285 
TYR CD2 CE2  doub Y N 286 
TYR CD2 HD2  sing N N 287 
TYR CE1 CZ   doub Y N 288 
TYR CE1 HE1  sing N N 289 
TYR CE2 CZ   sing Y N 290 
TYR CE2 HE2  sing N N 291 
TYR CZ  OH   sing N N 292 
TYR OH  HH   sing N N 293 
TYR OXT HXT  sing N N 294 
VAL N   CA   sing N N 295 
VAL N   H    sing N N 296 
VAL N   H2   sing N N 297 
VAL CA  C    sing N N 298 
VAL CA  CB   sing N N 299 
VAL CA  HA   sing N N 300 
VAL C   O    doub N N 301 
VAL C   OXT  sing N N 302 
VAL CB  CG1  sing N N 303 
VAL CB  CG2  sing N N 304 
VAL CB  HB   sing N N 305 
VAL CG1 HG11 sing N N 306 
VAL CG1 HG12 sing N N 307 
VAL CG1 HG13 sing N N 308 
VAL CG2 HG21 sing N N 309 
VAL CG2 HG22 sing N N 310 
VAL CG2 HG23 sing N N 311 
VAL OXT HXT  sing N N 312 
# 
_atom_sites.entry_id                    6TY2 
_atom_sites.Cartn_transf_matrix[1][1]   ? 
_atom_sites.Cartn_transf_matrix[1][2]   ? 
_atom_sites.Cartn_transf_matrix[1][3]   ? 
_atom_sites.Cartn_transf_matrix[2][1]   ? 
_atom_sites.Cartn_transf_matrix[2][2]   ? 
_atom_sites.Cartn_transf_matrix[2][3]   ? 
_atom_sites.Cartn_transf_matrix[3][1]   ? 
_atom_sites.Cartn_transf_matrix[3][2]   ? 
_atom_sites.Cartn_transf_matrix[3][3]   ? 
_atom_sites.Cartn_transf_vector[1]      ? 
_atom_sites.Cartn_transf_vector[2]      ? 
_atom_sites.Cartn_transf_vector[3]      ? 
_atom_sites.fract_transf_matrix[1][1]   0.00791320 
_atom_sites.fract_transf_matrix[1][2]   -0.01038550 
_atom_sites.fract_transf_matrix[1][3]   0.02335944 
_atom_sites.fract_transf_matrix[2][1]   0.02387888 
_atom_sites.fract_transf_matrix[2][2]   0.02135246 
_atom_sites.fract_transf_matrix[2][3]   0.00140405 
_atom_sites.fract_transf_matrix[3][1]   -0.01286936 
_atom_sites.fract_transf_matrix[3][2]   0.01336262 
_atom_sites.fract_transf_matrix[3][3]   0.01565553 
_atom_sites.fract_transf_vector[1]      0.477967 
_atom_sites.fract_transf_vector[2]      0.582294 
_atom_sites.fract_transf_vector[3]      0.723560 
_atom_sites.solution_primary            ? 
_atom_sites.solution_secondary          ? 
_atom_sites.solution_hydrogens          ? 
_atom_sites.special_details             ? 
# 
loop_
_atom_type.symbol 
C  
N  
O  
S  
ZN 
# 
loop_
_atom_site.group_PDB 
_atom_site.id 
_atom_site.type_symbol 
_atom_site.label_atom_id 
_atom_site.label_alt_id 
_atom_site.label_comp_id 
_atom_site.label_asym_id 
_atom_site.label_entity_id 
_atom_site.label_seq_id 
_atom_site.pdbx_PDB_ins_code 
_atom_site.Cartn_x 
_atom_site.Cartn_y 
_atom_site.Cartn_z 
_atom_site.occupancy 
_atom_site.B_iso_or_equiv 
_atom_site.pdbx_formal_charge 
_atom_site.auth_seq_id 
_atom_site.auth_comp_id 
_atom_site.auth_asym_id 
_atom_site.auth_atom_id 
_atom_site.pdbx_PDB_model_num 
ATOM   1   N  N   . ASP A 1 2  ? -16.856 -12.901 -8.379  1.00 42.54 ? 2   ASP A N   1 
ATOM   2   C  CA  . ASP A 1 2  ? -17.451 -11.772 -9.091  1.00 40.40 ? 2   ASP A CA  1 
ATOM   3   C  C   . ASP A 1 2  ? -17.173 -10.432 -8.419  1.00 35.85 ? 2   ASP A C   1 
ATOM   4   O  O   . ASP A 1 2  ? -16.883 -9.440  -9.087  1.00 32.48 ? 2   ASP A O   1 
ATOM   5   C  CB  . ASP A 1 2  ? -18.964 -11.937 -9.221  1.00 49.13 ? 2   ASP A CB  1 
ATOM   6   C  CG  . ASP A 1 2  ? -19.649 -10.663 -9.722  1.00 49.58 ? 2   ASP A CG  1 
ATOM   7   O  OD1 . ASP A 1 2  ? -19.259 -10.149 -10.799 1.00 49.99 ? 2   ASP A OD1 1 
ATOM   8   O  OD2 . ASP A 1 2  ? -20.558 -10.153 -9.024  1.00 53.45 ? 2   ASP A OD2 1 
ATOM   9   N  N   . GLU A 1 3  ? -17.285 -10.384 -7.098  1.00 32.18 ? 3   GLU A N   1 
ATOM   10  C  CA  . GLU A 1 3  ? -16.998 -9.150  -6.380  1.00 29.70 ? 3   GLU A CA  1 
ATOM   11  C  C   . GLU A 1 3  ? -15.505 -8.827  -6.430  1.00 26.30 ? 3   GLU A C   1 
ATOM   12  O  O   . GLU A 1 3  ? -15.128 -7.662  -6.481  1.00 31.48 ? 3   GLU A O   1 
ATOM   13  C  CB  . GLU A 1 3  ? -17.484 -9.245  -4.940  1.00 30.60 ? 3   GLU A CB  1 
ATOM   14  C  CG  . GLU A 1 3  ? -17.240 -7.989  -4.122  1.00 35.55 ? 3   GLU A CG  1 
ATOM   15  C  CD  . GLU A 1 3  ? -17.857 -6.727  -4.729  1.00 39.86 ? 3   GLU A CD  1 
ATOM   16  O  OE1 . GLU A 1 3  ? -18.930 -6.810  -5.383  1.00 42.57 ? 3   GLU A OE1 1 
ATOM   17  O  OE2 . GLU A 1 3  ? -17.263 -5.640  -4.527  1.00 34.25 ? 3   GLU A OE2 1 
ATOM   18  N  N   . ILE A 1 4  ? -14.664 -9.859  -6.419  1.00 23.80 ? 4   ILE A N   1 
ATOM   19  C  CA  . ILE A 1 4  ? -13.227 -9.732  -6.706  1.00 24.60 ? 4   ILE A CA  1 
ATOM   20  C  C   . ILE A 1 4  ? -12.964 -8.945  -7.979  1.00 24.25 ? 4   ILE A C   1 
ATOM   21  O  O   . ILE A 1 4  ? -12.143 -8.030  -8.001  1.00 21.45 ? 4   ILE A O   1 
ATOM   22  C  CB  . ILE A 1 4  ? -12.565 -11.112 -6.863  1.00 27.80 ? 4   ILE A CB  1 
ATOM   23  C  CG1 . ILE A 1 4  ? -12.623 -11.896 -5.548  1.00 32.49 ? 4   ILE A CG1 1 
ATOM   24  C  CG2 . ILE A 1 4  ? -11.127 -10.985 -7.344  1.00 21.92 ? 4   ILE A CG2 1 
ATOM   25  C  CD1 . ILE A 1 4  ? -11.408 -11.726 -4.678  1.00 29.69 ? 4   ILE A CD1 1 
ATOM   26  N  N   . ASP A 1 5  ? -13.673 -9.308  -9.043  1.00 24.36 ? 5   ASP A N   1 
ATOM   27  C  CA  . ASP A 1 5  ? -13.496 -8.665  -10.333 1.00 25.40 ? 5   ASP A CA  1 
ATOM   28  C  C   . ASP A 1 5  ? -13.925 -7.215  -10.292 1.00 26.11 ? 5   ASP A C   1 
ATOM   29  O  O   . ASP A 1 5  ? -13.293 -6.348  -10.889 1.00 22.80 ? 5   ASP A O   1 
ATOM   30  C  CB  . ASP A 1 5  ? -14.287 -9.404  -11.401 1.00 30.20 ? 5   ASP A CB  1 
ATOM   31  C  CG  . ASP A 1 5  ? -13.903 -10.853 -11.493 1.00 38.44 ? 5   ASP A CG  1 
ATOM   32  O  OD1 . ASP A 1 5  ? -12.853 -11.136 -12.111 1.00 41.06 ? 5   ASP A OD1 1 
ATOM   33  O  OD2 . ASP A 1 5  ? -14.645 -11.706 -10.950 1.00 46.48 ? 5   ASP A OD2 1 
ATOM   34  N  N   . ARG A 1 6  ? -15.020 -6.964  -9.590  1.00 26.17 ? 6   ARG A N   1 
ATOM   35  C  CA  . ARG A 1 6  ? -15.547 -5.627  -9.467  1.00 25.07 ? 6   ARG A CA  1 
ATOM   36  C  C   . ARG A 1 6  ? -14.491 -4.720  -8.841  1.00 25.44 ? 6   ARG A C   1 
ATOM   37  O  O   . ARG A 1 6  ? -14.243 -3.627  -9.339  1.00 25.15 ? 6   ARG A O   1 
ATOM   38  C  CB  . ARG A 1 6  ? -16.830 -5.636  -8.639  1.00 29.02 ? 6   ARG A CB  1 
ATOM   39  C  CG  . ARG A 1 6  ? -17.718 -4.428  -8.846  1.00 38.52 ? 6   ARG A CG  1 
ATOM   40  C  CD  . ARG A 1 6  ? -18.802 -4.370  -7.778  1.00 43.19 ? 6   ARG A CD  1 
ATOM   41  N  NE  . ARG A 1 6  ? -19.475 -5.660  -7.614  1.00 46.27 ? 6   ARG A NE  1 
ATOM   42  C  CZ  . ARG A 1 6  ? -20.732 -5.908  -7.976  1.00 51.36 ? 6   ARG A CZ  1 
ATOM   43  N  NH1 . ARG A 1 6  ? -21.472 -4.951  -8.527  1.00 46.00 ? 6   ARG A NH1 1 
ATOM   44  N  NH2 . ARG A 1 6  ? -21.252 -7.118  -7.783  1.00 51.35 ? 6   ARG A NH2 1 
ATOM   45  N  N   . GLU A 1 7  ? -13.845 -5.180  -7.775  1.00 21.09 ? 7   GLU A N   1 
ATOM   46  C  CA  . GLU A 1 7  ? -12.850 -4.355  -7.089  1.00 20.51 ? 7   GLU A CA  1 
ATOM   47  C  C   . GLU A 1 7  ? -11.587 -4.151  -7.930  1.00 22.23 ? 7   GLU A C   1 
ATOM   48  O  O   . GLU A 1 7  ? -10.925 -3.123  -7.814  1.00 22.52 ? 7   GLU A O   1 
ATOM   49  C  CB  . GLU A 1 7  ? -12.493 -4.963  -5.729  1.00 22.38 ? 7   GLU A CB  1 
ATOM   50  C  CG  . GLU A 1 7  ? -13.582 -4.734  -4.682  1.00 27.53 ? 7   GLU A CG  1 
ATOM   51  C  CD  . GLU A 1 7  ? -13.303 -5.439  -3.361  1.00 28.87 ? 7   GLU A CD  1 
ATOM   52  O  OE1 . GLU A 1 7  ? -13.691 -4.911  -2.298  1.00 29.01 ? 7   GLU A OE1 1 
ATOM   53  O  OE2 . GLU A 1 7  ? -12.706 -6.530  -3.384  1.00 31.00 ? 7   GLU A OE2 1 
ATOM   54  N  N   . HIS A 1 8  ? -11.244 -5.121  -8.773  1.00 21.27 ? 8   HIS A N   1 
ATOM   55  C  CA  . HIS A 1 8  ? -10.141 -4.926  -9.718  1.00 18.95 ? 8   HIS A CA  1 
ATOM   56  C  C   . HIS A 1 8  ? -10.491 -3.822  -10.716 1.00 20.26 ? 8   HIS A C   1 
ATOM   57  O  O   . HIS A 1 8  ? -9.641  -2.999  -11.051 1.00 18.76 ? 8   HIS A O   1 
ATOM   58  C  CB  . HIS A 1 8  ? -9.818  -6.215  -10.464 1.00 16.51 ? 8   HIS A CB  1 
ATOM   59  C  CG  . HIS A 1 8  ? -9.187  -7.270  -9.613  1.00 21.44 ? 8   HIS A CG  1 
ATOM   60  N  ND1 . HIS A 1 8  ? -9.085  -8.580  -10.021 1.00 17.89 ? 8   HIS A ND1 1 
ATOM   61  C  CD2 . HIS A 1 8  ? -8.614  -7.208  -8.385  1.00 17.45 ? 8   HIS A CD2 1 
ATOM   62  C  CE1 . HIS A 1 8  ? -8.488  -9.284  -9.075  1.00 19.98 ? 8   HIS A CE1 1 
ATOM   63  N  NE2 . HIS A 1 8  ? -8.186  -8.475  -8.078  1.00 19.66 ? 8   HIS A NE2 1 
ATOM   64  N  N   . GLN A 1 9  ? -11.741 -3.815  -11.185 1.00 21.83 ? 9   GLN A N   1 
ATOM   65  C  CA  . GLN A 1 9  ? -12.227 -2.787  -12.108 1.00 21.45 ? 9   GLN A CA  1 
ATOM   66  C  C   . GLN A 1 9  ? -12.165 -1.398  -11.503 1.00 22.69 ? 9   GLN A C   1 
ATOM   67  O  O   . GLN A 1 9  ? -11.663 -0.463  -12.132 1.00 22.66 ? 9   GLN A O   1 
ATOM   68  C  CB  . GLN A 1 9  ? -13.670 -3.069  -12.552 1.00 19.48 ? 9   GLN A CB  1 
ATOM   69  C  CG  . GLN A 1 9  ? -13.789 -4.083  -13.690 1.00 25.73 ? 9   GLN A CG  1 
ATOM   70  C  CD  . GLN A 1 9  ? -15.219 -4.217  -14.246 1.00 32.44 ? 9   GLN A CD  1 
ATOM   71  O  OE1 . GLN A 1 9  ? -16.203 -4.104  -13.513 1.00 34.02 ? 9   GLN A OE1 1 
ATOM   72  N  NE2 . GLN A 1 9  ? -15.327 -4.454  -15.551 1.00 28.34 ? 9   GLN A NE2 1 
ATOM   73  N  N   . GLU A 1 10 ? -12.692 -1.252  -10.292 1.00 23.54 ? 10  GLU A N   1 
ATOM   74  C  CA  . GLU A 1 10 ? -12.708 0.049   -9.646  1.00 24.52 ? 10  GLU A CA  1 
ATOM   75  C  C   . GLU A 1 10 ? -11.281 0.511   -9.351  1.00 22.87 ? 10  GLU A C   1 
ATOM   76  O  O   . GLU A 1 10 ? -10.951 1.677   -9.542  1.00 22.66 ? 10  GLU A O   1 
ATOM   77  C  CB  . GLU A 1 10 ? -13.525 0.038   -8.345  1.00 26.39 ? 10  GLU A CB  1 
ATOM   78  C  CG  . GLU A 1 10 ? -14.724 -0.911  -8.279  1.00 36.64 ? 10  GLU A CG  1 
ATOM   79  C  CD  . GLU A 1 10 ? -15.860 -0.601  -9.257  1.00 49.35 ? 10  GLU A CD  1 
ATOM   80  O  OE1 . GLU A 1 10 ? -16.380 0.543   -9.245  1.00 54.44 ? 10  GLU A OE1 1 
ATOM   81  O  OE2 . GLU A 1 10 ? -16.253 -1.522  -10.020 1.00 39.47 ? 10  GLU A OE2 1 
ATOM   82  N  N   . ARG A 1 11 ? -10.437 -0.395  -8.884  1.00 17.93 ? 11  ARG A N   1 
ATOM   83  C  CA  . ARG A 1 11 ? -9.050  -0.029  -8.640  1.00 21.60 ? 11  ARG A CA  1 
ATOM   84  C  C   . ARG A 1 11 ? -8.314  0.296   -9.948  1.00 19.52 ? 11  ARG A C   1 
ATOM   85  O  O   . ARG A 1 11 ? -7.540  1.246   -10.004 1.00 22.92 ? 11  ARG A O   1 
ATOM   86  C  CB  . ARG A 1 11 ? -8.314  -1.134  -7.887  1.00 19.04 ? 11  ARG A CB  1 
ATOM   87  C  CG  . ARG A 1 11 ? -6.909  -0.728  -7.503  1.00 19.90 ? 11  ARG A CG  1 
ATOM   88  C  CD  . ARG A 1 11 ? -6.611  -1.138  -6.081  1.00 24.80 ? 11  ARG A CD  1 
ATOM   89  N  NE  . ARG A 1 11 ? -5.179  -1.071  -5.793  1.00 22.62 ? 11  ARG A NE  1 
ATOM   90  C  CZ  . ARG A 1 11 ? -4.567  0.014   -5.334  1.00 32.18 ? 11  ARG A CZ  1 
ATOM   91  N  NH1 . ARG A 1 11 ? -5.263  1.131   -5.125  1.00 28.27 ? 11  ARG A NH1 1 
ATOM   92  N  NH2 . ARG A 1 11 ? -3.259  -0.013  -5.088  1.00 32.70 ? 11  ARG A NH2 1 
ATOM   93  N  N   . ASN A 1 12 ? -8.586  -0.466  -11.000 1.00 21.36 ? 12  ASN A N   1 
ATOM   94  C  CA  . ASN A 1 12 ? -7.952  -0.220  -12.282 1.00 18.34 ? 12  ASN A CA  1 
ATOM   95  C  C   . ASN A 1 12 ? -8.401  1.099   -12.875 1.00 19.10 ? 12  ASN A C   1 
ATOM   96  O  O   . ASN A 1 12 ? -7.605  1.808   -13.455 1.00 17.47 ? 12  ASN A O   1 
ATOM   97  C  CB  . ASN A 1 12 ? -8.223  -1.368  -13.261 1.00 22.00 ? 12  ASN A CB  1 
ATOM   98  C  CG  . ASN A 1 12 ? -7.322  -2.554  -13.008 1.00 20.73 ? 12  ASN A CG  1 
ATOM   99  O  OD1 . ASN A 1 12 ? -6.348  -2.446  -12.265 1.00 18.03 ? 12  ASN A OD1 1 
ATOM   100 N  ND2 . ASN A 1 12 ? -7.641  -3.691  -13.612 1.00 18.78 ? 12  ASN A ND2 1 
ATOM   101 N  N   . ALA A 1 13 ? -9.668  1.442   -12.698 1.00 20.66 ? 13  ALA A N   1 
ATOM   102 C  CA  . ALA A 1 13 ? -10.147 2.749   -13.138 1.00 26.42 ? 13  ALA A CA  1 
ATOM   103 C  C   . ALA A 1 13 ? -9.314  3.849   -12.489 1.00 23.20 ? 13  ALA A C   1 
ATOM   104 O  O   . ALA A 1 13 ? -8.929  4.819   -13.130 1.00 19.57 ? 13  ALA A O   1 
ATOM   105 C  CB  . ALA A 1 13 ? -11.631 2.919   -12.801 1.00 22.08 ? 13  ALA A CB  1 
ATOM   106 N  N   . GLU A 1 14 ? -9.022  3.680   -11.207 1.00 23.18 ? 14  GLU A N   1 
ATOM   107 C  CA  . GLU A 1 14 ? -8.324  4.705   -10.447 1.00 19.89 ? 14  GLU A CA  1 
ATOM   108 C  C   . GLU A 1 14 ? -6.849  4.756   -10.816 1.00 23.73 ? 14  GLU A C   1 
ATOM   109 O  O   . GLU A 1 14 ? -6.227  5.823   -10.787 1.00 27.14 ? 14  GLU A O   1 
ATOM   110 C  CB  . GLU A 1 14 ? -8.499  4.455   -8.948  1.00 26.42 ? 14  GLU A CB  1 
ATOM   111 C  CG  . GLU A 1 14 ? -7.848  5.493   -8.052  1.00 34.09 ? 14  GLU A CG  1 
ATOM   112 C  CD  . GLU A 1 14 ? -8.337  6.921   -8.301  1.00 38.98 ? 14  GLU A CD  1 
ATOM   113 O  OE1 . GLU A 1 14 ? -9.499  7.124   -8.750  1.00 38.61 ? 14  GLU A OE1 1 
ATOM   114 O  OE2 . GLU A 1 14 ? -7.539  7.849   -8.036  1.00 44.66 ? 14  GLU A OE2 1 
ATOM   115 N  N   . ILE A 1 15 ? -6.295  3.598   -11.164 1.00 20.33 ? 15  ILE A N   1 
ATOM   116 C  CA  . ILE A 1 15 ? -4.922  3.498   -11.659 1.00 20.49 ? 15  ILE A CA  1 
ATOM   117 C  C   . ILE A 1 15 ? -4.795  4.268   -12.959 1.00 21.10 ? 15  ILE A C   1 
ATOM   118 O  O   . ILE A 1 15 ? -3.848  5.028   -13.152 1.00 20.33 ? 15  ILE A O   1 
ATOM   119 C  CB  . ILE A 1 15 ? -4.515  2.028   -11.903 1.00 19.62 ? 15  ILE A CB  1 
ATOM   120 C  CG1 . ILE A 1 15 ? -4.417  1.249   -10.588 1.00 25.09 ? 15  ILE A CG1 1 
ATOM   121 C  CG2 . ILE A 1 15 ? -3.236  1.939   -12.716 1.00 17.41 ? 15  ILE A CG2 1 
ATOM   122 C  CD1 . ILE A 1 15 ? -3.567  1.929   -9.554  1.00 30.83 ? 15  ILE A CD1 1 
ATOM   123 N  N   . SER A 1 16 ? -5.770  4.064   -13.848 1.00 19.26 ? 16  SER A N   1 
ATOM   124 C  CA  . SER A 1 16 ? -5.840  4.774   -15.122 1.00 20.17 ? 16  SER A CA  1 
ATOM   125 C  C   . SER A 1 16 ? -5.790  6.274   -14.918 1.00 20.97 ? 16  SER A C   1 
ATOM   126 O  O   . SER A 1 16 ? -5.079  6.985   -15.631 1.00 19.77 ? 16  SER A O   1 
ATOM   127 C  CB  . SER A 1 16 ? -7.126  4.427   -15.878 1.00 22.03 ? 16  SER A CB  1 
ATOM   128 O  OG  . SER A 1 16 ? -7.026  3.174   -16.536 1.00 25.88 ? 16  SER A OG  1 
ATOM   129 N  N   . ALA A 1 17 ? -6.569  6.745   -13.949 1.00 19.01 ? 17  ALA A N   1 
ATOM   130 C  CA  . ALA A 1 17 ? -6.716  8.176   -13.720 1.00 20.75 ? 17  ALA A CA  1 
ATOM   131 C  C   . ALA A 1 17 ? -5.422  8.772   -13.214 1.00 20.05 ? 17  ALA A C   1 
ATOM   132 O  O   . ALA A 1 17 ? -5.022  9.845   -13.654 1.00 21.42 ? 17  ALA A O   1 
ATOM   133 C  CB  . ALA A 1 17 ? -7.848  8.445   -12.733 1.00 24.93 ? 17  ALA A CB  1 
ATOM   134 N  N   . CYS A 1 18 ? -4.779  8.073   -12.277 1.00 17.80 ? 18  CYS A N   1 
ATOM   135 C  CA  . CYS A 1 18 ? -3.507  8.509   -11.721 1.00 21.27 ? 18  CYS A CA  1 
ATOM   136 C  C   . CYS A 1 18 ? -2.400  8.510   -12.750 1.00 17.58 ? 18  CYS A C   1 
ATOM   137 O  O   . CYS A 1 18 ? -1.607  9.446   -12.794 1.00 23.82 ? 18  CYS A O   1 
ATOM   138 C  CB  . CYS A 1 18 ? -3.102  7.619   -10.540 1.00 21.88 ? 18  CYS A CB  1 
ATOM   139 S  SG  . CYS A 1 18 ? -4.085  7.863   -9.053  1.00 34.39 ? 18  CYS A SG  1 
ATOM   140 N  N   . ASN A 1 19 ? -2.316  7.454   -13.552 1.00 13.36 ? 19  ASN A N   1 
ATOM   141 C  CA  . ASN A 1 19 ? -1.288  7.385   -14.587 1.00 16.98 ? 19  ASN A CA  1 
ATOM   142 C  C   . ASN A 1 19 ? -1.373  8.566   -15.546 1.00 19.94 ? 19  ASN A C   1 
ATOM   143 O  O   . ASN A 1 19 ? -0.354  9.156   -15.900 1.00 19.52 ? 19  ASN A O   1 
ATOM   144 C  CB  . ASN A 1 19 ? -1.383  6.076   -15.377 1.00 18.02 ? 19  ASN A CB  1 
ATOM   145 C  CG  . ASN A 1 19 ? -0.588  4.945   -14.732 1.00 24.17 ? 19  ASN A CG  1 
ATOM   146 O  OD1 . ASN A 1 19 ? 0.320   5.187   -13.934 1.00 20.46 ? 19  ASN A OD1 1 
ATOM   147 N  ND2 . ASN A 1 19 ? -0.924  3.705   -15.083 1.00 19.97 ? 19  ASN A ND2 1 
ATOM   148 N  N   . ALA A 1 20 ? -2.595  8.920   -15.939 1.00 19.82 ? 20  ALA A N   1 
ATOM   149 C  CA  . ALA A 1 20 ? -2.827  10.005  -16.895 1.00 22.62 ? 20  ALA A CA  1 
ATOM   150 C  C   . ALA A 1 20 ? -2.525  11.355  -16.279 1.00 19.29 ? 20  ALA A C   1 
ATOM   151 O  O   . ALA A 1 20 ? -1.984  12.228  -16.939 1.00 24.30 ? 20  ALA A O   1 
ATOM   152 C  CB  . ALA A 1 20 ? -4.265  9.971   -17.406 1.00 19.41 ? 20  ALA A CB  1 
ATOM   153 N  N   . ARG A 1 21 ? -2.869  11.522  -15.012 1.00 22.10 ? 21  ARG A N   1 
ATOM   154 C  CA  . ARG A 1 21 ? -2.520  12.746  -14.312 1.00 22.18 ? 21  ARG A CA  1 
ATOM   155 C  C   . ARG A 1 21 ? -1.015  12.892  -14.309 1.00 25.53 ? 21  ARG A C   1 
ATOM   156 O  O   . ARG A 1 21 ? -0.479  13.948  -14.665 1.00 29.27 ? 21  ARG A O   1 
ATOM   157 C  CB  . ARG A 1 21 ? -3.063  12.743  -12.884 1.00 24.97 ? 21  ARG A CB  1 
ATOM   158 C  CG  . ARG A 1 21 ? -2.838  14.058  -12.127 1.00 31.74 ? 21  ARG A CG  1 
ATOM   159 C  CD  . ARG A 1 21 ? -3.284  13.965  -10.662 1.00 34.54 ? 21  ARG A CD  1 
ATOM   160 N  NE  . ARG A 1 21 ? -4.575  13.297  -10.537 1.00 42.45 ? 21  ARG A NE  1 
ATOM   161 C  CZ  . ARG A 1 21 ? -5.745  13.926  -10.558 1.00 44.57 ? 21  ARG A CZ  1 
ATOM   162 N  NH1 . ARG A 1 21 ? -5.788  15.252  -10.681 1.00 46.15 ? 21  ARG A NH1 1 
ATOM   163 N  NH2 . ARG A 1 21 ? -6.871  13.230  -10.453 1.00 40.15 ? 21  ARG A NH2 1 
ATOM   164 N  N   . ALA A 1 22 ? -0.332  11.813  -13.931 1.00 22.72 ? 22  ALA A N   1 
ATOM   165 C  CA  . ALA A 1 22 ? 1.120   11.790  -13.886 1.00 23.20 ? 22  ALA A CA  1 
ATOM   166 C  C   . ALA A 1 22 ? 1.754   12.151  -15.232 1.00 23.08 ? 22  ALA A C   1 
ATOM   167 O  O   . ALA A 1 22 ? 2.675   12.964  -15.288 1.00 22.61 ? 22  ALA A O   1 
ATOM   168 C  CB  . ALA A 1 22 ? 1.616   10.403  -13.423 1.00 20.17 ? 22  ALA A CB  1 
ATOM   169 N  N   . LEU A 1 23 ? 1.289   11.521  -16.308 1.00 21.93 ? 23  LEU A N   1 
ATOM   170 C  CA  . LEU A 1 23 ? 1.812   11.836  -17.630 1.00 24.26 ? 23  LEU A CA  1 
ATOM   171 C  C   . LEU A 1 23 ? 1.619   13.310  -17.928 1.00 20.84 ? 23  LEU A C   1 
ATOM   172 O  O   . LEU A 1 23 ? 2.536   13.981  -18.397 1.00 21.54 ? 23  LEU A O   1 
ATOM   173 C  CB  . LEU A 1 23 ? 1.140   10.994  -18.707 1.00 22.36 ? 23  LEU A CB  1 
ATOM   174 C  CG  . LEU A 1 23 ? 1.505   9.514   -18.765 1.00 26.03 ? 23  LEU A CG  1 
ATOM   175 C  CD1 . LEU A 1 23 ? 0.765   8.859   -19.919 1.00 28.46 ? 23  LEU A CD1 1 
ATOM   176 C  CD2 . LEU A 1 23 ? 3.007   9.307   -18.905 1.00 27.01 ? 23  LEU A CD2 1 
ATOM   177 N  N   . SER A 1 24 ? 0.429   13.810  -17.618 1.00 23.28 ? 24  SER A N   1 
ATOM   178 C  CA  . SER A 1 24 ? 0.084   15.205  -17.870 1.00 24.95 ? 24  SER A CA  1 
ATOM   179 C  C   . SER A 1 24 ? 1.029   16.181  -17.199 1.00 26.91 ? 24  SER A C   1 
ATOM   180 O  O   . SER A 1 24 ? 1.301   17.263  -17.730 1.00 26.07 ? 24  SER A O   1 
ATOM   181 C  CB  . SER A 1 24 ? -1.330  15.485  -17.395 1.00 23.21 ? 24  SER A CB  1 
ATOM   182 O  OG  . SER A 1 24 ? -2.233  15.158  -18.423 1.00 35.67 ? 24  SER A OG  1 
ATOM   183 N  N   . GLU A 1 25 ? 1.524   15.791  -16.032 1.00 24.88 ? 25  GLU A N   1 
ATOM   184 C  CA  . GLU A 1 25 ? 2.465   16.612  -15.281 1.00 27.72 ? 25  GLU A CA  1 
ATOM   185 C  C   . GLU A 1 25 ? 3.905   16.221  -15.590 1.00 29.04 ? 25  GLU A C   1 
ATOM   186 O  O   . GLU A 1 25 ? 4.815   16.630  -14.885 1.00 28.39 ? 25  GLU A O   1 
ATOM   187 C  CB  . GLU A 1 25 ? 2.197   16.498  -13.773 1.00 28.93 ? 25  GLU A CB  1 
ATOM   188 C  CG  . GLU A 1 25 ? 0.817   16.995  -13.347 1.00 32.91 ? 25  GLU A CG  1 
ATOM   189 C  CD  . GLU A 1 25 ? 0.399   16.497  -11.966 1.00 43.80 ? 25  GLU A CD  1 
ATOM   190 O  OE1 . GLU A 1 25 ? 0.082   15.296  -11.831 1.00 45.54 ? 25  GLU A OE1 1 
ATOM   191 O  OE2 . GLU A 1 25 ? 0.374   17.308  -11.015 1.00 48.77 ? 25  GLU A OE2 1 
ATOM   192 N  N   . GLY A 1 26 ? 4.112   15.425  -16.636 1.00 24.08 ? 26  GLY A N   1 
ATOM   193 C  CA  . GLY A 1 26 ? 5.463   15.100  -17.062 1.00 24.70 ? 26  GLY A CA  1 
ATOM   194 C  C   . GLY A 1 26 ? 6.175   14.043  -16.233 1.00 29.69 ? 26  GLY A C   1 
ATOM   195 O  O   . GLY A 1 26 ? 7.405   13.968  -16.238 1.00 27.20 ? 26  GLY A O   1 
ATOM   196 N  N   . ARG A 1 27 ? 5.415   13.207  -15.533 1.00 25.57 ? 27  ARG A N   1 
ATOM   197 C  CA  . ARG A 1 27 ? 6.022   12.090  -14.821 1.00 26.70 ? 27  ARG A CA  1 
ATOM   198 C  C   . ARG A 1 27 ? 5.580   10.766  -15.440 1.00 30.19 ? 27  ARG A C   1 
ATOM   199 O  O   . ARG A 1 27 ? 4.473   10.661  -15.971 1.00 25.73 ? 27  ARG A O   1 
ATOM   200 C  CB  . ARG A 1 27 ? 5.671   12.161  -13.336 1.00 29.10 ? 27  ARG A CB  1 
ATOM   201 C  CG  . ARG A 1 27 ? 6.177   13.437  -12.691 1.00 28.61 ? 27  ARG A CG  1 
ATOM   202 C  CD  . ARG A 1 27 ? 5.935   13.480  -11.197 1.00 27.81 ? 27  ARG A CD  1 
ATOM   203 N  NE  . ARG A 1 27 ? 4.520   13.506  -10.858 1.00 34.79 ? 27  ARG A NE  1 
ATOM   204 C  CZ  . ARG A 1 27 ? 3.792   14.614  -10.776 1.00 39.38 ? 27  ARG A CZ  1 
ATOM   205 N  NH1 . ARG A 1 27 ? 4.343   15.799  -11.020 1.00 37.90 ? 27  ARG A NH1 1 
ATOM   206 N  NH2 . ARG A 1 27 ? 2.509   14.533  -10.456 1.00 36.77 ? 27  ARG A NH2 1 
ATOM   207 N  N   . PRO A 1 28 ? 6.454   9.749   -15.403 1.00 34.90 ? 28  PRO A N   1 
ATOM   208 C  CA  . PRO A 1 28 ? 6.124   8.486   -16.080 1.00 34.82 ? 28  PRO A CA  1 
ATOM   209 C  C   . PRO A 1 28 ? 4.858   7.822   -15.534 1.00 30.08 ? 28  PRO A C   1 
ATOM   210 O  O   . PRO A 1 28 ? 4.527   7.998   -14.362 1.00 34.67 ? 28  PRO A O   1 
ATOM   211 C  CB  . PRO A 1 28 ? 7.357   7.615   -15.813 1.00 36.91 ? 28  PRO A CB  1 
ATOM   212 C  CG  . PRO A 1 28 ? 8.455   8.588   -15.532 1.00 34.79 ? 28  PRO A CG  1 
ATOM   213 C  CD  . PRO A 1 28 ? 7.806   9.726   -14.815 1.00 34.45 ? 28  PRO A CD  1 
ATOM   214 N  N   . ALA A 1 29 ? 4.143   7.095   -16.386 1.00 27.96 ? 29  ALA A N   1 
ATOM   215 C  CA  . ALA A 1 29 ? 2.983   6.329   -15.940 1.00 29.18 ? 29  ALA A CA  1 
ATOM   216 C  C   . ALA A 1 29 ? 3.438   5.044   -15.256 1.00 30.98 ? 29  ALA A C   1 
ATOM   217 O  O   . ALA A 1 29 ? 3.528   4.001   -15.895 1.00 34.67 ? 29  ALA A O   1 
ATOM   218 C  CB  . ALA A 1 29 ? 2.068   6.009   -17.109 1.00 23.52 ? 29  ALA A CB  1 
ATOM   219 N  N   . SER A 1 30 ? 3.697   5.118   -13.953 1.00 29.40 ? 30  SER A N   1 
ATOM   220 C  CA  . SER A 1 30 ? 4.305   4.011   -13.219 1.00 31.40 ? 30  SER A CA  1 
ATOM   221 C  C   . SER A 1 30 ? 3.337   2.955   -12.662 1.00 30.81 ? 30  SER A C   1 
ATOM   222 O  O   . SER A 1 30 ? 3.756   1.846   -12.333 1.00 30.99 ? 30  SER A O   1 
ATOM   223 C  CB  . SER A 1 30 ? 5.147   4.576   -12.067 1.00 36.24 ? 30  SER A CB  1 
ATOM   224 O  OG  . SER A 1 30 ? 4.447   5.604   -11.378 1.00 36.70 ? 30  SER A OG  1 
ATOM   225 N  N   . LEU A 1 31 ? 2.053   3.275   -12.554 1.00 24.25 ? 31  LEU A N   1 
ATOM   226 C  CA  . LEU A 1 31 ? 1.120   2.341   -11.932 1.00 25.46 ? 31  LEU A CA  1 
ATOM   227 C  C   . LEU A 1 31 ? 0.759   1.185   -12.887 1.00 26.32 ? 31  LEU A C   1 
ATOM   228 O  O   . LEU A 1 31 ? 0.718   1.336   -14.111 1.00 20.80 ? 31  LEU A O   1 
ATOM   229 C  CB  . LEU A 1 31 ? -0.136  3.081   -11.444 1.00 22.38 ? 31  LEU A CB  1 
ATOM   230 C  CG  . LEU A 1 31 ? 0.107   4.109   -10.327 1.00 27.46 ? 31  LEU A CG  1 
ATOM   231 C  CD1 . LEU A 1 31 ? -1.152  4.885   -9.980  1.00 24.59 ? 31  LEU A CD1 1 
ATOM   232 C  CD2 . LEU A 1 31 ? 0.654   3.436   -9.081  1.00 25.35 ? 31  LEU A CD2 1 
ATOM   233 N  N   . VAL A 1 32 ? 0.527   0.015   -12.311 1.00 19.99 ? 32  VAL A N   1 
ATOM   234 C  CA  . VAL A 1 32 ? 0.331   -1.186  -13.110 1.00 21.74 ? 32  VAL A CA  1 
ATOM   235 C  C   . VAL A 1 32 ? -1.020  -1.756  -12.763 1.00 20.18 ? 32  VAL A C   1 
ATOM   236 O  O   . VAL A 1 32 ? -1.471  -1.648  -11.624 1.00 19.44 ? 32  VAL A O   1 
ATOM   237 C  CB  . VAL A 1 32 ? 1.462   -2.211  -12.863 1.00 25.77 ? 32  VAL A CB  1 
ATOM   238 C  CG1 . VAL A 1 32 ? 1.552   -2.524  -11.428 1.00 26.93 ? 32  VAL A CG1 1 
ATOM   239 C  CG2 . VAL A 1 32 ? 1.261   -3.485  -13.657 1.00 25.55 ? 32  VAL A CG2 1 
ATOM   240 N  N   . TYR A 1 33 ? -1.683  -2.339  -13.752 1.00 19.52 ? 33  TYR A N   1 
ATOM   241 C  CA  . TYR A 1 33 ? -3.051  -2.788  -13.582 1.00 21.21 ? 33  TYR A CA  1 
ATOM   242 C  C   . TYR A 1 33 ? -3.156  -4.132  -12.833 1.00 16.98 ? 33  TYR A C   1 
ATOM   243 O  O   . TYR A 1 33 ? -2.277  -4.977  -12.910 1.00 20.55 ? 33  TYR A O   1 
ATOM   244 C  CB  . TYR A 1 33 ? -3.721  -2.889  -14.943 1.00 23.01 ? 33  TYR A CB  1 
ATOM   245 C  CG  . TYR A 1 33 ? -4.016  -1.562  -15.628 1.00 20.52 ? 33  TYR A CG  1 
ATOM   246 C  CD1 . TYR A 1 33 ? -4.853  -0.623  -15.040 1.00 21.52 ? 33  TYR A CD1 1 
ATOM   247 C  CD2 . TYR A 1 33 ? -3.499  -1.280  -16.883 1.00 22.43 ? 33  TYR A CD2 1 
ATOM   248 C  CE1 . TYR A 1 33 ? -5.149  0.575   -15.677 1.00 19.86 ? 33  TYR A CE1 1 
ATOM   249 C  CE2 . TYR A 1 33 ? -3.791  -0.086  -17.539 1.00 27.09 ? 33  TYR A CE2 1 
ATOM   250 C  CZ  . TYR A 1 33 ? -4.619  0.836   -16.932 1.00 26.49 ? 33  TYR A CZ  1 
ATOM   251 O  OH  . TYR A 1 33 ? -4.908  2.023   -17.572 1.00 24.97 ? 33  TYR A OH  1 
ATOM   252 N  N   . LEU A 1 34 ? -4.247  -4.316  -12.105 1.00 19.84 ? 34  LEU A N   1 
ATOM   253 C  CA  . LEU A 1 34 ? -4.455  -5.541  -11.336 1.00 21.20 ? 34  LEU A CA  1 
ATOM   254 C  C   . LEU A 1 34 ? -5.176  -6.645  -12.122 1.00 19.16 ? 34  LEU A C   1 
ATOM   255 O  O   . LEU A 1 34 ? -6.040  -6.374  -12.965 1.00 22.32 ? 34  LEU A O   1 
ATOM   256 C  CB  . LEU A 1 34 ? -5.261  -5.239  -10.073 1.00 20.62 ? 34  LEU A CB  1 
ATOM   257 C  CG  . LEU A 1 34 ? -4.660  -4.541  -8.859  1.00 16.13 ? 34  LEU A CG  1 
ATOM   258 C  CD1 . LEU A 1 34 ? -4.102  -3.174  -9.201  1.00 19.82 ? 34  LEU A CD1 1 
ATOM   259 C  CD2 . LEU A 1 34 ? -5.747  -4.408  -7.817  1.00 16.95 ? 34  LEU A CD2 1 
ATOM   260 N  N   . SER A 1 35 ? -4.828  -7.891  -11.820 1.00 19.36 ? 35  SER A N   1 
ATOM   261 C  CA  . SER A 1 35 ? -5.629  -9.041  -12.234 1.00 21.67 ? 35  SER A CA  1 
ATOM   262 C  C   . SER A 1 35 ? -5.562  -10.053 -11.113 1.00 20.06 ? 35  SER A C   1 
ATOM   263 O  O   . SER A 1 35 ? -4.836  -9.847  -10.148 1.00 19.71 ? 35  SER A O   1 
ATOM   264 C  CB  . SER A 1 35 ? -5.112  -9.658  -13.533 1.00 18.20 ? 35  SER A CB  1 
ATOM   265 O  OG  . SER A 1 35 ? -3.824  -10.208 -13.335 1.00 24.57 ? 35  SER A OG  1 
ATOM   266 N  N   . ARG A 1 36 ? -6.300  -11.150 -11.242 1.00 20.57 ? 36  ARG A N   1 
ATOM   267 C  CA  . ARG A 1 36 ? -6.235  -12.215 -10.256 1.00 18.77 ? 36  ARG A CA  1 
ATOM   268 C  C   . ARG A 1 36 ? -4.825  -12.763 -10.130 1.00 18.84 ? 36  ARG A C   1 
ATOM   269 O  O   . ARG A 1 36 ? -4.446  -13.276 -9.086  1.00 19.50 ? 36  ARG A O   1 
ATOM   270 C  CB  . ARG A 1 36 ? -7.204  -13.348 -10.614 1.00 18.41 ? 36  ARG A CB  1 
ATOM   271 C  CG  . ARG A 1 36 ? -8.669  -12.959 -10.523 1.00 26.68 ? 36  ARG A CG  1 
ATOM   272 C  CD  . ARG A 1 36 ? -9.594  -14.133 -10.831 1.00 35.14 ? 36  ARG A CD  1 
ATOM   273 N  NE  . ARG A 1 36 ? -10.990 -13.707 -10.944 1.00 39.16 ? 36  ARG A NE  1 
ATOM   274 C  CZ  . ARG A 1 36 ? -12.018 -14.539 -11.074 1.00 44.80 ? 36  ARG A CZ  1 
ATOM   275 N  NH1 . ARG A 1 36 ? -11.816 -15.851 -11.106 1.00 47.93 ? 36  ARG A NH1 1 
ATOM   276 N  NH2 . ARG A 1 36 ? -13.252 -14.062 -11.169 1.00 51.04 ? 36  ARG A NH2 1 
ATOM   277 N  N   . ASP A 1 37 ? -4.038  -12.654 -11.186 1.00 18.33 ? 37  ASP A N   1 
ATOM   278 C  CA  . ASP A 1 37 ? -2.704  -13.241 -11.167 1.00 18.68 ? 37  ASP A CA  1 
ATOM   279 C  C   . ASP A 1 37 ? -1.595  -12.285 -10.700 1.00 22.47 ? 37  ASP A C   1 
ATOM   280 O  O   . ASP A 1 37 ? -0.434  -12.682 -10.611 1.00 22.01 ? 37  ASP A O   1 
ATOM   281 C  CB  . ASP A 1 37 ? -2.390  -13.803 -12.548 1.00 24.13 ? 37  ASP A CB  1 
ATOM   282 C  CG  . ASP A 1 37 ? -3.420  -14.834 -12.992 1.00 26.59 ? 37  ASP A CG  1 
ATOM   283 O  OD1 . ASP A 1 37 ? -3.702  -15.796 -12.226 1.00 22.73 ? 37  ASP A OD1 1 
ATOM   284 O  OD2 . ASP A 1 37 ? -3.968  -14.655 -14.095 1.00 25.45 ? 37  ASP A OD2 1 
ATOM   285 N  N   . ALA A 1 38 ? -1.960  -11.045 -10.386 1.00 18.21 ? 38  ALA A N   1 
ATOM   286 C  CA  . ALA A 1 38 ? -1.057  -10.123 -9.703  1.00 21.99 ? 38  ALA A CA  1 
ATOM   287 C  C   . ALA A 1 38 ? -1.892  -8.986  -9.147  1.00 19.45 ? 38  ALA A C   1 
ATOM   288 O  O   . ALA A 1 38 ? -2.320  -8.104  -9.883  1.00 18.16 ? 38  ALA A O   1 
ATOM   289 C  CB  . ALA A 1 38 ? 0.035   -9.598  -10.644 1.00 18.56 ? 38  ALA A CB  1 
ATOM   290 N  N   . CYS A 1 39 ? -2.108  -9.018  -7.837  1.00 18.61 ? 39  CYS A N   1 
ATOM   291 C  CA  . CYS A 1 39 ? -3.065  -8.141  -7.170  1.00 17.45 ? 39  CYS A CA  1 
ATOM   292 C  C   . CYS A 1 39 ? -2.507  -7.585  -5.855  1.00 18.07 ? 39  CYS A C   1 
ATOM   293 O  O   . CYS A 1 39 ? -1.838  -8.304  -5.120  1.00 18.06 ? 39  CYS A O   1 
ATOM   294 C  CB  . CYS A 1 39 ? -4.348  -8.931  -6.933  1.00 17.74 ? 39  CYS A CB  1 
ATOM   295 S  SG  . CYS A 1 39 ? -5.546  -8.217  -5.869  1.00 18.53 ? 39  CYS A SG  1 
ATOM   296 N  N   . ASP A 1 40 ? -2.761  -6.319  -5.545  1.00 17.45 ? 40  ASP A N   1 
ATOM   297 C  CA  . ASP A 1 40 ? -2.163  -5.762  -4.332  1.00 18.33 ? 40  ASP A CA  1 
ATOM   298 C  C   . ASP A 1 40 ? -3.211  -5.413  -3.279  1.00 19.95 ? 40  ASP A C   1 
ATOM   299 O  O   . ASP A 1 40 ? -2.962  -4.606  -2.395  1.00 22.65 ? 40  ASP A O   1 
ATOM   300 C  CB  . ASP A 1 40 ? -1.292  -4.537  -4.655  1.00 18.38 ? 40  ASP A CB  1 
ATOM   301 C  CG  . ASP A 1 40 ? -2.060  -3.406  -5.329  1.00 22.59 ? 40  ASP A CG  1 
ATOM   302 O  OD1 . ASP A 1 40 ? -3.271  -3.554  -5.550  1.00 21.51 ? 40  ASP A OD1 1 
ATOM   303 O  OD2 . ASP A 1 40 ? -1.449  -2.351  -5.637  1.00 23.78 ? 40  ASP A OD2 1 
ATOM   304 N  N   . ILE A 1 41 ? -4.375  -6.040  -3.368  1.00 16.32 ? 41  ILE A N   1 
ATOM   305 C  CA  . ILE A 1 41 ? -5.422  -5.869  -2.359  1.00 16.75 ? 41  ILE A CA  1 
ATOM   306 C  C   . ILE A 1 41 ? -5.324  -6.992  -1.330  1.00 21.32 ? 41  ILE A C   1 
ATOM   307 O  O   . ILE A 1 41 ? -5.646  -8.130  -1.629  1.00 19.53 ? 41  ILE A O   1 
ATOM   308 C  CB  . ILE A 1 41 ? -6.813  -5.866  -2.995  1.00 19.03 ? 41  ILE A CB  1 
ATOM   309 C  CG1 . ILE A 1 41 ? -6.859  -4.884  -4.168  1.00 20.13 ? 41  ILE A CG1 1 
ATOM   310 C  CG2 . ILE A 1 41 ? -7.880  -5.544  -1.958  1.00 19.92 ? 41  ILE A CG2 1 
ATOM   311 C  CD1 . ILE A 1 41 ? -8.185  -4.902  -4.912  1.00 21.85 ? 41  ILE A CD1 1 
ATOM   312 N  N   . PRO A 1 42 ? -4.845  -6.682  -0.118  1.00 20.08 ? 42  PRO A N   1 
ATOM   313 C  CA  . PRO A 1 42 ? -4.567  -7.728  0.874   1.00 22.45 ? 42  PRO A CA  1 
ATOM   314 C  C   . PRO A 1 42 ? -5.762  -8.618  1.155   1.00 22.32 ? 42  PRO A C   1 
ATOM   315 O  O   . PRO A 1 42 ? -5.593  -9.818  1.355   1.00 22.89 ? 42  PRO A O   1 
ATOM   316 C  CB  . PRO A 1 42 ? -4.183  -6.932  2.123   1.00 26.12 ? 42  PRO A CB  1 
ATOM   317 C  CG  . PRO A 1 42 ? -3.676  -5.638  1.587   1.00 22.05 ? 42  PRO A CG  1 
ATOM   318 C  CD  . PRO A 1 42 ? -4.545  -5.342  0.400   1.00 21.00 ? 42  PRO A CD  1 
ATOM   319 N  N   . GLU A 1 43 ? -6.950  -8.031  1.143   1.00 23.43 ? 43  GLU A N   1 
ATOM   320 C  CA  . GLU A 1 43 ? -8.181  -8.750  1.428   1.00 23.06 ? 43  GLU A CA  1 
ATOM   321 C  C   . GLU A 1 43 ? -8.405  -9.866  0.410   1.00 21.25 ? 43  GLU A C   1 
ATOM   322 O  O   . GLU A 1 43 ? -9.031  -10.878 0.711   1.00 23.44 ? 43  GLU A O   1 
ATOM   323 C  CB  . GLU A 1 43 ? -9.376  -7.781  1.436   1.00 24.86 ? 43  GLU A CB  1 
ATOM   324 C  CG  . GLU A 1 43 ? -9.365  -6.732  2.562   1.00 28.44 ? 43  GLU A CG  1 
ATOM   325 C  CD  . GLU A 1 43 ? -8.370  -5.594  2.328   1.00 30.12 ? 43  GLU A CD  1 
ATOM   326 O  OE1 . GLU A 1 43 ? -7.868  -5.438  1.199   1.00 24.26 ? 43  GLU A OE1 1 
ATOM   327 O  OE2 . GLU A 1 43 ? -8.088  -4.843  3.282   1.00 37.76 ? 43  GLU A OE2 1 
ATOM   328 N  N   . HIS A 1 44 ? -7.872  -9.684  -0.793  1.00 20.47 ? 44  HIS A N   1 
ATOM   329 C  CA  . HIS A 1 44 ? -7.995  -10.685 -1.846  1.00 20.12 ? 44  HIS A CA  1 
ATOM   330 C  C   . HIS A 1 44 ? -7.010  -11.851 -1.717  1.00 20.81 ? 44  HIS A C   1 
ATOM   331 O  O   . HIS A 1 44 ? -7.113  -12.824 -2.457  1.00 21.09 ? 44  HIS A O   1 
ATOM   332 C  CB  . HIS A 1 44 ? -7.793  -10.047 -3.218  1.00 18.09 ? 44  HIS A CB  1 
ATOM   333 C  CG  . HIS A 1 44 ? -8.929  -9.188  -3.671  1.00 18.49 ? 44  HIS A CG  1 
ATOM   334 N  ND1 . HIS A 1 44 ? -8.982  -8.645  -4.932  1.00 19.33 ? 44  HIS A ND1 1 
ATOM   335 C  CD2 . HIS A 1 44 ? -10.062 -8.798  -3.042  1.00 20.78 ? 44  HIS A CD2 1 
ATOM   336 C  CE1 . HIS A 1 44 ? -10.096 -7.943  -5.061  1.00 21.02 ? 44  HIS A CE1 1 
ATOM   337 N  NE2 . HIS A 1 44 ? -10.769 -8.020  -3.928  1.00 20.00 ? 44  HIS A NE2 1 
ATOM   338 N  N   . SER A 1 45 ? -6.050  -11.739 -0.803  1.00 20.33 ? 45  SER A N   1 
ATOM   339 C  CA  . SER A 1 45 ? -4.936  -12.673 -0.749  1.00 22.18 ? 45  SER A CA  1 
ATOM   340 C  C   . SER A 1 45 ? -5.419  -14.107 -0.668  1.00 20.52 ? 45  SER A C   1 
ATOM   341 O  O   . SER A 1 45 ? -6.300  -14.423 0.119   1.00 23.83 ? 45  SER A O   1 
ATOM   342 C  CB  . SER A 1 45 ? -4.032  -12.358 0.443   1.00 24.41 ? 45  SER A CB  1 
ATOM   343 O  OG  . SER A 1 45 ? -2.737  -12.891 0.242   1.00 33.74 ? 45  SER A OG  1 
ATOM   344 N  N   . GLY A 1 46 ? -4.842  -14.963 -1.503  1.00 20.22 ? 46  GLY A N   1 
ATOM   345 C  CA  . GLY A 1 46 ? -5.270  -16.345 -1.613  1.00 21.34 ? 46  GLY A CA  1 
ATOM   346 C  C   . GLY A 1 46 ? -6.078  -16.577 -2.867  1.00 21.54 ? 46  GLY A C   1 
ATOM   347 O  O   . GLY A 1 46 ? -5.713  -17.374 -3.739  1.00 22.09 ? 46  GLY A O   1 
ATOM   348 N  N   . ARG A 1 47 ? -7.204  -15.885 -2.960  1.00 19.47 ? 47  ARG A N   1 
ATOM   349 C  CA  . ARG A 1 47 ? -7.998  -15.964 -4.150  1.00 19.85 ? 47  ARG A CA  1 
ATOM   350 C  C   . ARG A 1 47 ? -7.247  -15.251 -5.270  1.00 21.83 ? 47  ARG A C   1 
ATOM   351 O  O   . ARG A 1 47 ? -7.252  -15.707 -6.398  1.00 22.73 ? 47  ARG A O   1 
ATOM   352 C  CB  . ARG A 1 47 ? -9.380  -15.366 -3.907  1.00 19.11 ? 47  ARG A CB  1 
ATOM   353 C  CG  . ARG A 1 47 ? -10.177 -16.140 -2.874  1.00 23.99 ? 47  ARG A CG  1 
ATOM   354 C  CD  . ARG A 1 47 ? -11.479 -15.432 -2.545  1.00 26.29 ? 47  ARG A CD  1 
ATOM   355 N  NE  . ARG A 1 47 ? -11.217 -14.203 -1.812  1.00 29.70 ? 47  ARG A NE  1 
ATOM   356 C  CZ  . ARG A 1 47 ? -12.157 -13.355 -1.425  1.00 27.31 ? 47  ARG A CZ  1 
ATOM   357 N  NH1 . ARG A 1 47 ? -13.423 -13.605 -1.708  1.00 34.50 ? 47  ARG A NH1 1 
ATOM   358 N  NH2 . ARG A 1 47 ? -11.826 -12.261 -0.757  1.00 27.90 ? 47  ARG A NH2 1 
ATOM   359 N  N   . CYS A 1 48 ? -6.579  -14.149 -4.946  1.00 21.35 ? 48  CYS A N   1 
ATOM   360 C  CA  . CYS A 1 48 ? -5.660  -13.502 -5.888  1.00 17.62 ? 48  CYS A CA  1 
ATOM   361 C  C   . CYS A 1 48 ? -4.197  -13.733 -5.495  1.00 18.30 ? 48  CYS A C   1 
ATOM   362 O  O   . CYS A 1 48 ? -3.895  -14.009 -4.341  1.00 18.03 ? 48  CYS A O   1 
ATOM   363 C  CB  . CYS A 1 48 ? -5.940  -11.996 -5.967  1.00 14.15 ? 48  CYS A CB  1 
ATOM   364 S  SG  . CYS A 1 48 ? -7.534  -11.637 -6.698  1.00 18.86 ? 48  CYS A SG  1 
ATOM   365 N  N   . ARG A 1 49 ? -3.289  -13.626 -6.460  1.00 19.16 ? 49  ARG A N   1 
ATOM   366 C  CA  . ARG A 1 49 ? -1.870  -13.660 -6.132  1.00 20.51 ? 49  ARG A CA  1 
ATOM   367 C  C   . ARG A 1 49 ? -1.484  -12.325 -5.542  1.00 19.53 ? 49  ARG A C   1 
ATOM   368 O  O   . ARG A 1 49 ? -1.496  -11.314 -6.232  1.00 18.63 ? 49  ARG A O   1 
ATOM   369 C  CB  . ARG A 1 49 ? -1.018  -13.949 -7.356  1.00 18.73 ? 49  ARG A CB  1 
ATOM   370 C  CG  . ARG A 1 49 ? 0.455   -14.125 -7.030  1.00 24.82 ? 49  ARG A CG  1 
ATOM   371 C  CD  . ARG A 1 49 ? 1.217   -14.602 -8.244  1.00 22.57 ? 49  ARG A CD  1 
ATOM   372 N  NE  . ARG A 1 49 ? 2.616   -14.858 -7.932  1.00 23.23 ? 49  ARG A NE  1 
ATOM   373 C  CZ  . ARG A 1 49 ? 3.479   -15.403 -8.782  1.00 23.80 ? 49  ARG A CZ  1 
ATOM   374 N  NH1 . ARG A 1 49 ? 3.083   -15.756 -9.999  1.00 21.80 ? 49  ARG A NH1 1 
ATOM   375 N  NH2 . ARG A 1 49 ? 4.736   -15.597 -8.411  1.00 31.48 ? 49  ARG A NH2 1 
ATOM   376 N  N   . PHE A 1 50 ? -1.137  -12.319 -4.265  1.00 15.79 ? 50  PHE A N   1 
ATOM   377 C  CA  . PHE A 1 50 ? -0.878  -11.070 -3.575  1.00 14.64 ? 50  PHE A CA  1 
ATOM   378 C  C   . PHE A 1 50 ? 0.541   -10.610 -3.852  1.00 19.49 ? 50  PHE A C   1 
ATOM   379 O  O   . PHE A 1 50 ? 1.520   -11.268 -3.500  1.00 20.15 ? 50  PHE A O   1 
ATOM   380 C  CB  . PHE A 1 50 ? -1.130  -11.227 -2.076  1.00 22.40 ? 50  PHE A CB  1 
ATOM   381 C  CG  . PHE A 1 50 ? -0.986  -9.956  -1.292  1.00 17.72 ? 50  PHE A CG  1 
ATOM   382 C  CD1 . PHE A 1 50 ? -1.595  -8.793  -1.713  1.00 21.15 ? 50  PHE A CD1 1 
ATOM   383 C  CD2 . PHE A 1 50 ? -0.259  -9.938  -0.117  1.00 22.00 ? 50  PHE A CD2 1 
ATOM   384 C  CE1 . PHE A 1 50 ? -1.468  -7.626  -0.990  1.00 21.67 ? 50  PHE A CE1 1 
ATOM   385 C  CE2 . PHE A 1 50 ? -0.127  -8.781  0.617   1.00 23.19 ? 50  PHE A CE2 1 
ATOM   386 C  CZ  . PHE A 1 50 ? -0.732  -7.621  0.181   1.00 20.25 ? 50  PHE A CZ  1 
ATOM   387 N  N   . VAL A 1 51 ? 0.625   -9.465  -4.512  1.00 18.06 ? 51  VAL A N   1 
ATOM   388 C  CA  . VAL A 1 51 ? 1.869   -8.840  -4.893  1.00 20.46 ? 51  VAL A CA  1 
ATOM   389 C  C   . VAL A 1 51 ? 1.851   -7.481  -4.235  1.00 22.01 ? 51  VAL A C   1 
ATOM   390 O  O   . VAL A 1 51 ? 1.325   -6.518  -4.796  1.00 16.52 ? 51  VAL A O   1 
ATOM   391 C  CB  . VAL A 1 51 ? 1.992   -8.730  -6.415  1.00 21.65 ? 51  VAL A CB  1 
ATOM   392 C  CG1 . VAL A 1 51 ? 3.289   -8.016  -6.806  1.00 22.38 ? 51  VAL A CG1 1 
ATOM   393 C  CG2 . VAL A 1 51 ? 1.915   -10.123 -7.018  1.00 19.93 ? 51  VAL A CG2 1 
ATOM   394 N  N   . LYS A 1 52 ? 2.405   -7.430  -3.025  1.00 15.13 ? 52  LYS A N   1 
ATOM   395 C  CA  . LYS A 1 52 ? 2.106   -6.370  -2.074  1.00 19.58 ? 52  LYS A CA  1 
ATOM   396 C  C   . LYS A 1 52 ? 2.489   -4.975  -2.563  1.00 20.97 ? 52  LYS A C   1 
ATOM   397 O  O   . LYS A 1 52 ? 1.801   -3.991  -2.274  1.00 20.52 ? 52  LYS A O   1 
ATOM   398 C  CB  . LYS A 1 52 ? 2.816   -6.658  -0.759  1.00 21.71 ? 52  LYS A CB  1 
ATOM   399 C  CG  . LYS A 1 52 ? 2.516   -5.667  0.340   1.00 20.20 ? 52  LYS A CG  1 
ATOM   400 C  CD  . LYS A 1 52 ? 3.346   -6.012  1.569   1.00 23.97 ? 52  LYS A CD  1 
ATOM   401 C  CE  . LYS A 1 52 ? 3.073   -5.091  2.723   1.00 20.34 ? 52  LYS A CE  1 
ATOM   402 N  NZ  . LYS A 1 52 ? 3.869   -5.565  3.906   1.00 24.53 ? 52  LYS A NZ  1 
ATOM   403 N  N   . TYR A 1 53 ? 3.591   -4.903  -3.297  1.00 17.98 ? 53  TYR A N   1 
ATOM   404 C  CA  . TYR A 1 53 ? 4.138   -3.628  -3.725  1.00 17.57 ? 53  TYR A CA  1 
ATOM   405 C  C   . TYR A 1 53 ? 4.059   -3.476  -5.240  1.00 18.32 ? 53  TYR A C   1 
ATOM   406 O  O   . TYR A 1 53 ? 4.907   -2.850  -5.875  1.00 20.20 ? 53  TYR A O   1 
ATOM   407 C  CB  . TYR A 1 53 ? 5.565   -3.498  -3.234  1.00 19.35 ? 53  TYR A CB  1 
ATOM   408 C  CG  . TYR A 1 53 ? 5.668   -3.379  -1.730  1.00 15.77 ? 53  TYR A CG  1 
ATOM   409 C  CD1 . TYR A 1 53 ? 5.436   -2.171  -1.110  1.00 17.58 ? 53  TYR A CD1 1 
ATOM   410 C  CD2 . TYR A 1 53 ? 5.991   -4.475  -0.941  1.00 15.77 ? 53  TYR A CD2 1 
ATOM   411 C  CE1 . TYR A 1 53 ? 5.535   -2.035  0.246   1.00 19.75 ? 53  TYR A CE1 1 
ATOM   412 C  CE2 . TYR A 1 53 ? 6.096   -4.358  0.442   1.00 16.50 ? 53  TYR A CE2 1 
ATOM   413 C  CZ  . TYR A 1 53 ? 5.863   -3.125  1.024   1.00 19.21 ? 53  TYR A CZ  1 
ATOM   414 O  OH  . TYR A 1 53 ? 5.955   -2.948  2.378   1.00 19.69 ? 53  TYR A OH  1 
ATOM   415 N  N   . LEU A 1 54 ? 3.000   -4.045  -5.794  1.00 18.40 ? 54  LEU A N   1 
ATOM   416 C  CA  . LEU A 1 54 ? 2.714   -3.968  -7.219  1.00 23.11 ? 54  LEU A CA  1 
ATOM   417 C  C   . LEU A 1 54 ? 2.768   -2.523  -7.689  1.00 21.46 ? 54  LEU A C   1 
ATOM   418 O  O   . LEU A 1 54 ? 3.268   -2.235  -8.764  1.00 22.28 ? 54  LEU A O   1 
ATOM   419 C  CB  . LEU A 1 54 ? 1.338   -4.579  -7.503  1.00 19.77 ? 54  LEU A CB  1 
ATOM   420 C  CG  . LEU A 1 54 ? 0.802   -4.731  -8.921  1.00 23.03 ? 54  LEU A CG  1 
ATOM   421 C  CD1 . LEU A 1 54 ? 1.621   -5.732  -9.719  1.00 22.30 ? 54  LEU A CD1 1 
ATOM   422 C  CD2 . LEU A 1 54 ? -0.654  -5.153  -8.871  1.00 20.90 ? 54  LEU A CD2 1 
ATOM   423 N  N   . ASN A 1 55 ? 2.285   -1.616  -6.849  1.00 22.32 ? 55  ASN A N   1 
ATOM   424 C  CA  . ASN A 1 55 ? 2.257   -0.207  -7.191  1.00 22.28 ? 55  ASN A CA  1 
ATOM   425 C  C   . ASN A 1 55 ? 3.012   0.719   -6.223  1.00 27.98 ? 55  ASN A C   1 
ATOM   426 O  O   . ASN A 1 55 ? 2.594   0.916   -5.078  1.00 36.80 ? 55  ASN A O   1 
ATOM   427 C  CB  . ASN A 1 55 ? 0.794   0.226   -7.319  1.00 25.39 ? 55  ASN A CB  1 
ATOM   428 C  CG  . ASN A 1 55 ? 0.176   -0.249  -8.623  1.00 25.82 ? 55  ASN A CG  1 
ATOM   429 O  OD1 . ASN A 1 55 ? 0.769   -0.083  -9.678  1.00 25.58 ? 55  ASN A OD1 1 
ATOM   430 N  ND2 . ASN A 1 55 ? -0.985  -0.871  -8.550  1.00 22.50 ? 55  ASN A ND2 1 
ATOM   431 N  N   . ILE B 1 4  ? 12.383  13.060  13.487  1.00 27.88 ? 4   ILE B N   1 
ATOM   432 C  CA  . ILE B 1 4  ? 11.455  12.372  12.606  1.00 31.42 ? 4   ILE B CA  1 
ATOM   433 C  C   . ILE B 1 4  ? 12.050  11.049  12.134  1.00 29.52 ? 4   ILE B C   1 
ATOM   434 O  O   . ILE B 1 4  ? 11.403  10.013  12.206  1.00 25.09 ? 4   ILE B O   1 
ATOM   435 C  CB  . ILE B 1 4  ? 11.088  13.224  11.389  1.00 26.93 ? 4   ILE B CB  1 
ATOM   436 C  CG1 . ILE B 1 4  ? 10.185  14.379  11.804  1.00 30.60 ? 4   ILE B CG1 1 
ATOM   437 C  CG2 . ILE B 1 4  ? 10.354  12.388  10.376  1.00 28.60 ? 4   ILE B CG2 1 
ATOM   438 C  CD1 . ILE B 1 4  ? 8.724   14.007  11.857  1.00 29.28 ? 4   ILE B CD1 1 
ATOM   439 N  N   . ASP B 1 5  ? 13.288  11.091  11.660  1.00 29.16 ? 5   ASP B N   1 
ATOM   440 C  CA  . ASP B 1 5  ? 13.888  9.910   11.063  1.00 32.36 ? 5   ASP B CA  1 
ATOM   441 C  C   . ASP B 1 5  ? 14.153  8.827   12.092  1.00 33.41 ? 5   ASP B C   1 
ATOM   442 O  O   . ASP B 1 5  ? 13.945  7.642   11.817  1.00 32.70 ? 5   ASP B O   1 
ATOM   443 C  CB  . ASP B 1 5  ? 15.167  10.284  10.330  1.00 33.67 ? 5   ASP B CB  1 
ATOM   444 C  CG  . ASP B 1 5  ? 14.891  10.836  8.947   1.00 45.26 ? 5   ASP B CG  1 
ATOM   445 O  OD1 . ASP B 1 5  ? 13.796  10.549  8.418   1.00 39.45 ? 5   ASP B OD1 1 
ATOM   446 O  OD2 . ASP B 1 5  ? 15.746  11.571  8.398   1.00 50.51 ? 5   ASP B OD2 1 
ATOM   447 N  N   . ARG B 1 6  ? 14.591  9.229   13.279  1.00 35.57 ? 6   ARG B N   1 
ATOM   448 C  CA  . ARG B 1 6  ? 14.769  8.273   14.365  1.00 33.34 ? 6   ARG B CA  1 
ATOM   449 C  C   . ARG B 1 6  ? 13.446  7.593   14.707  1.00 30.66 ? 6   ARG B C   1 
ATOM   450 O  O   . ARG B 1 6  ? 13.411  6.388   14.944  1.00 27.93 ? 6   ARG B O   1 
ATOM   451 C  CB  . ARG B 1 6  ? 15.361  8.960   15.600  1.00 32.68 ? 6   ARG B CB  1 
ATOM   452 C  CG  . ARG B 1 6  ? 16.835  9.314   15.424  1.00 42.81 ? 6   ARG B CG  1 
ATOM   453 C  CD  . ARG B 1 6  ? 17.278  10.503  16.286  1.00 50.90 ? 6   ARG B CD  1 
ATOM   454 N  NE  . ARG B 1 6  ? 18.473  11.147  15.734  1.00 54.75 ? 6   ARG B NE  1 
ATOM   455 C  CZ  . ARG B 1 6  ? 18.590  12.455  15.505  1.00 59.17 ? 6   ARG B CZ  1 
ATOM   456 N  NH1 . ARG B 1 6  ? 17.583  13.277  15.779  1.00 62.93 ? 6   ARG B NH1 1 
ATOM   457 N  NH2 . ARG B 1 6  ? 19.716  12.945  14.995  1.00 57.92 ? 6   ARG B NH2 1 
ATOM   458 N  N   . GLU B 1 7  ? 12.353  8.355   14.714  1.00 26.22 ? 7   GLU B N   1 
ATOM   459 C  CA  . GLU B 1 7  ? 11.060  7.792   15.093  1.00 29.45 ? 7   GLU B CA  1 
ATOM   460 C  C   . GLU B 1 7  ? 10.526  6.891   13.987  1.00 25.75 ? 7   GLU B C   1 
ATOM   461 O  O   . GLU B 1 7  ? 9.865   5.898   14.257  1.00 25.38 ? 7   GLU B O   1 
ATOM   462 C  CB  . GLU B 1 7  ? 10.068  8.910   15.442  1.00 32.79 ? 7   GLU B CB  1 
ATOM   463 C  CG  . GLU B 1 7  ? 10.617  9.797   16.565  1.00 33.56 ? 7   GLU B CG  1 
ATOM   464 C  CD  . GLU B 1 7  ? 9.611   10.779  17.160  1.00 45.84 ? 7   GLU B CD  1 
ATOM   465 O  OE1 . GLU B 1 7  ? 8.590   11.097  16.499  1.00 40.33 ? 7   GLU B OE1 1 
ATOM   466 O  OE2 . GLU B 1 7  ? 9.864   11.242  18.301  1.00 36.45 ? 7   GLU B OE2 1 
ATOM   467 N  N   . HIS B 1 8  ? 10.834  7.217   12.736  1.00 27.96 ? 8   HIS B N   1 
ATOM   468 C  CA  . HIS B 1 8  ? 10.455  6.344   11.635  1.00 21.56 ? 8   HIS B CA  1 
ATOM   469 C  C   . HIS B 1 8  ? 11.204  5.019   11.751  1.00 24.95 ? 8   HIS B C   1 
ATOM   470 O  O   . HIS B 1 8  ? 10.604  3.958   11.617  1.00 24.88 ? 8   HIS B O   1 
ATOM   471 C  CB  . HIS B 1 8  ? 10.729  7.009   10.289  1.00 19.78 ? 8   HIS B CB  1 
ATOM   472 C  CG  . HIS B 1 8  ? 9.702   8.030   9.906   1.00 22.45 ? 8   HIS B CG  1 
ATOM   473 N  ND1 . HIS B 1 8  ? 9.939   9.008   8.960   1.00 20.49 ? 8   HIS B ND1 1 
ATOM   474 C  CD2 . HIS B 1 8  ? 8.437   8.228   10.342  1.00 18.01 ? 8   HIS B CD2 1 
ATOM   475 C  CE1 . HIS B 1 8  ? 8.864   9.767   8.834   1.00 19.47 ? 8   HIS B CE1 1 
ATOM   476 N  NE2 . HIS B 1 8  ? 7.939   9.317   9.662   1.00 23.96 ? 8   HIS B NE2 1 
ATOM   477 N  N   . GLN B 1 9  ? 12.508  5.081   12.009  1.00 27.24 ? 9   GLN B N   1 
ATOM   478 C  CA  . GLN B 1 9  ? 13.307  3.871   12.185  1.00 30.37 ? 9   GLN B CA  1 
ATOM   479 C  C   . GLN B 1 9  ? 12.706  2.982   13.275  1.00 25.86 ? 9   GLN B C   1 
ATOM   480 O  O   . GLN B 1 9  ? 12.554  1.777   13.103  1.00 22.05 ? 9   GLN B O   1 
ATOM   481 C  CB  . GLN B 1 9  ? 14.761  4.219   12.543  1.00 32.27 ? 9   GLN B CB  1 
ATOM   482 C  CG  . GLN B 1 9  ? 15.646  4.609   11.375  1.00 37.70 ? 9   GLN B CG  1 
ATOM   483 C  CD  . GLN B 1 9  ? 17.117  4.725   11.772  1.00 39.85 ? 9   GLN B CD  1 
ATOM   484 O  OE1 . GLN B 1 9  ? 17.448  5.049   12.919  1.00 34.65 ? 9   GLN B OE1 1 
ATOM   485 N  NE2 . GLN B 1 9  ? 18.006  4.448   10.824  1.00 41.48 ? 9   GLN B NE2 1 
ATOM   486 N  N   . GLU B 1 10 ? 12.356  3.613   14.389  1.00 24.70 ? 10  GLU B N   1 
ATOM   487 C  CA  . GLU B 1 10 ? 11.761  2.942   15.539  1.00 29.72 ? 10  GLU B CA  1 
ATOM   488 C  C   . GLU B 1 10 ? 10.434  2.291   15.175  1.00 30.82 ? 10  GLU B C   1 
ATOM   489 O  O   . GLU B 1 10 ? 10.194  1.116   15.464  1.00 26.35 ? 10  GLU B O   1 
ATOM   490 C  CB  . GLU B 1 10 ? 11.573  3.955   16.672  1.00 34.82 ? 10  GLU B CB  1 
ATOM   491 C  CG  . GLU B 1 10 ? 10.938  3.427   17.941  1.00 44.11 ? 10  GLU B CG  1 
ATOM   492 C  CD  . GLU B 1 10 ? 10.845  4.505   19.022  1.00 50.57 ? 10  GLU B CD  1 
ATOM   493 O  OE1 . GLU B 1 10 ? 11.024  5.699   18.688  1.00 43.97 ? 10  GLU B OE1 1 
ATOM   494 O  OE2 . GLU B 1 10 ? 10.604  4.158   20.202  1.00 55.28 ? 10  GLU B OE2 1 
ATOM   495 N  N   . ARG B 1 11 ? 9.573   3.066   14.532  1.00 26.03 ? 11  ARG B N   1 
ATOM   496 C  CA  . ARG B 1 11 ? 8.283   2.557   14.102  1.00 26.02 ? 11  ARG B CA  1 
ATOM   497 C  C   . ARG B 1 11 ? 8.442   1.441   13.072  1.00 25.18 ? 11  ARG B C   1 
ATOM   498 O  O   . ARG B 1 11 ? 7.723   0.438   13.126  1.00 24.67 ? 11  ARG B O   1 
ATOM   499 C  CB  . ARG B 1 11 ? 7.430   3.683   13.522  1.00 25.21 ? 11  ARG B CB  1 
ATOM   500 C  CG  . ARG B 1 11 ? 6.084   3.220   13.056  1.00 29.44 ? 11  ARG B CG  1 
ATOM   501 C  CD  . ARG B 1 11 ? 5.002   3.550   14.059  1.00 32.50 ? 11  ARG B CD  1 
ATOM   502 N  NE  . ARG B 1 11 ? 3.713   3.085   13.568  1.00 36.08 ? 11  ARG B NE  1 
ATOM   503 C  CZ  . ARG B 1 11 ? 3.281   1.833   13.692  1.00 41.23 ? 11  ARG B CZ  1 
ATOM   504 N  NH1 . ARG B 1 11 ? 4.037   0.932   14.307  1.00 36.75 ? 11  ARG B NH1 1 
ATOM   505 N  NH2 . ARG B 1 11 ? 2.096   1.483   13.202  1.00 38.25 ? 11  ARG B NH2 1 
ATOM   506 N  N   . ASN B 1 12 ? 9.376   1.615   12.139  1.00 19.96 ? 12  ASN B N   1 
ATOM   507 C  CA  . ASN B 1 12 ? 9.543   0.645   11.068  1.00 21.12 ? 12  ASN B CA  1 
ATOM   508 C  C   . ASN B 1 12 ? 10.041  -0.685  11.633  1.00 23.20 ? 12  ASN B C   1 
ATOM   509 O  O   . ASN B 1 12 ? 9.643   -1.736  11.154  1.00 24.87 ? 12  ASN B O   1 
ATOM   510 C  CB  . ASN B 1 12 ? 10.486  1.170   9.978   1.00 16.64 ? 12  ASN B CB  1 
ATOM   511 C  CG  . ASN B 1 12 ? 9.839   2.252   9.109   1.00 18.20 ? 12  ASN B CG  1 
ATOM   512 O  OD1 . ASN B 1 12 ? 8.628   2.279   8.931   1.00 21.13 ? 12  ASN B OD1 1 
ATOM   513 N  ND2 . ASN B 1 12 ? 10.649  3.142   8.572   1.00 20.39 ? 12  ASN B ND2 1 
ATOM   514 N  N   . ALA B 1 13 ? 10.869  -0.647  12.676  1.00 21.16 ? 13  ALA B N   1 
ATOM   515 C  CA  . ALA B 1 13 ? 11.239  -1.879  13.377  1.00 22.28 ? 13  ALA B CA  1 
ATOM   516 C  C   . ALA B 1 13 ? 10.007  -2.599  13.930  1.00 22.02 ? 13  ALA B C   1 
ATOM   517 O  O   . ALA B 1 13 ? 9.920   -3.822  13.898  1.00 22.71 ? 13  ALA B O   1 
ATOM   518 C  CB  . ALA B 1 13 ? 12.208  -1.579  14.494  1.00 26.22 ? 13  ALA B CB  1 
ATOM   519 N  N   . GLU B 1 14 ? 9.057   -1.834  14.448  1.00 22.53 ? 14  GLU B N   1 
ATOM   520 C  CA  . GLU B 1 14 ? 7.830   -2.406  14.970  1.00 24.05 ? 14  GLU B CA  1 
ATOM   521 C  C   . GLU B 1 14 ? 7.004   -3.052  13.857  1.00 24.24 ? 14  GLU B C   1 
ATOM   522 O  O   . GLU B 1 14 ? 6.459   -4.155  14.011  1.00 22.07 ? 14  GLU B O   1 
ATOM   523 C  CB  . GLU B 1 14 ? 7.018   -1.329  15.691  1.00 33.24 ? 14  GLU B CB  1 
ATOM   524 C  CG  . GLU B 1 14 ? 5.755   -1.851  16.352  1.00 36.34 ? 14  GLU B CG  1 
ATOM   525 C  CD  . GLU B 1 14 ? 6.061   -2.611  17.634  1.00 46.81 ? 14  GLU B CD  1 
ATOM   526 O  OE1 . GLU B 1 14 ? 7.215   -2.508  18.120  1.00 48.14 ? 14  GLU B OE1 1 
ATOM   527 O  OE2 . GLU B 1 14 ? 5.159   -3.312  18.147  1.00 48.49 ? 14  GLU B OE2 1 
ATOM   528 N  N   . ILE B 1 15 ? 6.929   -2.349  12.734  1.00 21.72 ? 15  ILE B N   1 
ATOM   529 C  CA  . ILE B 1 15 ? 6.216   -2.811  11.559  1.00 21.68 ? 15  ILE B CA  1 
ATOM   530 C  C   . ILE B 1 15 ? 6.810   -4.106  11.041  1.00 19.00 ? 15  ILE B C   1 
ATOM   531 O  O   . ILE B 1 15 ? 6.081   -5.013  10.667  1.00 20.87 ? 15  ILE B O   1 
ATOM   532 C  CB  . ILE B 1 15 ? 6.255   -1.759  10.427  1.00 19.17 ? 15  ILE B CB  1 
ATOM   533 C  CG1 . ILE B 1 15 ? 5.650   -0.429  10.898  1.00 24.04 ? 15  ILE B CG1 1 
ATOM   534 C  CG2 . ILE B 1 15 ? 5.571   -2.289  9.180   1.00 23.06 ? 15  ILE B CG2 1 
ATOM   535 C  CD1 . ILE B 1 15 ? 4.252   -0.529  11.355  1.00 29.66 ? 15  ILE B CD1 1 
ATOM   536 N  N   . SER B 1 16 ? 8.138   -4.180  11.004  1.00 23.46 ? 16  SER B N   1 
ATOM   537 C  CA  . SER B 1 16 ? 8.810   -5.386  10.532  1.00 21.51 ? 16  SER B CA  1 
ATOM   538 C  C   . SER B 1 16 ? 8.371   -6.558  11.377  1.00 21.35 ? 16  SER B C   1 
ATOM   539 O  O   . SER B 1 16 ? 8.127   -7.645  10.862  1.00 20.69 ? 16  SER B O   1 
ATOM   540 C  CB  . SER B 1 16 ? 10.329  -5.259  10.607  1.00 24.02 ? 16  SER B CB  1 
ATOM   541 O  OG  . SER B 1 16 ? 10.801  -4.115  9.927   1.00 27.09 ? 16  SER B OG  1 
ATOM   542 N  N   . ALA B 1 17 ? 8.278   -6.316  12.681  1.00 22.88 ? 17  ALA B N   1 
ATOM   543 C  CA  . ALA B 1 17 ? 7.950   -7.359  13.648  1.00 21.08 ? 17  ALA B CA  1 
ATOM   544 C  C   . ALA B 1 17 ? 6.496   -7.815  13.499  1.00 23.36 ? 17  ALA B C   1 
ATOM   545 O  O   . ALA B 1 17 ? 6.222   -9.000  13.555  1.00 18.51 ? 17  ALA B O   1 
ATOM   546 C  CB  . ALA B 1 17 ? 8.220   -6.871  15.060  1.00 20.33 ? 17  ALA B CB  1 
ATOM   547 N  N   . CYS B 1 18 ? 5.573   -6.873  13.294  1.00 23.34 ? 18  CYS B N   1 
ATOM   548 C  CA  . CYS B 1 18 ? 4.162   -7.215  13.085  1.00 22.42 ? 18  CYS B CA  1 
ATOM   549 C  C   . CYS B 1 18 ? 3.928   -8.031  11.818  1.00 21.22 ? 18  CYS B C   1 
ATOM   550 O  O   . CYS B 1 18 ? 3.140   -8.965  11.824  1.00 23.76 ? 18  CYS B O   1 
ATOM   551 C  CB  . CYS B 1 18 ? 3.300   -5.957  13.031  1.00 24.37 ? 18  CYS B CB  1 
ATOM   552 S  SG  . CYS B 1 18 ? 3.067   -5.176  14.647  1.00 41.58 ? 18  CYS B SG  1 
ATOM   553 N  N   . ASN B 1 19 ? 4.599   -7.656  10.734  1.00 21.07 ? 19  ASN B N   1 
ATOM   554 C  CA  . ASN B 1 19 ? 4.476   -8.362  9.467   1.00 22.30 ? 19  ASN B CA  1 
ATOM   555 C  C   . ASN B 1 19 ? 4.947   -9.777  9.595   1.00 23.73 ? 19  ASN B C   1 
ATOM   556 O  O   . ASN B 1 19 ? 4.279   -10.696 9.133   1.00 24.07 ? 19  ASN B O   1 
ATOM   557 C  CB  . ASN B 1 19 ? 5.273   -7.667  8.358   1.00 19.76 ? 19  ASN B CB  1 
ATOM   558 C  CG  . ASN B 1 19 ? 4.515   -6.511  7.734   1.00 26.11 ? 19  ASN B CG  1 
ATOM   559 O  OD1 . ASN B 1 19 ? 3.286   -6.463  7.786   1.00 21.06 ? 19  ASN B OD1 1 
ATOM   560 N  ND2 . ASN B 1 19 ? 5.244   -5.581  7.127   1.00 20.06 ? 19  ASN B ND2 1 
ATOM   561 N  N   . ALA B 1 20 ? 6.110   -9.943  10.218  1.00 20.88 ? 20  ALA B N   1 
ATOM   562 C  CA  . ALA B 1 20 ? 6.713   -11.263 10.396  1.00 28.56 ? 20  ALA B CA  1 
ATOM   563 C  C   . ALA B 1 20 ? 5.813   -12.157 11.251  1.00 28.69 ? 20  ALA B C   1 
ATOM   564 O  O   . ALA B 1 20 ? 5.607   -13.332 10.940  1.00 30.71 ? 20  ALA B O   1 
ATOM   565 C  CB  . ALA B 1 20 ? 8.105   -11.141 11.021  1.00 25.00 ? 20  ALA B CB  1 
ATOM   566 N  N   . ARG B 1 21 ? 5.266   -11.583 12.316  1.00 25.36 ? 21  ARG B N   1 
ATOM   567 C  CA  . ARG B 1 21 ? 4.279   -12.269 13.134  1.00 27.88 ? 21  ARG B CA  1 
ATOM   568 C  C   . ARG B 1 21 ? 3.033   -12.604 12.324  1.00 27.73 ? 21  ARG B C   1 
ATOM   569 O  O   . ARG B 1 21 ? 2.492   -13.691 12.440  1.00 29.80 ? 21  ARG B O   1 
ATOM   570 C  CB  . ARG B 1 21 ? 3.903   -11.410 14.342  1.00 30.05 ? 21  ARG B CB  1 
ATOM   571 C  CG  . ARG B 1 21 ? 2.670   -11.883 15.083  1.00 33.18 ? 21  ARG B CG  1 
ATOM   572 C  CD  . ARG B 1 21 ? 2.289   -10.917 16.202  1.00 39.05 ? 21  ARG B CD  1 
ATOM   573 N  NE  . ARG B 1 21 ? 3.399   -10.660 17.119  1.00 42.03 ? 21  ARG B NE  1 
ATOM   574 C  CZ  . ARG B 1 21 ? 3.938   -9.464  17.339  1.00 42.99 ? 21  ARG B CZ  1 
ATOM   575 N  NH1 . ARG B 1 21 ? 3.472   -8.385  16.713  1.00 37.60 ? 21  ARG B NH1 1 
ATOM   576 N  NH2 . ARG B 1 21 ? 4.948   -9.345  18.196  1.00 48.50 ? 21  ARG B NH2 1 
ATOM   577 N  N   . ALA B 1 22 ? 2.577   -11.669 11.500  1.00 25.38 ? 22  ALA B N   1 
ATOM   578 C  CA  . ALA B 1 22 ? 1.390   -11.921 10.697  1.00 31.00 ? 22  ALA B CA  1 
ATOM   579 C  C   . ALA B 1 22 ? 1.637   -13.099 9.761   1.00 27.60 ? 22  ALA B C   1 
ATOM   580 O  O   . ALA B 1 22 ? 0.802   -13.994 9.651   1.00 33.44 ? 22  ALA B O   1 
ATOM   581 C  CB  . ALA B 1 22 ? 0.991   -10.678 9.917   1.00 26.37 ? 22  ALA B CB  1 
ATOM   582 N  N   . LEU B 1 23 ? 2.795   -13.089 9.104   1.00 26.31 ? 23  LEU B N   1 
ATOM   583 C  CA  . LEU B 1 23 ? 3.237   -14.171 8.223   1.00 29.19 ? 23  LEU B CA  1 
ATOM   584 C  C   . LEU B 1 23 ? 3.176   -15.538 8.908   1.00 34.84 ? 23  LEU B C   1 
ATOM   585 O  O   . LEU B 1 23 ? 2.673   -16.511 8.343   1.00 34.39 ? 23  LEU B O   1 
ATOM   586 C  CB  . LEU B 1 23 ? 4.670   -13.920 7.752   1.00 28.36 ? 23  LEU B CB  1 
ATOM   587 C  CG  . LEU B 1 23 ? 4.985   -13.435 6.338   1.00 42.99 ? 23  LEU B CG  1 
ATOM   588 C  CD1 . LEU B 1 23 ? 6.505   -13.394 6.119   1.00 37.30 ? 23  LEU B CD1 1 
ATOM   589 C  CD2 . LEU B 1 23 ? 4.323   -14.337 5.308   1.00 41.57 ? 23  LEU B CD2 1 
ATOM   590 N  N   . SER B 1 24 ? 3.702   -15.605 10.126  1.00 30.04 ? 24  SER B N   1 
ATOM   591 C  CA  . SER B 1 24 ? 3.727   -16.858 10.876  1.00 29.59 ? 24  SER B CA  1 
ATOM   592 C  C   . SER B 1 24 ? 2.323   -17.337 11.206  1.00 33.44 ? 24  SER B C   1 
ATOM   593 O  O   . SER B 1 24 ? 2.051   -18.528 11.219  1.00 38.96 ? 24  SER B O   1 
ATOM   594 C  CB  . SER B 1 24 ? 4.537   -16.694 12.163  1.00 29.95 ? 24  SER B CB  1 
ATOM   595 O  OG  . SER B 1 24 ? 5.866   -16.303 11.865  1.00 32.14 ? 24  SER B OG  1 
ATOM   596 N  N   . GLU B 1 25 ? 1.425   -16.399 11.457  1.00 32.16 ? 25  GLU B N   1 
ATOM   597 C  CA  . GLU B 1 25 ? 0.066   -16.741 11.832  1.00 33.34 ? 25  GLU B CA  1 
ATOM   598 C  C   . GLU B 1 25 ? -0.879  -16.912 10.627  1.00 35.83 ? 25  GLU B C   1 
ATOM   599 O  O   . GLU B 1 25 ? -2.101  -16.978 10.792  1.00 43.50 ? 25  GLU B O   1 
ATOM   600 C  CB  . GLU B 1 25 ? -0.475  -15.682 12.793  1.00 32.28 ? 25  GLU B CB  1 
ATOM   601 C  CG  . GLU B 1 25 ? 0.289   -15.628 14.119  1.00 38.32 ? 25  GLU B CG  1 
ATOM   602 C  CD  . GLU B 1 25 ? -0.244  -14.574 15.070  1.00 43.30 ? 25  GLU B CD  1 
ATOM   603 O  OE1 . GLU B 1 25 ? -1.004  -13.693 14.611  1.00 45.34 ? 25  GLU B OE1 1 
ATOM   604 O  OE2 . GLU B 1 25 ? 0.100   -14.625 16.276  1.00 45.32 ? 25  GLU B OE2 1 
ATOM   605 N  N   . GLY B 1 26 ? -0.325  -16.989 9.423   1.00 37.47 ? 26  GLY B N   1 
ATOM   606 C  CA  . GLY B 1 26 ? -1.135  -17.233 8.237   1.00 35.00 ? 26  GLY B CA  1 
ATOM   607 C  C   . GLY B 1 26 ? -2.085  -16.111 7.832   1.00 42.69 ? 26  GLY B C   1 
ATOM   608 O  O   . GLY B 1 26 ? -3.038  -16.341 7.078   1.00 46.27 ? 26  GLY B O   1 
ATOM   609 N  N   . ARG B 1 27 ? -1.840  -14.902 8.337   1.00 38.06 ? 27  ARG B N   1 
ATOM   610 C  CA  . ARG B 1 27 ? -2.584  -13.717 7.904   1.00 39.87 ? 27  ARG B CA  1 
ATOM   611 C  C   . ARG B 1 27 ? -1.759  -12.935 6.877   1.00 39.91 ? 27  ARG B C   1 
ATOM   612 O  O   . ARG B 1 27 ? -0.533  -13.099 6.805   1.00 35.29 ? 27  ARG B O   1 
ATOM   613 C  CB  . ARG B 1 27 ? -2.936  -12.817 9.091   1.00 39.90 ? 27  ARG B CB  1 
ATOM   614 C  CG  . ARG B 1 27 ? -3.736  -13.488 10.199  1.00 40.91 ? 27  ARG B CG  1 
ATOM   615 C  CD  . ARG B 1 27 ? -4.065  -12.496 11.318  1.00 40.84 ? 27  ARG B CD  1 
ATOM   616 N  NE  . ARG B 1 27 ? -2.964  -12.338 12.272  1.00 44.98 ? 27  ARG B NE  1 
ATOM   617 C  CZ  . ARG B 1 27 ? -2.184  -11.264 12.353  1.00 44.20 ? 27  ARG B CZ  1 
ATOM   618 N  NH1 . ARG B 1 27 ? -2.365  -10.238 11.528  1.00 42.42 ? 27  ARG B NH1 1 
ATOM   619 N  NH2 . ARG B 1 27 ? -1.212  -11.215 13.256  1.00 39.71 ? 27  ARG B NH2 1 
ATOM   620 N  N   . PRO B 1 28 ? -2.420  -12.090 6.068   1.00 39.68 ? 28  PRO B N   1 
ATOM   621 C  CA  . PRO B 1 28 ? -1.611  -11.270 5.160   1.00 35.07 ? 28  PRO B CA  1 
ATOM   622 C  C   . PRO B 1 28 ? -0.762  -10.254 5.934   1.00 32.80 ? 28  PRO B C   1 
ATOM   623 O  O   . PRO B 1 28 ? -1.186  -9.697  6.952   1.00 32.70 ? 28  PRO B O   1 
ATOM   624 C  CB  . PRO B 1 28 ? -2.653  -10.568 4.278   1.00 32.28 ? 28  PRO B CB  1 
ATOM   625 C  CG  . PRO B 1 28 ? -3.917  -11.370 4.444   1.00 33.31 ? 28  PRO B CG  1 
ATOM   626 C  CD  . PRO B 1 28 ? -3.865  -11.918 5.836   1.00 40.85 ? 28  PRO B CD  1 
ATOM   627 N  N   . ALA B 1 29 ? 0.455   -10.048 5.454   1.00 30.70 ? 29  ALA B N   1 
ATOM   628 C  CA  . ALA B 1 29 ? 1.354   -9.078  6.044   1.00 28.76 ? 29  ALA B CA  1 
ATOM   629 C  C   . ALA B 1 29 ? 1.240   -7.785  5.253   1.00 26.13 ? 29  ALA B C   1 
ATOM   630 O  O   . ALA B 1 29 ? 1.974   -7.581  4.292   1.00 27.30 ? 29  ALA B O   1 
ATOM   631 C  CB  . ALA B 1 29 ? 2.781   -9.601  6.039   1.00 24.81 ? 29  ALA B CB  1 
ATOM   632 N  N   . SER B 1 30 ? 0.315   -6.922  5.657   1.00 23.14 ? 30  SER B N   1 
ATOM   633 C  CA  . SER B 1 30 ? -0.064  -5.775  4.845   1.00 22.18 ? 30  SER B CA  1 
ATOM   634 C  C   . SER B 1 30 ? 0.573   -4.443  5.244   1.00 23.98 ? 30  SER B C   1 
ATOM   635 O  O   . SER B 1 30 ? 0.383   -3.440  4.552   1.00 21.47 ? 30  SER B O   1 
ATOM   636 C  CB  . SER B 1 30 ? -1.589  -5.629  4.871   1.00 28.21 ? 30  SER B CB  1 
ATOM   637 O  OG  . SER B 1 30 ? -2.074  -5.754  6.201   1.00 31.02 ? 30  SER B OG  1 
ATOM   638 N  N   . LEU B 1 31 ? 1.335   -4.415  6.335   1.00 22.93 ? 31  LEU B N   1 
ATOM   639 C  CA  . LEU B 1 31 ? 1.876   -3.141  6.815   1.00 22.18 ? 31  LEU B CA  1 
ATOM   640 C  C   . LEU B 1 31 ? 3.046   -2.666  5.964   1.00 21.85 ? 31  LEU B C   1 
ATOM   641 O  O   . LEU B 1 31 ? 3.810   -3.477  5.445   1.00 22.64 ? 31  LEU B O   1 
ATOM   642 C  CB  . LEU B 1 31 ? 2.308   -3.245  8.278   1.00 19.14 ? 31  LEU B CB  1 
ATOM   643 C  CG  . LEU B 1 31 ? 1.237   -3.269  9.378   1.00 22.47 ? 31  LEU B CG  1 
ATOM   644 C  CD1 . LEU B 1 31 ? 0.421   -4.540  9.306   1.00 22.91 ? 31  LEU B CD1 1 
ATOM   645 C  CD2 . LEU B 1 31 ? 1.891   -3.176  10.741  1.00 24.24 ? 31  LEU B CD2 1 
ATOM   646 N  N   . VAL B 1 32 ? 3.187   -1.347  5.830   1.00 20.36 ? 32  VAL B N   1 
ATOM   647 C  CA  . VAL B 1 32 ? 4.284   -0.769  5.062   1.00 17.27 ? 32  VAL B CA  1 
ATOM   648 C  C   . VAL B 1 32 ? 5.119   0.174   5.927   1.00 18.70 ? 32  VAL B C   1 
ATOM   649 O  O   . VAL B 1 32 ? 4.628   0.730   6.919   1.00 18.72 ? 32  VAL B O   1 
ATOM   650 C  CB  . VAL B 1 32 ? 3.770   -0.020  3.820   1.00 20.11 ? 32  VAL B CB  1 
ATOM   651 C  CG1 . VAL B 1 32 ? 2.989   -0.969  2.929   1.00 17.94 ? 32  VAL B CG1 1 
ATOM   652 C  CG2 . VAL B 1 32 ? 2.893   1.170   4.225   1.00 18.41 ? 32  VAL B CG2 1 
ATOM   653 N  N   . TYR B 1 33 ? 6.385   0.343   5.550   1.00 16.44 ? 33  TYR B N   1 
ATOM   654 C  CA  . TYR B 1 33 ? 7.278   1.257   6.255   1.00 20.04 ? 33  TYR B CA  1 
ATOM   655 C  C   . TYR B 1 33 ? 6.836   2.698   6.092   1.00 18.13 ? 33  TYR B C   1 
ATOM   656 O  O   . TYR B 1 33 ? 6.198   3.061   5.101   1.00 22.77 ? 33  TYR B O   1 
ATOM   657 C  CB  . TYR B 1 33 ? 8.722   1.109   5.763   1.00 19.06 ? 33  TYR B CB  1 
ATOM   658 C  CG  . TYR B 1 33 ? 9.435   -0.137  6.257   1.00 22.93 ? 33  TYR B CG  1 
ATOM   659 C  CD1 . TYR B 1 33 ? 8.890   -0.923  7.262   1.00 22.61 ? 33  TYR B CD1 1 
ATOM   660 C  CD2 . TYR B 1 33 ? 10.657  -0.521  5.712   1.00 22.73 ? 33  TYR B CD2 1 
ATOM   661 C  CE1 . TYR B 1 33 ? 9.538   -2.059  7.713   1.00 25.57 ? 33  TYR B CE1 1 
ATOM   662 C  CE2 . TYR B 1 33 ? 11.309  -1.651  6.152   1.00 29.49 ? 33  TYR B CE2 1 
ATOM   663 C  CZ  . TYR B 1 33 ? 10.746  -2.417  7.154   1.00 30.74 ? 33  TYR B CZ  1 
ATOM   664 O  OH  . TYR B 1 33 ? 11.397  -3.545  7.590   1.00 41.76 ? 33  TYR B OH  1 
ATOM   665 N  N   . LEU B 1 34 ? 7.189   3.527   7.067   1.00 16.94 ? 34  LEU B N   1 
ATOM   666 C  CA  . LEU B 1 34 ? 6.830   4.940   7.023   1.00 20.95 ? 34  LEU B CA  1 
ATOM   667 C  C   . LEU B 1 34 ? 7.863   5.771   6.308   1.00 21.78 ? 34  LEU B C   1 
ATOM   668 O  O   . LEU B 1 34 ? 9.024   5.390   6.233   1.00 22.07 ? 34  LEU B O   1 
ATOM   669 C  CB  . LEU B 1 34 ? 6.650   5.492   8.429   1.00 19.37 ? 34  LEU B CB  1 
ATOM   670 C  CG  . LEU B 1 34 ? 5.786   4.682   9.376   1.00 19.57 ? 34  LEU B CG  1 
ATOM   671 C  CD1 . LEU B 1 34 ? 5.492   5.530   10.582  1.00 23.49 ? 34  LEU B CD1 1 
ATOM   672 C  CD2 . LEU B 1 34 ? 4.506   4.258   8.679   1.00 20.01 ? 34  LEU B CD2 1 
ATOM   673 N  N   . SER B 1 35 ? 7.421   6.904   5.771   1.00 25.15 ? 35  SER B N   1 
ATOM   674 C  CA  . SER B 1 35 ? 8.309   7.955   5.274   1.00 25.86 ? 35  SER B CA  1 
ATOM   675 C  C   . SER B 1 35 ? 7.534   9.253   5.386   1.00 22.53 ? 35  SER B C   1 
ATOM   676 O  O   . SER B 1 35 ? 6.360   9.228   5.775   1.00 22.06 ? 35  SER B O   1 
ATOM   677 C  CB  . SER B 1 35 ? 8.751   7.705   3.828   1.00 27.15 ? 35  SER B CB  1 
ATOM   678 O  OG  . SER B 1 35 ? 7.672   7.866   2.923   1.00 25.61 ? 35  SER B OG  1 
ATOM   679 N  N   . ARG B 1 36 ? 8.166   10.373  5.041   1.00 21.44 ? 36  ARG B N   1 
ATOM   680 C  CA  . ARG B 1 36 ? 7.484   11.670  5.136   1.00 23.63 ? 36  ARG B CA  1 
ATOM   681 C  C   . ARG B 1 36 ? 6.216   11.728  4.269   1.00 20.85 ? 36  ARG B C   1 
ATOM   682 O  O   . ARG B 1 36 ? 5.292   12.481  4.550   1.00 23.78 ? 36  ARG B O   1 
ATOM   683 C  CB  . ARG B 1 36 ? 8.415   12.826  4.738   1.00 24.45 ? 36  ARG B CB  1 
ATOM   684 C  CG  . ARG B 1 36 ? 9.784   12.811  5.398   1.00 32.23 ? 36  ARG B CG  1 
ATOM   685 C  CD  . ARG B 1 36 ? 10.480  14.205  5.430   1.00 46.09 ? 36  ARG B CD  1 
ATOM   686 N  NE  . ARG B 1 36 ? 9.549   15.344  5.424   1.00 52.27 ? 36  ARG B NE  1 
ATOM   687 C  CZ  . ARG B 1 36 ? 9.911   16.623  5.579   1.00 50.41 ? 36  ARG B CZ  1 
ATOM   688 N  NH1 . ARG B 1 36 ? 11.195  16.933  5.755   1.00 41.54 ? 36  ARG B NH1 1 
ATOM   689 N  NH2 . ARG B 1 36 ? 8.989   17.599  5.574   1.00 33.97 ? 36  ARG B NH2 1 
ATOM   690 N  N   . ASP B 1 37 ? 6.165   10.922  3.220   1.00 19.55 ? 37  ASP B N   1 
ATOM   691 C  CA  . ASP B 1 37 ? 5.078   11.038  2.268   1.00 23.81 ? 37  ASP B CA  1 
ATOM   692 C  C   . ASP B 1 37 ? 3.921   10.090  2.556   1.00 21.78 ? 37  ASP B C   1 
ATOM   693 O  O   . ASP B 1 37 ? 2.898   10.134  1.886   1.00 24.04 ? 37  ASP B O   1 
ATOM   694 C  CB  . ASP B 1 37 ? 5.632   10.833  0.865   1.00 25.89 ? 37  ASP B CB  1 
ATOM   695 C  CG  . ASP B 1 37 ? 6.728   11.837  0.542   1.00 31.70 ? 37  ASP B CG  1 
ATOM   696 O  OD1 . ASP B 1 37 ? 6.474   13.067  0.669   1.00 27.11 ? 37  ASP B OD1 1 
ATOM   697 O  OD2 . ASP B 1 37 ? 7.853   11.399  0.213   1.00 33.09 ? 37  ASP B OD2 1 
ATOM   698 N  N   . ALA B 1 38 ? 4.082   9.253   3.572   1.00 19.15 ? 38  ALA B N   1 
ATOM   699 C  CA  . ALA B 1 38 ? 2.998   8.411   4.068   1.00 20.88 ? 38  ALA B CA  1 
ATOM   700 C  C   . ALA B 1 38 ? 3.395   7.950   5.464   1.00 21.68 ? 38  ALA B C   1 
ATOM   701 O  O   . ALA B 1 38 ? 4.263   7.092   5.619   1.00 21.91 ? 38  ALA B O   1 
ATOM   702 C  CB  . ALA B 1 38 ? 2.733   7.223   3.138   1.00 18.51 ? 38  ALA B CB  1 
ATOM   703 N  N   . CYS B 1 39 ? 2.784   8.551   6.480   1.00 21.08 ? 39  CYS B N   1 
ATOM   704 C  CA  . CYS B 1 39 ? 3.206   8.344   7.867   1.00 22.35 ? 39  CYS B CA  1 
ATOM   705 C  C   . CYS B 1 39 ? 1.971   8.202   8.737   1.00 20.20 ? 39  CYS B C   1 
ATOM   706 O  O   . CYS B 1 39 ? 0.985   8.883   8.499   1.00 19.87 ? 39  CYS B O   1 
ATOM   707 C  CB  . CYS B 1 39 ? 4.072   9.514   8.332   1.00 19.09 ? 39  CYS B CB  1 
ATOM   708 S  SG  . CYS B 1 39 ? 4.562   9.479   10.065  1.00 21.51 ? 39  CYS B SG  1 
ATOM   709 N  N   . ASP B 1 40 ? 1.986   7.300   9.711   1.00 21.17 ? 40  ASP B N   1 
ATOM   710 C  CA  . ASP B 1 40 ? 0.774   7.093   10.497  1.00 22.56 ? 40  ASP B CA  1 
ATOM   711 C  C   . ASP B 1 40 ? 0.975   7.499   11.956  1.00 25.94 ? 40  ASP B C   1 
ATOM   712 O  O   . ASP B 1 40 ? 0.153   7.192   12.810  1.00 23.69 ? 40  ASP B O   1 
ATOM   713 C  CB  . ASP B 1 40 ? 0.295   5.642   10.380  1.00 23.11 ? 40  ASP B CB  1 
ATOM   714 C  CG  . ASP B 1 40 ? 1.261   4.637   11.006  1.00 27.48 ? 40  ASP B CG  1 
ATOM   715 O  OD1 . ASP B 1 40 ? 2.362   5.034   11.436  1.00 28.49 ? 40  ASP B OD1 1 
ATOM   716 O  OD2 . ASP B 1 40 ? 0.920   3.434   11.051  1.00 31.05 ? 40  ASP B OD2 1 
ATOM   717 N  N   . ILE B 1 41 ? 2.069   8.207   12.228  1.00 22.03 ? 41  ILE B N   1 
ATOM   718 C  CA  . ILE B 1 41 ? 2.310   8.768   13.557  1.00 23.43 ? 41  ILE B CA  1 
ATOM   719 C  C   . ILE B 1 41 ? 1.669   10.146  13.668  1.00 22.74 ? 41  ILE B C   1 
ATOM   720 O  O   . ILE B 1 41 ? 2.097   11.078  13.003  1.00 25.13 ? 41  ILE B O   1 
ATOM   721 C  CB  . ILE B 1 41 ? 3.810   8.867   13.849  1.00 26.04 ? 41  ILE B CB  1 
ATOM   722 C  CG1 . ILE B 1 41 ? 4.454   7.482   13.703  1.00 19.52 ? 41  ILE B CG1 1 
ATOM   723 C  CG2 . ILE B 1 41 ? 4.055   9.484   15.216  1.00 25.86 ? 41  ILE B CG2 1 
ATOM   724 C  CD1 . ILE B 1 41 ? 5.963   7.520   13.582  1.00 26.47 ? 41  ILE B CD1 1 
ATOM   725 N  N   . PRO B 1 42 ? 0.615   10.267  14.492  1.00 26.30 ? 42  PRO B N   1 
ATOM   726 C  CA  . PRO B 1 42 ? -0.183  11.491  14.626  1.00 27.55 ? 42  PRO B CA  1 
ATOM   727 C  C   . PRO B 1 42 ? 0.658   12.741  14.868  1.00 26.64 ? 42  PRO B C   1 
ATOM   728 O  O   . PRO B 1 42 ? 0.376   13.819  14.344  1.00 23.61 ? 42  PRO B O   1 
ATOM   729 C  CB  . PRO B 1 42 ? -1.057  11.194  15.845  1.00 24.30 ? 42  PRO B CB  1 
ATOM   730 C  CG  . PRO B 1 42 ? -1.228  9.737   15.822  1.00 30.30 ? 42  PRO B CG  1 
ATOM   731 C  CD  . PRO B 1 42 ? 0.084   9.180   15.326  1.00 24.56 ? 42  PRO B CD  1 
ATOM   732 N  N   . GLU B 1 43 ? 1.704   12.568  15.661  1.00 24.24 ? 43  GLU B N   1 
ATOM   733 C  CA  . GLU B 1 43 ? 2.524   13.680  16.118  1.00 28.23 ? 43  GLU B CA  1 
ATOM   734 C  C   . GLU B 1 43 ? 3.431   14.215  15.013  1.00 30.14 ? 43  GLU B C   1 
ATOM   735 O  O   . GLU B 1 43 ? 4.063   15.255  15.182  1.00 30.08 ? 43  GLU B O   1 
ATOM   736 C  CB  . GLU B 1 43 ? 3.360   13.249  17.330  1.00 27.27 ? 43  GLU B CB  1 
ATOM   737 C  CG  . GLU B 1 43 ? 2.522   12.877  18.559  1.00 34.75 ? 43  GLU B CG  1 
ATOM   738 C  CD  . GLU B 1 43 ? 1.627   11.655  18.347  1.00 38.55 ? 43  GLU B CD  1 
ATOM   739 O  OE1 . GLU B 1 43 ? 2.085   10.687  17.690  1.00 31.13 ? 43  GLU B OE1 1 
ATOM   740 O  OE2 . GLU B 1 43 ? 0.458   11.673  18.817  1.00 39.62 ? 43  GLU B OE2 1 
ATOM   741 N  N   . HIS B 1 44 ? 3.489   13.506  13.886  1.00 24.81 ? 44  HIS B N   1 
ATOM   742 C  CA  . HIS B 1 44 ? 4.273   13.952  12.734  1.00 22.86 ? 44  HIS B CA  1 
ATOM   743 C  C   . HIS B 1 44 ? 3.432   14.699  11.706  1.00 24.72 ? 44  HIS B C   1 
ATOM   744 O  O   . HIS B 1 44 ? 3.979   15.219  10.740  1.00 24.97 ? 44  HIS B O   1 
ATOM   745 C  CB  . HIS B 1 44 ? 4.946   12.766  12.042  1.00 20.86 ? 44  HIS B CB  1 
ATOM   746 C  CG  . HIS B 1 44 ? 6.042   12.140  12.840  1.00 22.99 ? 44  HIS B CG  1 
ATOM   747 N  ND1 . HIS B 1 44 ? 6.951   11.267  12.287  1.00 26.06 ? 44  HIS B ND1 1 
ATOM   748 C  CD2 . HIS B 1 44 ? 6.381   12.265  14.145  1.00 24.84 ? 44  HIS B CD2 1 
ATOM   749 C  CE1 . HIS B 1 44 ? 7.810   10.881  13.216  1.00 24.45 ? 44  HIS B CE1 1 
ATOM   750 N  NE2 . HIS B 1 44 ? 7.486   11.472  14.352  1.00 32.78 ? 44  HIS B NE2 1 
ATOM   751 N  N   . SER B 1 45 ? 2.112   14.747  11.898  1.00 22.45 ? 45  SER B N   1 
ATOM   752 C  CA  . SER B 1 45 ? 1.236   15.375  10.907  1.00 25.44 ? 45  SER B CA  1 
ATOM   753 C  C   . SER B 1 45 ? 1.676   16.813  10.637  1.00 25.50 ? 45  SER B C   1 
ATOM   754 O  O   . SER B 1 45 ? 1.815   17.625  11.552  1.00 25.49 ? 45  SER B O   1 
ATOM   755 C  CB  . SER B 1 45 ? -0.224  15.354  11.354  1.00 24.35 ? 45  SER B CB  1 
ATOM   756 O  OG  . SER B 1 45 ? -0.449  16.382  12.302  1.00 40.56 ? 45  SER B OG  1 
ATOM   757 N  N   . GLY B 1 46 ? 1.927   17.106  9.372   1.00 21.82 ? 46  GLY B N   1 
ATOM   758 C  CA  . GLY B 1 46 ? 2.477   18.392  8.996   1.00 24.07 ? 46  GLY B CA  1 
ATOM   759 C  C   . GLY B 1 46 ? 3.887   18.230  8.480   1.00 23.02 ? 46  GLY B C   1 
ATOM   760 O  O   . GLY B 1 46 ? 4.159   18.543  7.324   1.00 23.90 ? 46  GLY B O   1 
ATOM   761 N  N   . ARG B 1 47 ? 4.790   17.763  9.340   1.00 20.64 ? 47  ARG B N   1 
ATOM   762 C  CA  . ARG B 1 47 ? 6.125   17.409  8.890   1.00 23.71 ? 47  ARG B CA  1 
ATOM   763 C  C   . ARG B 1 47 ? 6.018   16.237  7.934   1.00 25.04 ? 47  ARG B C   1 
ATOM   764 O  O   . ARG B 1 47 ? 6.708   16.186  6.923   1.00 27.05 ? 47  ARG B O   1 
ATOM   765 C  CB  . ARG B 1 47 ? 7.020   17.079  10.073  1.00 22.43 ? 47  ARG B CB  1 
ATOM   766 C  CG  . ARG B 1 47 ? 7.151   18.249  11.023  1.00 26.47 ? 47  ARG B CG  1 
ATOM   767 C  CD  . ARG B 1 47 ? 8.172   17.989  12.099  1.00 28.60 ? 47  ARG B CD  1 
ATOM   768 N  NE  . ARG B 1 47 ? 7.758   16.943  13.025  1.00 30.25 ? 47  ARG B NE  1 
ATOM   769 C  CZ  . ARG B 1 47 ? 6.892   17.125  14.014  1.00 35.32 ? 47  ARG B CZ  1 
ATOM   770 N  NH1 . ARG B 1 47 ? 6.336   18.320  14.203  1.00 44.49 ? 47  ARG B NH1 1 
ATOM   771 N  NH2 . ARG B 1 47 ? 6.575   16.116  14.817  1.00 33.72 ? 47  ARG B NH2 1 
ATOM   772 N  N   . CYS B 1 48 ? 5.107   15.318  8.234   1.00 21.93 ? 48  CYS B N   1 
ATOM   773 C  CA  . CYS B 1 48 ? 4.819   14.188  7.345   1.00 24.00 ? 48  CYS B CA  1 
ATOM   774 C  C   . CYS B 1 48 ? 3.394   14.241  6.810   1.00 22.89 ? 48  CYS B C   1 
ATOM   775 O  O   . CYS B 1 48 ? 2.549   14.958  7.352   1.00 25.80 ? 48  CYS B O   1 
ATOM   776 C  CB  . CYS B 1 48 ? 5.029   12.859  8.078   1.00 22.73 ? 48  CYS B CB  1 
ATOM   777 S  SG  . CYS B 1 48 ? 6.708   12.599  8.702   1.00 22.50 ? 48  CYS B SG  1 
ATOM   778 N  N   . ARG B 1 49 ? 3.118   13.472  5.763   1.00 19.81 ? 49  ARG B N   1 
ATOM   779 C  CA  . ARG B 1 49 ? 1.730   13.276  5.347   1.00 24.16 ? 49  ARG B CA  1 
ATOM   780 C  C   . ARG B 1 49 ? 1.066   12.251  6.264   1.00 25.34 ? 49  ARG B C   1 
ATOM   781 O  O   . ARG B 1 49 ? 1.378   11.059  6.223   1.00 26.93 ? 49  ARG B O   1 
ATOM   782 C  CB  . ARG B 1 49 ? 1.626   12.824  3.889   1.00 24.34 ? 49  ARG B CB  1 
ATOM   783 C  CG  . ARG B 1 49 ? 0.233   12.310  3.524   1.00 29.22 ? 49  ARG B CG  1 
ATOM   784 C  CD  . ARG B 1 49 ? -0.452  13.123  2.458   1.00 32.56 ? 49  ARG B CD  1 
ATOM   785 N  NE  . ARG B 1 49 ? -0.264  12.520  1.145   1.00 45.25 ? 49  ARG B NE  1 
ATOM   786 C  CZ  . ARG B 1 49 ? -1.162  12.531  0.163   1.00 41.72 ? 49  ARG B CZ  1 
ATOM   787 N  NH1 . ARG B 1 49 ? -2.344  13.113  0.329   1.00 38.22 ? 49  ARG B NH1 1 
ATOM   788 N  NH2 . ARG B 1 49 ? -0.872  11.951  -0.994  1.00 42.55 ? 49  ARG B NH2 1 
ATOM   789 N  N   . PHE B 1 50 ? 0.156   12.718  7.108   1.00 25.07 ? 50  PHE B N   1 
ATOM   790 C  CA  . PHE B 1 50 ? -0.472  11.835  8.075   1.00 24.24 ? 50  PHE B CA  1 
ATOM   791 C  C   . PHE B 1 50 ? -1.498  11.011  7.336   1.00 24.14 ? 50  PHE B C   1 
ATOM   792 O  O   . PHE B 1 50 ? -2.451  11.549  6.785   1.00 25.57 ? 50  PHE B O   1 
ATOM   793 C  CB  . PHE B 1 50 ? -1.102  12.631  9.221   1.00 23.69 ? 50  PHE B CB  1 
ATOM   794 C  CG  . PHE B 1 50 ? -1.765  11.778  10.273  1.00 24.75 ? 50  PHE B CG  1 
ATOM   795 C  CD1 . PHE B 1 50 ? -1.080  10.747  10.883  1.00 23.31 ? 50  PHE B CD1 1 
ATOM   796 C  CD2 . PHE B 1 50 ? -3.076  12.020  10.652  1.00 26.07 ? 50  PHE B CD2 1 
ATOM   797 C  CE1 . PHE B 1 50 ? -1.685  9.970   11.852  1.00 22.91 ? 50  PHE B CE1 1 
ATOM   798 C  CE2 . PHE B 1 50 ? -3.687  11.248  11.611  1.00 22.45 ? 50  PHE B CE2 1 
ATOM   799 C  CZ  . PHE B 1 50 ? -2.991  10.224  12.213  1.00 22.21 ? 50  PHE B CZ  1 
ATOM   800 N  N   . VAL B 1 51 ? -1.252  9.709   7.278   1.00 21.04 ? 51  VAL B N   1 
ATOM   801 C  CA  . VAL B 1 51 ? -2.175  8.775   6.670   1.00 23.00 ? 51  VAL B CA  1 
ATOM   802 C  C   . VAL B 1 51 ? -2.635  7.850   7.767   1.00 21.90 ? 51  VAL B C   1 
ATOM   803 O  O   . VAL B 1 51 ? -1.974  6.848   8.052   1.00 18.89 ? 51  VAL B O   1 
ATOM   804 C  CB  . VAL B 1 51 ? -1.519  7.995   5.549   1.00 19.39 ? 51  VAL B CB  1 
ATOM   805 C  CG1 . VAL B 1 51 ? -2.503  7.026   4.941   1.00 20.93 ? 51  VAL B CG1 1 
ATOM   806 C  CG2 . VAL B 1 51 ? -1.008  8.949   4.502   1.00 22.80 ? 51  VAL B CG2 1 
ATOM   807 N  N   . LYS B 1 52 ? -3.763  8.198   8.384   1.00 21.15 ? 52  LYS B N   1 
ATOM   808 C  CA  . LYS B 1 52 ? -4.105  7.654   9.693   1.00 23.73 ? 52  LYS B CA  1 
ATOM   809 C  C   . LYS B 1 52 ? -4.233  6.146   9.677   1.00 18.35 ? 52  LYS B C   1 
ATOM   810 O  O   . LYS B 1 52 ? -3.756  5.476   10.584  1.00 22.06 ? 52  LYS B O   1 
ATOM   811 C  CB  . LYS B 1 52 ? -5.398  8.292   10.225  1.00 23.79 ? 52  LYS B CB  1 
ATOM   812 C  CG  . LYS B 1 52 ? -5.844  7.782   11.616  1.00 25.82 ? 52  LYS B CG  1 
ATOM   813 C  CD  . LYS B 1 52 ? -7.012  8.615   12.184  1.00 24.56 ? 52  LYS B CD  1 
ATOM   814 C  CE  . LYS B 1 52 ? -7.607  7.970   13.432  1.00 32.08 ? 52  LYS B CE  1 
ATOM   815 N  NZ  . LYS B 1 52 ? -8.797  8.719   13.952  1.00 29.44 ? 52  LYS B NZ  1 
ATOM   816 N  N   . TYR B 1 53 ? -4.869  5.617   8.639   1.00 21.61 ? 53  TYR B N   1 
ATOM   817 C  CA  . TYR B 1 53 ? -5.169  4.190   8.579   1.00 21.00 ? 53  TYR B CA  1 
ATOM   818 C  C   . TYR B 1 53 ? -4.257  3.466   7.598   1.00 17.25 ? 53  TYR B C   1 
ATOM   819 O  O   . TYR B 1 53 ? -4.577  2.394   7.121   1.00 20.35 ? 53  TYR B O   1 
ATOM   820 C  CB  . TYR B 1 53 ? -6.642  3.985   8.216   1.00 24.15 ? 53  TYR B CB  1 
ATOM   821 C  CG  . TYR B 1 53 ? -7.546  4.570   9.276   1.00 26.08 ? 53  TYR B CG  1 
ATOM   822 C  CD1 . TYR B 1 53 ? -7.905  3.829   10.395  1.00 27.43 ? 53  TYR B CD1 1 
ATOM   823 C  CD2 . TYR B 1 53 ? -8.007  5.876   9.179   1.00 23.44 ? 53  TYR B CD2 1 
ATOM   824 C  CE1 . TYR B 1 53 ? -8.721  4.362   11.373  1.00 25.53 ? 53  TYR B CE1 1 
ATOM   825 C  CE2 . TYR B 1 53 ? -8.825  6.418   10.156  1.00 22.27 ? 53  TYR B CE2 1 
ATOM   826 C  CZ  . TYR B 1 53 ? -9.173  5.657   11.245  1.00 23.38 ? 53  TYR B CZ  1 
ATOM   827 O  OH  . TYR B 1 53 ? -9.975  6.197   12.213  1.00 30.55 ? 53  TYR B OH  1 
ATOM   828 N  N   . LEU B 1 54 ? -3.100  4.061   7.336   1.00 19.98 ? 54  LEU B N   1 
ATOM   829 C  CA  . LEU B 1 54 ? -2.076  3.446   6.501   1.00 20.47 ? 54  LEU B CA  1 
ATOM   830 C  C   . LEU B 1 54 ? -1.828  1.988   6.909   1.00 21.11 ? 54  LEU B C   1 
ATOM   831 O  O   . LEU B 1 54 ? -1.865  1.092   6.071   1.00 21.44 ? 54  LEU B O   1 
ATOM   832 C  CB  . LEU B 1 54 ? -0.772  4.246   6.584   1.00 18.91 ? 54  LEU B CB  1 
ATOM   833 C  CG  . LEU B 1 54 ? 0.378   3.695   5.737   1.00 19.20 ? 54  LEU B CG  1 
ATOM   834 C  CD1 . LEU B 1 54 ? 0.061   3.896   4.278   1.00 19.22 ? 54  LEU B CD1 1 
ATOM   835 C  CD2 . LEU B 1 54 ? 1.729   4.318   6.122   1.00 18.22 ? 54  LEU B CD2 1 
ATOM   836 N  N   . ASN B 1 55 ? -1.609  1.753   8.200   1.00 19.25 ? 55  ASN B N   1 
ATOM   837 C  CA  . ASN B 1 55 ? -1.330  0.410   8.673   1.00 19.94 ? 55  ASN B CA  1 
ATOM   838 C  C   . ASN B 1 55 ? -2.376  -0.129  9.647   1.00 23.28 ? 55  ASN B C   1 
ATOM   839 O  O   . ASN B 1 55 ? -2.021  -0.762  10.642  1.00 28.76 ? 55  ASN B O   1 
ATOM   840 C  CB  . ASN B 1 55 ? 0.050   0.373   9.331   1.00 19.46 ? 55  ASN B CB  1 
ATOM   841 C  CG  . ASN B 1 55 ? 1.169   0.494   8.320   1.00 22.54 ? 55  ASN B CG  1 
ATOM   842 O  OD1 . ASN B 1 55 ? 1.055   -0.001  7.193   1.00 19.42 ? 55  ASN B OD1 1 
ATOM   843 N  ND2 . ASN B 1 55 ? 2.251   1.174   8.704   1.00 24.53 ? 55  ASN B ND2 1 
ATOM   844 N  N   . PHE B 1 56 ? -3.655  0.116   9.369   1.00 24.47 ? 56  PHE B N   1 
ATOM   845 C  CA  . PHE B 1 56 ? -4.721  -0.466  10.165  1.00 22.38 ? 56  PHE B CA  1 
ATOM   846 C  C   . PHE B 1 56 ? -5.922  0.440   10.359  1.00 26.08 ? 56  PHE B C   1 
ATOM   847 O  O   . PHE B 1 56 ? -6.956  0.012   10.893  1.00 34.49 ? 56  PHE B O   1 
HETATM 848 ZN ZN  L ZN  C 2 .  ? -7.477  -9.365  -6.372  1.00 21.45 ? 101 ZN  A ZN  1 
HETATM 849 ZN ZN  L ZN  D 2 .  ? 6.499   10.700  10.086  0.95 22.26 ? 101 ZN  B ZN  1 
HETATM 850 O  O   . HOH E 3 .  ? -6.640  8.177   -6.034  1.00 39.99 ? 201 HOH A O   1 
HETATM 851 O  O   . HOH E 3 .  ? -4.220  -12.803 -15.308 1.00 26.20 ? 202 HOH A O   1 
HETATM 852 O  O   . HOH E 3 .  ? -1.165  -7.150  -12.184 1.00 24.28 ? 203 HOH A O   1 
HETATM 853 O  O   . HOH E 3 .  ? -4.161  6.168   -17.875 1.00 19.70 ? 204 HOH A O   1 
HETATM 854 O  O   . HOH E 3 .  ? -10.012 -9.421  -12.330 1.00 23.10 ? 205 HOH A O   1 
HETATM 855 O  O   . HOH E 3 .  ? -8.934  -14.169 0.101   1.00 28.89 ? 206 HOH A O   1 
HETATM 856 O  O   . HOH E 3 .  ? 7.528   -0.979  3.202   1.00 17.34 ? 207 HOH A O   1 
HETATM 857 O  O   . HOH E 3 .  ? -8.171  -7.421  -14.201 1.00 22.53 ? 208 HOH A O   1 
HETATM 858 O  O   . HOH E 3 .  ? -12.265 4.021   -9.572  1.00 31.51 ? 209 HOH A O   1 
HETATM 859 O  O   . HOH E 3 .  ? -0.444  -3.668  -0.821  1.00 26.26 ? 210 HOH A O   1 
HETATM 860 O  O   . HOH E 3 .  ? -11.963 -0.253  -14.883 1.00 25.39 ? 211 HOH A O   1 
HETATM 861 O  O   . HOH E 3 .  ? 0.817   -1.944  -4.070  1.00 19.64 ? 212 HOH A O   1 
HETATM 862 O  O   . HOH E 3 .  ? -11.816 6.339   -10.112 1.00 34.79 ? 213 HOH A O   1 
HETATM 863 O  O   . HOH E 3 .  ? -0.489  -3.059  -16.190 1.00 26.96 ? 214 HOH A O   1 
HETATM 864 O  O   . HOH E 3 .  ? -1.866  -14.624 -2.453  1.00 24.79 ? 215 HOH A O   1 
HETATM 865 O  O   . HOH E 3 .  ? -2.321  12.066  -19.780 1.00 21.21 ? 216 HOH A O   1 
HETATM 866 O  O   . HOH E 3 .  ? 4.094   -9.594  -2.127  1.00 24.14 ? 217 HOH A O   1 
HETATM 867 O  O   . HOH E 3 .  ? -20.545 -4.562  -4.543  1.00 42.60 ? 218 HOH A O   1 
HETATM 868 O  O   . HOH E 3 .  ? -8.294  -11.353 -13.385 1.00 25.71 ? 219 HOH A O   1 
HETATM 869 O  O   . HOH E 3 .  ? -4.200  -10.175 -3.219  1.00 19.44 ? 220 HOH A O   1 
HETATM 870 O  O   . HOH E 3 .  ? -1.150  10.749  -10.162 1.00 26.52 ? 221 HOH A O   1 
HETATM 871 O  O   . HOH E 3 .  ? -11.194 -1.220  -5.433  1.00 28.41 ? 222 HOH A O   1 
HETATM 872 O  O   . HOH E 3 .  ? -6.729  -15.889 -13.388 1.00 25.66 ? 223 HOH A O   1 
HETATM 873 O  O   . HOH E 3 .  ? -11.932 -5.069  0.294   1.00 34.11 ? 224 HOH A O   1 
HETATM 874 O  O   . HOH E 3 .  ? -3.162  -6.740  -15.667 1.00 24.94 ? 225 HOH A O   1 
HETATM 875 O  O   . HOH E 3 .  ? -9.665  -17.136 2.194   1.00 41.12 ? 226 HOH A O   1 
HETATM 876 O  O   . HOH F 3 .  ? 16.636  12.190  6.483   1.00 32.10 ? 201 HOH B O   1 
HETATM 877 O  O   . HOH F 3 .  ? 13.016  11.385  15.016  1.00 33.69 ? 202 HOH B O   1 
HETATM 878 O  O   . HOH F 3 .  ? 5.082   4.652   3.510   1.00 26.31 ? 203 HOH B O   1 
HETATM 879 O  O   . HOH F 3 .  ? -2.252  6.445   12.965  1.00 25.10 ? 204 HOH B O   1 
HETATM 880 O  O   . HOH F 3 .  ? 1.977   11.849  10.511  1.00 24.85 ? 205 HOH B O   1 
HETATM 881 O  O   . HOH F 3 .  ? 4.097   17.938  12.828  1.00 31.38 ? 206 HOH B O   1 
HETATM 882 O  O   . HOH F 3 .  ? 8.983   -8.482  8.491   1.00 20.97 ? 207 HOH B O   1 
HETATM 883 O  O   . HOH F 3 .  ? -2.272  3.103   10.422  1.00 18.29 ? 208 HOH B O   1 
HETATM 884 O  O   . HOH F 3 .  ? 1.072   -11.443 3.209   1.00 29.80 ? 209 HOH B O   1 
HETATM 885 O  O   . HOH F 3 .  ? 11.087  -0.366  17.559  1.00 32.24 ? 210 HOH B O   1 
HETATM 886 O  O   . HOH F 3 .  ? -2.722  -1.472  5.786   1.00 29.25 ? 211 HOH B O   1 
HETATM 887 O  O   . HOH F 3 .  ? 2.269   4.980   14.883  1.00 35.04 ? 212 HOH B O   1 
HETATM 888 O  O   . HOH F 3 .  ? 14.473  13.570  15.160  1.00 35.46 ? 213 HOH B O   1 
HETATM 889 O  O   . HOH F 3 .  ? -0.327  -7.542  8.550   1.00 36.25 ? 214 HOH B O   1 
HETATM 890 O  O   . HOH F 3 .  ? 10.938  10.119  4.393   1.00 32.10 ? 215 HOH B O   1 
HETATM 891 O  O   . HOH F 3 .  ? -0.716  -4.011  1.690   1.00 26.67 ? 216 HOH B O   1 
HETATM 892 O  O   . HOH F 3 .  ? -5.395  13.935  1.088   1.00 31.21 ? 217 HOH B O   1 
HETATM 893 O  O   . HOH F 3 .  ? 13.878  16.022  12.757  1.00 43.27 ? 218 HOH B O   1 
HETATM 894 O  O   . HOH F 3 .  ? -1.394  15.922  6.320   1.00 22.46 ? 219 HOH B O   1 
HETATM 895 O  O   . HOH F 3 .  ? 16.218  14.242  12.476  1.00 40.51 ? 220 HOH B O   1 
HETATM 896 O  O   . HOH F 3 .  ? -8.461  -3.839  9.545   1.00 39.64 ? 221 HOH B O   1 
HETATM 897 O  O   . HOH F 3 .  ? -2.901  -2.072  1.877   1.00 36.80 ? 222 HOH B O   1 
# 
